data_9EJE
#
_entry.id   9EJE
#
_cell.length_a   1.00
_cell.length_b   1.00
_cell.length_c   1.00
_cell.angle_alpha   90.00
_cell.angle_beta   90.00
_cell.angle_gamma   90.00
#
_symmetry.space_group_name_H-M   'P 1'
#
loop_
_entity.id
_entity.type
_entity.pdbx_description
1 polymer Neuraminidase
2 polymer 'NCS.1 Heavy Chain'
3 polymer 'NCS.1 Light Chain'
4 branched beta-D-mannopyranose-(1-4)-2-acetamido-2-deoxy-beta-D-glucopyranose-(1-4)-2-acetamido-2-deoxy-beta-D-glucopyranose
5 non-polymer 2-acetamido-2-deoxy-beta-D-glucopyranose
6 non-polymer 'CALCIUM ION'
#
loop_
_entity_poly.entity_id
_entity_poly.type
_entity_poly.pdbx_seq_one_letter_code
_entity_poly.pdbx_strand_id
1 'polypeptide(L)'
;EFLNNTEPLCNVSGFAIVSKDNGIRIGSRGHVFVIREPFVACGPTECRTFFLTQGALLNDKHSNNTVKDRSPYRALMSVP
LGSSPNAYQAKFESVAWSATACHDGKRWLAVGISGADDDAYAVIHYGGMPTDVVRSWRKQILRTQESSCVCMKGNCYWVM
TDGPANSQASYKIFKSHKGMVTNEREVSFQGGHIEECSCYPNLGKVECVCRDNWNGMNRPVLTFDEDLNYEVGYLCAGIP
TDTPRVQDNSFIGSCTNAVGGSGTNNYGVKGFGFRQGNSVWAGRTVSISSRSGFEILLVEDGWVKTSKNVVKKVEVLNNK
NWSGYSGAFTIPITMTSKQCLVPCFWLEMIRGKPEERTSIWTSSSSTVFCGVSSEVPGWSWDDGAILPFDIDKM
;
A,D,G,P
2 'polypeptide(L)'
;QVQLPESGPRLVKPSETLSLTCSVSGESISSGGYYWTWIRQHPGKGLEWIGNIFDTGSTHYSPSLKTRLTISIDTSKNQF
YLRLNSATAADTAVYYCARVGYSLETDRPYYFGLDVWGQGTTVTVSS
;
H,I,S
3 'polypeptide(L)'
;DIVMTQSPLSLPVTPGEPASISCRSSQSLLHSNGYTYLDWYLQKPGQSPQLLIYLASNRASGVPDRFSGSGSGTYFTLKI
SRVEAEDVGVYYCMQAVQTPWTFGQGTKVEIK
;
L,M,T
#
# COMPACT_ATOMS: atom_id res chain seq x y z
N GLU A 1 10.43 -28.10 -12.45
CA GLU A 1 11.77 -28.75 -12.31
C GLU A 1 12.80 -27.74 -11.81
N PHE A 2 13.81 -28.24 -11.10
CA PHE A 2 14.77 -27.35 -10.47
C PHE A 2 15.58 -26.59 -11.51
N LEU A 3 16.06 -25.42 -11.10
CA LEU A 3 16.70 -24.48 -12.00
C LEU A 3 18.19 -24.76 -12.07
N ASN A 4 18.67 -25.13 -13.25
CA ASN A 4 20.11 -25.30 -13.46
C ASN A 4 20.82 -23.97 -13.38
N ASN A 5 22.07 -24.02 -12.91
CA ASN A 5 22.96 -22.89 -13.09
C ASN A 5 24.40 -23.34 -13.36
N THR A 6 24.60 -24.56 -13.84
CA THR A 6 25.94 -25.08 -14.14
C THR A 6 26.34 -24.66 -15.55
N GLU A 7 26.34 -23.36 -15.79
CA GLU A 7 26.69 -22.81 -17.09
C GLU A 7 27.53 -21.56 -16.91
N PRO A 8 28.41 -21.26 -17.87
CA PRO A 8 29.40 -20.20 -17.65
C PRO A 8 28.77 -18.81 -17.63
N LEU A 9 29.47 -17.91 -16.95
CA LEU A 9 29.06 -16.51 -16.94
C LEU A 9 29.37 -15.88 -18.28
N CYS A 10 28.51 -14.96 -18.71
CA CYS A 10 28.63 -14.37 -20.03
C CYS A 10 29.63 -13.24 -20.04
N ASN A 11 30.41 -13.15 -21.12
CA ASN A 11 31.31 -12.03 -21.32
C ASN A 11 30.51 -10.80 -21.76
N VAL A 12 30.73 -9.68 -21.08
CA VAL A 12 29.98 -8.45 -21.34
C VAL A 12 30.98 -7.32 -21.56
N SER A 13 30.53 -6.30 -22.29
CA SER A 13 31.38 -5.16 -22.62
C SER A 13 30.94 -3.87 -21.96
N GLY A 14 29.67 -3.75 -21.56
CA GLY A 14 29.18 -2.56 -20.92
C GLY A 14 27.82 -2.81 -20.33
N PHE A 15 27.51 -2.07 -19.27
CA PHE A 15 26.30 -2.30 -18.49
C PHE A 15 25.26 -1.23 -18.83
N ALA A 16 24.06 -1.66 -19.17
CA ALA A 16 22.97 -0.79 -19.54
C ALA A 16 21.88 -0.83 -18.47
N ILE A 17 21.31 0.33 -18.16
CA ILE A 17 20.35 0.43 -17.07
C ILE A 17 19.09 -0.36 -17.43
N VAL A 18 18.45 -0.93 -16.40
CA VAL A 18 17.30 -1.80 -16.56
C VAL A 18 16.07 -1.20 -15.90
N SER A 19 16.20 -0.71 -14.68
CA SER A 19 15.06 -0.23 -13.92
C SER A 19 15.54 0.76 -12.88
N LYS A 20 14.61 1.56 -12.38
CA LYS A 20 14.92 2.52 -11.33
C LYS A 20 13.69 2.73 -10.49
N ASP A 21 13.86 2.65 -9.17
CA ASP A 21 12.71 2.61 -8.28
C ASP A 21 12.00 3.96 -8.21
N ASN A 22 12.76 5.04 -8.09
CA ASN A 22 12.19 6.34 -7.74
C ASN A 22 11.47 6.27 -6.39
N GLY A 23 11.97 5.42 -5.49
CA GLY A 23 11.22 5.15 -4.27
C GLY A 23 11.03 6.40 -3.43
N ILE A 24 12.10 7.14 -3.18
CA ILE A 24 12.01 8.33 -2.33
C ILE A 24 11.24 9.43 -3.03
N ARG A 25 11.50 9.62 -4.34
CA ARG A 25 10.85 10.71 -5.05
C ARG A 25 9.34 10.55 -5.05
N ILE A 26 8.85 9.35 -5.33
CA ILE A 26 7.41 9.11 -5.28
C ILE A 26 6.93 9.17 -3.85
N GLY A 27 7.75 8.73 -2.90
CA GLY A 27 7.30 8.60 -1.52
C GLY A 27 6.92 9.90 -0.85
N SER A 28 7.22 11.04 -1.48
CA SER A 28 6.89 12.32 -0.86
C SER A 28 5.40 12.46 -0.62
N ARG A 29 4.57 11.78 -1.42
CA ARG A 29 3.13 11.81 -1.23
C ARG A 29 2.56 10.40 -1.19
N GLY A 30 3.13 9.49 -1.97
CA GLY A 30 2.66 8.13 -1.98
C GLY A 30 3.09 7.37 -0.74
N HIS A 31 2.39 6.27 -0.50
CA HIS A 31 2.62 5.42 0.66
C HIS A 31 3.73 4.43 0.32
N VAL A 32 4.94 4.71 0.78
CA VAL A 32 6.12 3.93 0.44
C VAL A 32 6.86 3.60 1.72
N PHE A 33 7.34 2.36 1.82
CA PHE A 33 8.05 1.95 3.03
C PHE A 33 9.40 2.65 3.13
N VAL A 34 9.91 2.68 4.36
CA VAL A 34 11.25 3.19 4.64
C VAL A 34 12.21 2.01 4.58
N ILE A 35 13.10 2.01 3.59
CA ILE A 35 14.04 0.92 3.40
C ILE A 35 15.41 1.35 3.90
N ARG A 36 16.29 0.37 4.14
CA ARG A 36 17.70 0.67 4.36
C ARG A 36 18.60 0.03 3.32
N GLU A 37 18.44 -1.28 3.04
CA GLU A 37 19.23 -1.90 1.99
C GLU A 37 18.39 -2.84 1.15
N PRO A 38 18.22 -2.56 -0.15
CA PRO A 38 17.52 -3.51 -1.02
C PRO A 38 18.46 -4.46 -1.74
N PHE A 39 17.89 -5.43 -2.44
CA PHE A 39 18.64 -6.32 -3.31
C PHE A 39 17.66 -7.01 -4.24
N VAL A 40 18.18 -7.62 -5.29
CA VAL A 40 17.36 -8.17 -6.36
C VAL A 40 17.71 -9.64 -6.57
N ALA A 41 16.67 -10.45 -6.73
CA ALA A 41 16.82 -11.86 -7.06
C ALA A 41 15.86 -12.19 -8.19
N CYS A 42 16.28 -13.10 -9.07
CA CYS A 42 15.53 -13.43 -10.27
C CYS A 42 15.07 -14.88 -10.22
N GLY A 43 13.78 -15.09 -10.41
CA GLY A 43 13.23 -16.41 -10.60
C GLY A 43 13.06 -16.72 -12.06
N PRO A 44 12.55 -17.91 -12.38
CA PRO A 44 12.40 -18.28 -13.80
C PRO A 44 11.41 -17.42 -14.55
N THR A 45 10.45 -16.80 -13.87
CA THR A 45 9.40 -16.03 -14.52
C THR A 45 9.63 -14.52 -14.44
N GLU A 46 10.04 -14.01 -13.28
CA GLU A 46 10.21 -12.57 -13.10
C GLU A 46 11.29 -12.33 -12.05
N CYS A 47 11.86 -11.13 -12.09
CA CYS A 47 12.81 -10.69 -11.08
C CYS A 47 12.10 -9.78 -10.08
N ARG A 48 12.49 -9.89 -8.82
CA ARG A 48 11.83 -9.18 -7.74
C ARG A 48 12.83 -8.44 -6.88
N THR A 49 12.43 -7.24 -6.45
CA THR A 49 13.23 -6.38 -5.59
C THR A 49 12.84 -6.63 -4.14
N PHE A 50 13.69 -7.34 -3.41
CA PHE A 50 13.51 -7.51 -1.98
C PHE A 50 14.07 -6.32 -1.25
N PHE A 51 13.56 -6.08 -0.04
CA PHE A 51 14.07 -5.01 0.78
C PHE A 51 13.64 -5.22 2.21
N LEU A 52 14.44 -4.69 3.14
CA LEU A 52 14.17 -4.78 4.57
C LEU A 52 13.44 -3.52 5.00
N THR A 53 12.11 -3.58 5.02
CA THR A 53 11.33 -2.46 5.51
C THR A 53 11.61 -2.22 6.98
N GLN A 54 11.47 -0.98 7.41
CA GLN A 54 11.64 -0.61 8.81
C GLN A 54 10.31 -0.48 9.52
N GLY A 55 9.21 -0.93 8.91
CA GLY A 55 7.93 -0.93 9.59
C GLY A 55 7.22 0.40 9.63
N ALA A 56 7.63 1.36 8.78
CA ALA A 56 7.00 2.67 8.78
C ALA A 56 7.06 3.25 7.38
N LEU A 57 6.16 4.19 7.12
CA LEU A 57 6.09 4.88 5.84
C LEU A 57 6.83 6.21 5.91
N LEU A 58 7.28 6.67 4.74
CA LEU A 58 7.88 7.99 4.65
C LEU A 58 6.87 9.05 5.05
N ASN A 59 7.36 10.12 5.67
CA ASN A 59 6.56 11.22 6.21
C ASN A 59 5.73 10.79 7.42
N ASP A 60 5.73 9.51 7.78
CA ASP A 60 5.02 9.05 8.94
C ASP A 60 5.83 9.34 10.19
N LYS A 61 5.13 9.63 11.30
CA LYS A 61 5.84 9.95 12.53
C LYS A 61 6.56 8.75 13.11
N HIS A 62 6.31 7.54 12.59
CA HIS A 62 7.04 6.36 13.03
C HIS A 62 8.39 6.22 12.33
N SER A 63 8.73 7.14 11.44
CA SER A 63 10.03 7.14 10.80
C SER A 63 11.11 7.75 11.69
N ASN A 64 10.74 8.31 12.84
CA ASN A 64 11.71 8.81 13.79
C ASN A 64 12.80 7.79 14.04
N ASN A 65 14.05 8.24 13.99
CA ASN A 65 15.18 7.43 14.46
C ASN A 65 15.25 6.10 13.72
N THR A 66 14.97 6.11 12.41
CA THR A 66 15.10 4.89 11.63
C THR A 66 16.56 4.56 11.34
N VAL A 67 17.52 5.35 11.81
CA VAL A 67 18.92 4.98 11.66
C VAL A 67 19.17 3.68 12.40
N LYS A 68 18.42 3.42 13.47
CA LYS A 68 18.55 2.18 14.20
C LYS A 68 18.29 1.01 13.27
N ASP A 69 19.32 0.19 13.05
CA ASP A 69 19.30 -0.80 11.98
C ASP A 69 19.01 -2.21 12.45
N ARG A 70 18.63 -2.39 13.71
CA ARG A 70 18.18 -3.70 14.19
C ARG A 70 17.10 -3.50 15.24
N SER A 71 15.90 -3.93 14.92
CA SER A 71 14.74 -3.76 15.78
C SER A 71 13.75 -4.86 15.46
N PRO A 72 12.81 -5.15 16.38
CA PRO A 72 11.85 -6.24 16.12
C PRO A 72 10.85 -5.95 15.03
N TYR A 73 10.81 -4.73 14.48
CA TYR A 73 9.80 -4.37 13.51
C TYR A 73 10.21 -4.61 12.06
N ARG A 74 11.50 -4.84 11.81
CA ARG A 74 11.96 -4.98 10.44
C ARG A 74 11.40 -6.25 9.82
N ALA A 75 11.12 -6.18 8.52
CA ALA A 75 10.61 -7.33 7.80
C ALA A 75 11.10 -7.29 6.37
N LEU A 76 11.34 -8.47 5.81
CA LEU A 76 11.75 -8.61 4.42
C LEU A 76 10.51 -8.72 3.55
N MET A 77 10.30 -7.73 2.69
CA MET A 77 9.18 -7.72 1.75
C MET A 77 9.70 -7.82 0.31
N SER A 78 8.76 -7.86 -0.62
CA SER A 78 9.10 -8.16 -2.02
C SER A 78 8.14 -7.43 -2.95
N VAL A 79 8.69 -6.90 -4.04
CA VAL A 79 7.95 -6.14 -5.03
C VAL A 79 8.50 -6.50 -6.40
N PRO A 80 7.69 -6.59 -7.45
CA PRO A 80 8.26 -6.89 -8.77
C PRO A 80 9.24 -5.82 -9.22
N LEU A 81 10.25 -6.25 -9.99
CA LEU A 81 11.36 -5.39 -10.38
C LEU A 81 10.85 -4.09 -11.00
N GLY A 82 11.34 -2.97 -10.46
CA GLY A 82 11.04 -1.66 -10.99
C GLY A 82 9.98 -0.90 -10.22
N SER A 83 8.96 -1.60 -9.73
CA SER A 83 7.90 -0.92 -9.01
C SER A 83 8.44 -0.37 -7.70
N SER A 84 7.93 0.79 -7.29
CA SER A 84 8.35 1.38 -6.04
C SER A 84 7.97 0.46 -4.88
N PRO A 85 8.68 0.54 -3.76
CA PRO A 85 8.29 -0.26 -2.59
C PRO A 85 7.09 0.32 -1.87
N ASN A 86 5.93 0.32 -2.55
CA ASN A 86 4.72 0.87 -1.98
C ASN A 86 4.08 -0.12 -1.00
N ALA A 87 3.18 0.41 -0.16
CA ALA A 87 2.60 -0.37 0.93
C ALA A 87 1.59 -1.41 0.47
N TYR A 88 1.04 -1.28 -0.74
CA TYR A 88 -0.08 -2.09 -1.18
C TYR A 88 0.25 -3.11 -2.26
N GLN A 89 1.48 -3.10 -2.77
CA GLN A 89 1.93 -4.13 -3.70
C GLN A 89 2.97 -5.06 -3.07
N ALA A 90 3.45 -4.75 -1.88
CA ALA A 90 4.57 -5.47 -1.28
C ALA A 90 4.08 -6.78 -0.69
N LYS A 91 4.56 -7.89 -1.24
CA LYS A 91 4.29 -9.20 -0.69
C LYS A 91 5.22 -9.48 0.48
N PHE A 92 4.66 -9.96 1.58
CA PHE A 92 5.45 -10.24 2.77
C PHE A 92 6.19 -11.57 2.61
N GLU A 93 7.47 -11.58 2.96
CA GLU A 93 8.32 -12.75 2.83
C GLU A 93 8.75 -13.34 4.15
N SER A 94 9.19 -12.52 5.10
CA SER A 94 9.68 -13.02 6.38
C SER A 94 9.98 -11.86 7.31
N VAL A 95 10.14 -12.19 8.58
CA VAL A 95 10.62 -11.23 9.56
C VAL A 95 12.13 -11.32 9.63
N ALA A 96 12.81 -10.18 9.60
CA ALA A 96 14.27 -10.20 9.64
C ALA A 96 14.81 -8.79 9.81
N TRP A 97 16.06 -8.72 10.27
CA TRP A 97 16.89 -7.52 10.11
C TRP A 97 18.14 -7.83 9.29
N SER A 98 18.26 -9.05 8.77
CA SER A 98 19.30 -9.42 7.82
C SER A 98 18.80 -10.65 7.08
N ALA A 99 18.86 -10.62 5.75
CA ALA A 99 18.15 -11.64 4.99
C ALA A 99 18.84 -11.88 3.65
N THR A 100 18.45 -13.00 3.04
CA THR A 100 18.85 -13.38 1.70
C THR A 100 17.72 -14.18 1.06
N ALA A 101 17.61 -14.08 -0.26
CA ALA A 101 16.56 -14.82 -0.95
C ALA A 101 17.05 -15.24 -2.31
N CYS A 102 16.48 -16.33 -2.82
CA CYS A 102 16.81 -16.81 -4.16
C CYS A 102 15.76 -17.82 -4.57
N HIS A 103 15.66 -18.05 -5.87
CA HIS A 103 14.68 -18.96 -6.44
C HIS A 103 15.40 -20.19 -6.96
N ASP A 104 15.00 -21.36 -6.46
CA ASP A 104 15.65 -22.62 -6.80
C ASP A 104 14.98 -23.34 -7.96
N GLY A 105 13.96 -22.74 -8.57
CA GLY A 105 13.24 -23.31 -9.70
C GLY A 105 11.81 -23.69 -9.38
N LYS A 106 11.54 -24.03 -8.12
CA LYS A 106 10.19 -24.39 -7.70
C LYS A 106 9.51 -23.27 -6.93
N ARG A 107 10.13 -22.75 -5.88
CA ARG A 107 9.54 -21.67 -5.10
C ARG A 107 10.65 -20.90 -4.40
N TRP A 108 10.31 -19.70 -3.96
CA TRP A 108 11.30 -18.82 -3.35
C TRP A 108 11.78 -19.39 -2.01
N LEU A 109 13.08 -19.35 -1.80
CA LEU A 109 13.68 -19.56 -0.50
C LEU A 109 14.09 -18.20 0.07
N ALA A 110 13.84 -18.00 1.36
CA ALA A 110 14.16 -16.73 2.00
C ALA A 110 14.62 -17.00 3.42
N VAL A 111 15.73 -16.38 3.81
CA VAL A 111 16.32 -16.54 5.13
C VAL A 111 16.16 -15.21 5.87
N GLY A 112 15.63 -15.27 7.08
CA GLY A 112 15.41 -14.07 7.87
C GLY A 112 15.97 -14.19 9.27
N ILE A 113 16.92 -13.33 9.61
CA ILE A 113 17.56 -13.35 10.91
C ILE A 113 16.83 -12.40 11.84
N SER A 114 16.50 -12.88 13.04
CA SER A 114 15.77 -12.09 14.03
C SER A 114 16.32 -12.44 15.40
N GLY A 115 15.76 -11.81 16.42
CA GLY A 115 16.12 -12.10 17.80
C GLY A 115 16.94 -10.99 18.41
N ALA A 116 17.39 -11.24 19.63
CA ALA A 116 18.20 -10.27 20.35
C ALA A 116 19.63 -10.25 19.78
N ASP A 117 20.37 -9.22 20.20
CA ASP A 117 21.72 -9.03 19.66
C ASP A 117 22.60 -10.23 19.95
N ASP A 118 22.54 -10.74 21.18
CA ASP A 118 23.44 -11.79 21.62
C ASP A 118 22.84 -13.19 21.50
N ASP A 119 21.59 -13.32 21.07
CA ASP A 119 20.95 -14.63 20.96
C ASP A 119 20.13 -14.73 19.69
N ALA A 120 20.65 -14.19 18.59
CA ALA A 120 19.90 -14.19 17.34
C ALA A 120 19.80 -15.60 16.77
N TYR A 121 18.81 -15.79 15.90
CA TYR A 121 18.64 -17.04 15.16
C TYR A 121 18.01 -16.72 13.82
N ALA A 122 18.13 -17.65 12.88
CA ALA A 122 17.68 -17.48 11.51
C ALA A 122 16.57 -18.47 11.19
N VAL A 123 15.55 -18.01 10.49
CA VAL A 123 14.41 -18.83 10.09
C VAL A 123 14.41 -18.94 8.58
N ILE A 124 14.37 -20.16 8.07
CA ILE A 124 14.50 -20.41 6.65
C ILE A 124 13.11 -20.67 6.09
N HIS A 125 12.52 -19.65 5.50
CA HIS A 125 11.25 -19.85 4.81
C HIS A 125 11.46 -20.53 3.46
N TYR A 126 10.48 -21.33 3.06
CA TYR A 126 10.49 -21.98 1.75
C TYR A 126 9.05 -22.11 1.28
N GLY A 127 8.64 -21.20 0.39
CA GLY A 127 7.31 -21.22 -0.17
C GLY A 127 6.25 -20.51 0.65
N GLY A 128 6.63 -19.85 1.75
CA GLY A 128 5.69 -19.09 2.54
C GLY A 128 5.71 -19.42 4.02
N MET A 129 6.48 -20.45 4.39
CA MET A 129 6.46 -21.07 5.70
C MET A 129 7.88 -21.23 6.22
N PRO A 130 8.07 -21.32 7.55
CA PRO A 130 9.38 -21.73 8.07
C PRO A 130 9.53 -23.24 8.00
N THR A 131 10.73 -23.70 7.63
CA THR A 131 11.04 -25.12 7.62
C THR A 131 12.18 -25.51 8.54
N ASP A 132 13.06 -24.58 8.89
CA ASP A 132 14.24 -24.89 9.67
C ASP A 132 14.70 -23.64 10.39
N VAL A 133 15.50 -23.83 11.44
CA VAL A 133 16.05 -22.72 12.21
C VAL A 133 17.52 -23.00 12.48
N VAL A 134 18.35 -21.96 12.34
CA VAL A 134 19.78 -22.03 12.58
C VAL A 134 20.13 -20.98 13.63
N ARG A 135 20.72 -21.41 14.73
CA ARG A 135 21.03 -20.50 15.83
C ARG A 135 22.50 -20.10 15.80
N SER A 136 22.79 -19.00 16.48
CA SER A 136 24.16 -18.51 16.56
C SER A 136 25.04 -19.57 17.22
N TRP A 137 26.35 -19.42 17.03
CA TRP A 137 27.29 -20.35 17.65
C TRP A 137 28.36 -19.61 18.44
N ARG A 138 28.70 -18.39 18.03
CA ARG A 138 29.53 -17.52 18.85
C ARG A 138 28.73 -16.48 19.60
N LYS A 139 27.40 -16.48 19.47
CA LYS A 139 26.53 -15.68 20.31
C LYS A 139 26.80 -14.19 20.18
N GLN A 140 27.21 -13.74 19.00
CA GLN A 140 27.18 -12.33 18.66
C GLN A 140 26.32 -12.16 17.41
N ILE A 141 26.26 -10.93 16.91
CA ILE A 141 25.32 -10.61 15.85
C ILE A 141 25.49 -11.60 14.71
N LEU A 142 24.44 -12.37 14.44
CA LEU A 142 24.42 -13.27 13.31
C LEU A 142 24.02 -12.50 12.06
N ARG A 143 24.69 -12.81 10.96
CA ARG A 143 24.50 -12.07 9.71
C ARG A 143 24.51 -13.02 8.52
N THR A 144 23.68 -12.70 7.54
CA THR A 144 23.72 -13.32 6.23
C THR A 144 24.24 -12.32 5.21
N GLN A 145 24.54 -12.83 4.02
CA GLN A 145 24.88 -11.94 2.92
C GLN A 145 23.64 -11.16 2.50
N GLU A 146 23.77 -9.84 2.40
CA GLU A 146 22.63 -9.00 2.10
C GLU A 146 22.40 -8.93 0.59
N SER A 147 22.26 -10.08 -0.05
CA SER A 147 21.94 -10.13 -1.47
C SER A 147 21.57 -11.57 -1.81
N SER A 148 21.20 -11.81 -3.06
CA SER A 148 20.59 -13.07 -3.43
C SER A 148 21.55 -14.23 -3.18
N CYS A 149 20.99 -15.35 -2.73
CA CYS A 149 21.75 -16.58 -2.60
C CYS A 149 21.89 -17.25 -3.96
N VAL A 150 22.70 -18.31 -4.02
CA VAL A 150 23.05 -18.97 -5.27
C VAL A 150 22.52 -20.39 -5.22
N CYS A 151 21.66 -20.74 -6.17
CA CYS A 151 21.06 -22.07 -6.24
C CYS A 151 21.54 -22.80 -7.49
N MET A 152 22.04 -24.02 -7.30
CA MET A 152 22.54 -24.86 -8.37
C MET A 152 22.04 -26.28 -8.17
N LYS A 153 21.45 -26.86 -9.21
CA LYS A 153 20.97 -28.24 -9.17
C LYS A 153 19.97 -28.46 -8.04
N GLY A 154 19.29 -27.40 -7.61
CA GLY A 154 18.30 -27.51 -6.56
C GLY A 154 18.80 -27.20 -5.17
N ASN A 155 20.12 -27.09 -4.97
CA ASN A 155 20.70 -26.75 -3.68
C ASN A 155 21.05 -25.27 -3.67
N CYS A 156 20.63 -24.57 -2.63
CA CYS A 156 20.90 -23.14 -2.48
C CYS A 156 21.93 -22.93 -1.37
N TYR A 157 22.90 -22.07 -1.65
CA TYR A 157 24.03 -21.81 -0.77
C TYR A 157 23.98 -20.36 -0.31
N TRP A 158 24.54 -20.11 0.88
CA TRP A 158 24.73 -18.74 1.33
C TRP A 158 25.77 -18.74 2.44
N VAL A 159 26.31 -17.55 2.72
CA VAL A 159 27.37 -17.38 3.69
C VAL A 159 26.86 -16.56 4.86
N MET A 160 27.13 -17.03 6.07
CA MET A 160 26.75 -16.36 7.29
C MET A 160 28.00 -16.14 8.14
N THR A 161 27.96 -15.09 8.96
CA THR A 161 29.08 -14.79 9.84
C THR A 161 28.58 -14.43 11.22
N ASP A 162 29.31 -14.87 12.24
CA ASP A 162 29.00 -14.54 13.62
C ASP A 162 30.28 -14.19 14.34
N GLY A 163 30.27 -13.09 15.07
CA GLY A 163 31.41 -12.67 15.83
C GLY A 163 31.58 -11.16 15.84
N PRO A 164 32.75 -10.70 16.27
CA PRO A 164 33.01 -9.25 16.27
C PRO A 164 33.01 -8.69 14.87
N ALA A 165 32.80 -7.37 14.79
CA ALA A 165 32.84 -6.66 13.52
C ALA A 165 34.26 -6.23 13.16
N ASN A 166 34.95 -5.56 14.08
CA ASN A 166 36.30 -5.04 13.85
C ASN A 166 37.38 -6.02 14.25
N SER A 167 37.09 -7.31 14.31
CA SER A 167 38.07 -8.31 14.68
C SER A 167 37.70 -9.64 14.04
N GLN A 168 38.58 -10.61 14.17
CA GLN A 168 38.39 -11.88 13.50
C GLN A 168 37.10 -12.54 13.94
N ALA A 169 36.24 -12.86 12.97
CA ALA A 169 34.98 -13.53 13.21
C ALA A 169 35.04 -14.98 12.76
N SER A 170 33.91 -15.68 12.89
CA SER A 170 33.76 -17.06 12.47
C SER A 170 32.76 -17.11 11.33
N TYR A 171 33.18 -17.62 10.18
CA TYR A 171 32.37 -17.63 8.97
C TYR A 171 32.03 -19.06 8.60
N LYS A 172 30.81 -19.28 8.12
CA LYS A 172 30.34 -20.60 7.76
C LYS A 172 29.61 -20.55 6.43
N ILE A 173 29.65 -21.66 5.71
CA ILE A 173 28.98 -21.80 4.42
C ILE A 173 27.86 -22.82 4.59
N PHE A 174 26.66 -22.44 4.18
CA PHE A 174 25.48 -23.27 4.36
C PHE A 174 24.99 -23.78 3.01
N LYS A 175 24.31 -24.92 3.07
CA LYS A 175 23.77 -25.58 1.89
C LYS A 175 22.42 -26.16 2.27
N SER A 176 21.42 -25.95 1.43
CA SER A 176 20.05 -26.33 1.75
C SER A 176 19.39 -27.00 0.55
N HIS A 177 18.38 -27.82 0.85
CA HIS A 177 17.60 -28.50 -0.16
C HIS A 177 16.16 -28.51 0.28
N LYS A 178 15.29 -27.86 -0.50
CA LYS A 178 13.87 -27.78 -0.18
C LYS A 178 13.66 -27.24 1.23
N GLY A 179 14.30 -26.11 1.52
CA GLY A 179 14.08 -25.42 2.77
C GLY A 179 15.02 -25.74 3.91
N MET A 180 15.15 -27.03 4.26
CA MET A 180 15.93 -27.42 5.43
C MET A 180 17.40 -27.59 5.07
N VAL A 181 18.25 -27.26 6.04
CA VAL A 181 19.69 -27.31 5.83
C VAL A 181 20.16 -28.76 5.77
N THR A 182 21.25 -28.99 5.04
CA THR A 182 21.83 -30.32 4.87
C THR A 182 23.33 -30.39 5.11
N ASN A 183 24.05 -29.27 5.01
CA ASN A 183 25.49 -29.31 5.17
C ASN A 183 25.98 -27.96 5.67
N GLU A 184 27.18 -27.96 6.27
CA GLU A 184 27.70 -26.76 6.90
C GLU A 184 29.20 -26.95 7.13
N ARG A 185 30.00 -26.00 6.67
CA ARG A 185 31.44 -26.01 6.87
C ARG A 185 31.91 -24.63 7.26
N GLU A 186 32.99 -24.57 8.03
CA GLU A 186 33.52 -23.31 8.53
C GLU A 186 34.73 -22.89 7.70
N VAL A 187 34.84 -21.60 7.44
CA VAL A 187 35.95 -21.05 6.66
C VAL A 187 37.08 -20.71 7.63
N SER A 188 38.21 -21.38 7.48
CA SER A 188 39.38 -21.14 8.35
C SER A 188 40.27 -20.05 7.74
N PHE A 189 39.70 -18.85 7.68
CA PHE A 189 40.37 -17.69 7.07
C PHE A 189 40.92 -16.82 8.20
N GLN A 190 42.15 -17.09 8.61
CA GLN A 190 42.69 -16.46 9.83
C GLN A 190 43.01 -14.98 9.61
N GLY A 191 43.55 -14.64 8.45
CA GLY A 191 44.14 -13.33 8.26
C GLY A 191 43.20 -12.22 7.85
N GLY A 192 41.89 -12.47 7.76
CA GLY A 192 41.00 -11.46 7.24
C GLY A 192 39.57 -11.52 7.75
N HIS A 193 38.68 -10.78 7.11
CA HIS A 193 37.30 -10.62 7.55
C HIS A 193 36.39 -10.78 6.34
N ILE A 194 35.34 -11.59 6.48
CA ILE A 194 34.41 -11.86 5.38
C ILE A 194 32.99 -11.70 5.95
N GLU A 195 32.36 -10.57 5.66
CA GLU A 195 31.11 -10.20 6.31
C GLU A 195 29.90 -10.28 5.39
N GLU A 196 29.91 -9.54 4.28
CA GLU A 196 28.71 -9.24 3.51
C GLU A 196 28.90 -9.62 2.05
N CYS A 197 29.30 -10.87 1.82
CA CYS A 197 29.61 -11.35 0.48
C CYS A 197 28.48 -11.04 -0.50
N SER A 198 28.87 -10.91 -1.77
CA SER A 198 27.96 -10.92 -2.90
C SER A 198 28.36 -12.09 -3.78
N CYS A 199 27.40 -12.94 -4.12
CA CYS A 199 27.69 -14.21 -4.75
C CYS A 199 26.97 -14.34 -6.08
N TYR A 200 27.52 -15.17 -6.95
CA TYR A 200 26.89 -15.53 -8.21
C TYR A 200 27.48 -16.86 -8.66
N PRO A 201 26.73 -17.64 -9.43
CA PRO A 201 27.27 -18.92 -9.92
C PRO A 201 28.08 -18.73 -11.18
N ASN A 202 29.02 -19.65 -11.39
CA ASN A 202 29.90 -19.59 -12.57
C ASN A 202 30.37 -21.00 -12.88
N LEU A 203 29.70 -21.66 -13.83
CA LEU A 203 30.13 -22.96 -14.34
C LEU A 203 30.31 -23.95 -13.21
N GLY A 204 29.35 -23.98 -12.28
CA GLY A 204 29.34 -24.96 -11.23
C GLY A 204 30.08 -24.57 -9.97
N LYS A 205 30.81 -23.45 -9.99
CA LYS A 205 31.50 -22.93 -8.83
C LYS A 205 30.85 -21.64 -8.39
N VAL A 206 30.44 -21.58 -7.12
CA VAL A 206 29.90 -20.35 -6.56
C VAL A 206 31.06 -19.43 -6.19
N GLU A 207 31.03 -18.21 -6.70
CA GLU A 207 32.07 -17.22 -6.45
C GLU A 207 31.45 -16.05 -5.72
N CYS A 208 32.14 -15.56 -4.68
CA CYS A 208 31.65 -14.45 -3.87
C CYS A 208 32.77 -13.44 -3.69
N VAL A 209 32.44 -12.17 -3.90
CA VAL A 209 33.34 -11.07 -3.59
C VAL A 209 32.74 -10.33 -2.42
N CYS A 210 33.51 -10.19 -1.34
CA CYS A 210 32.96 -9.84 -0.03
C CYS A 210 33.55 -8.53 0.49
N ARG A 211 33.21 -8.21 1.74
CA ARG A 211 33.54 -6.95 2.38
C ARG A 211 34.52 -7.19 3.51
N ASP A 212 35.66 -6.51 3.47
CA ASP A 212 36.71 -6.64 4.47
C ASP A 212 36.60 -5.47 5.44
N ASN A 213 36.34 -5.77 6.72
CA ASN A 213 36.12 -4.75 7.73
C ASN A 213 37.25 -4.67 8.75
N TRP A 214 38.35 -5.37 8.52
CA TRP A 214 39.43 -5.46 9.51
C TRP A 214 40.76 -5.48 8.78
N ASN A 215 41.50 -4.37 8.88
CA ASN A 215 42.83 -4.26 8.29
C ASN A 215 42.83 -4.67 6.82
N GLY A 216 41.85 -4.15 6.07
CA GLY A 216 41.77 -4.47 4.66
C GLY A 216 41.13 -3.43 3.78
N MET A 217 41.86 -3.03 2.74
CA MET A 217 41.33 -2.23 1.65
C MET A 217 40.86 -3.09 0.49
N ASN A 218 41.03 -4.40 0.58
CA ASN A 218 40.94 -5.29 -0.57
C ASN A 218 39.77 -6.25 -0.40
N ARG A 219 39.18 -6.63 -1.51
CA ARG A 219 38.02 -7.51 -1.50
C ARG A 219 38.43 -8.94 -1.22
N PRO A 220 37.87 -9.59 -0.20
CA PRO A 220 38.09 -11.04 -0.07
C PRO A 220 37.36 -11.80 -1.16
N VAL A 221 37.88 -12.99 -1.47
CA VAL A 221 37.30 -13.85 -2.49
C VAL A 221 37.09 -15.24 -1.90
N LEU A 222 35.89 -15.78 -2.08
CA LEU A 222 35.54 -17.11 -1.63
C LEU A 222 34.98 -17.89 -2.81
N THR A 223 35.49 -19.10 -3.00
CA THR A 223 35.05 -19.97 -4.10
C THR A 223 34.79 -21.36 -3.53
N PHE A 224 33.58 -21.86 -3.74
CA PHE A 224 33.23 -23.20 -3.27
C PHE A 224 32.29 -23.84 -4.29
N ASP A 225 32.09 -25.14 -4.13
CA ASP A 225 31.36 -25.93 -5.12
C ASP A 225 30.39 -26.89 -4.44
N GLU A 226 29.92 -27.91 -5.18
CA GLU A 226 28.85 -28.78 -4.72
C GLU A 226 28.98 -29.19 -3.26
N ASP A 227 30.10 -29.80 -2.89
CA ASP A 227 30.28 -30.34 -1.54
C ASP A 227 31.11 -29.44 -0.64
N LEU A 228 31.08 -28.13 -0.91
CA LEU A 228 31.58 -27.11 0.01
C LEU A 228 33.09 -27.19 0.23
N ASN A 229 33.86 -27.74 -0.71
CA ASN A 229 35.29 -27.52 -0.71
C ASN A 229 35.59 -26.13 -1.26
N TYR A 230 36.43 -25.38 -0.55
CA TYR A 230 36.55 -23.96 -0.80
C TYR A 230 38.00 -23.52 -0.88
N GLU A 231 38.19 -22.38 -1.55
CA GLU A 231 39.45 -21.64 -1.57
C GLU A 231 39.16 -20.21 -1.13
N VAL A 232 40.08 -19.64 -0.36
CA VAL A 232 39.89 -18.32 0.20
C VAL A 232 41.11 -17.47 -0.15
N GLY A 233 40.88 -16.19 -0.42
CA GLY A 233 41.96 -15.32 -0.82
C GLY A 233 41.50 -13.89 -0.90
N TYR A 234 42.20 -13.12 -1.72
CA TYR A 234 41.90 -11.72 -1.94
C TYR A 234 41.93 -11.42 -3.44
N LEU A 235 41.12 -10.44 -3.84
CA LEU A 235 41.10 -9.98 -5.22
C LEU A 235 42.44 -9.36 -5.57
N CYS A 236 43.21 -10.03 -6.43
CA CYS A 236 44.58 -9.61 -6.69
C CYS A 236 44.67 -8.18 -7.21
N ALA A 237 43.59 -7.65 -7.78
CA ALA A 237 43.65 -6.40 -8.53
C ALA A 237 44.48 -5.36 -7.79
N GLY A 238 45.33 -4.67 -8.54
CA GLY A 238 46.14 -3.60 -8.02
C GLY A 238 45.39 -2.30 -7.79
N ILE A 239 44.12 -2.26 -8.16
CA ILE A 239 43.27 -1.09 -7.93
C ILE A 239 42.39 -1.39 -6.71
N PRO A 240 42.59 -0.72 -5.59
CA PRO A 240 41.73 -0.99 -4.43
C PRO A 240 40.30 -0.57 -4.69
N THR A 241 39.36 -1.30 -4.08
CA THR A 241 37.94 -1.13 -4.38
C THR A 241 37.06 -1.06 -3.14
N ASP A 242 37.63 -0.97 -1.95
CA ASP A 242 36.81 -0.67 -0.79
C ASP A 242 36.67 0.85 -0.65
N THR A 243 35.68 1.28 0.15
CA THR A 243 35.42 2.71 0.25
C THR A 243 36.60 3.45 0.88
N PRO A 244 36.99 3.18 2.12
CA PRO A 244 38.25 3.76 2.62
C PRO A 244 39.43 3.10 1.92
N ARG A 245 40.20 3.91 1.19
CA ARG A 245 41.33 3.39 0.45
C ARG A 245 42.25 4.53 0.09
N VAL A 246 43.53 4.21 -0.09
CA VAL A 246 44.48 5.18 -0.61
C VAL A 246 44.35 5.23 -2.14
N GLN A 247 44.84 6.32 -2.71
CA GLN A 247 44.71 6.50 -4.15
C GLN A 247 45.42 5.38 -4.90
N ASP A 248 45.00 5.18 -6.16
CA ASP A 248 45.40 3.98 -6.88
C ASP A 248 46.91 3.89 -7.07
N ASN A 249 47.59 5.04 -7.17
CA ASN A 249 49.02 5.01 -7.44
C ASN A 249 49.85 4.63 -6.22
N SER A 250 49.27 4.69 -5.02
CA SER A 250 49.98 4.33 -3.81
C SER A 250 49.78 2.87 -3.44
N PHE A 251 48.67 2.27 -3.85
CA PHE A 251 48.36 0.90 -3.50
C PHE A 251 49.26 -0.07 -4.24
N ILE A 252 49.46 -1.25 -3.64
CA ILE A 252 50.30 -2.29 -4.21
C ILE A 252 49.52 -3.58 -4.48
N GLY A 253 48.75 -4.04 -3.50
CA GLY A 253 47.91 -5.20 -3.73
C GLY A 253 48.63 -6.51 -3.48
N SER A 254 47.85 -7.53 -3.13
CA SER A 254 48.36 -8.86 -2.89
C SER A 254 47.22 -9.85 -3.10
N CYS A 255 47.57 -11.06 -3.53
CA CYS A 255 46.54 -12.07 -3.77
C CYS A 255 46.11 -12.76 -2.49
N THR A 256 47.01 -12.92 -1.52
CA THR A 256 46.73 -13.73 -0.35
C THR A 256 46.80 -12.97 0.97
N ASN A 257 47.49 -11.85 1.03
CA ASN A 257 47.61 -11.08 2.27
C ASN A 257 46.63 -9.91 2.26
N ALA A 258 46.09 -9.61 3.44
CA ALA A 258 45.32 -8.40 3.61
C ALA A 258 46.25 -7.20 3.54
N VAL A 259 45.72 -6.07 3.07
CA VAL A 259 46.51 -4.85 2.89
C VAL A 259 45.78 -3.71 3.58
N GLY A 260 46.32 -3.26 4.70
CA GLY A 260 45.75 -2.14 5.42
C GLY A 260 46.21 -0.82 4.82
N GLY A 261 45.83 0.26 5.50
CA GLY A 261 46.14 1.58 5.03
C GLY A 261 46.04 2.59 6.14
N SER A 262 46.16 3.87 5.76
CA SER A 262 46.15 4.98 6.70
C SER A 262 44.72 5.32 7.05
N GLY A 263 44.23 4.78 8.17
CA GLY A 263 42.87 5.04 8.61
C GLY A 263 41.80 4.31 7.85
N THR A 264 42.17 3.27 7.09
CA THR A 264 41.23 2.50 6.29
C THR A 264 41.03 1.09 6.83
N ASN A 265 41.32 0.85 8.11
CA ASN A 265 41.38 -0.50 8.63
C ASN A 265 40.04 -1.02 9.15
N ASN A 266 39.22 -0.15 9.72
CA ASN A 266 38.03 -0.58 10.45
C ASN A 266 36.75 -0.10 9.80
N TYR A 267 36.67 -0.18 8.48
CA TYR A 267 35.46 0.26 7.80
C TYR A 267 35.45 -0.29 6.39
N GLY A 268 34.26 -0.27 5.79
CA GLY A 268 34.12 -0.78 4.44
C GLY A 268 32.68 -0.72 4.00
N VAL A 269 32.44 -1.20 2.78
CA VAL A 269 31.12 -1.13 2.16
C VAL A 269 30.94 -2.36 1.31
N LYS A 270 29.70 -2.81 1.21
CA LYS A 270 29.40 -3.97 0.38
C LYS A 270 29.66 -3.63 -1.09
N GLY A 271 30.25 -4.59 -1.80
CA GLY A 271 30.57 -4.38 -3.19
C GLY A 271 30.41 -5.66 -3.99
N PHE A 272 30.91 -5.70 -5.22
CA PHE A 272 30.77 -6.88 -6.06
C PHE A 272 31.89 -6.92 -7.08
N GLY A 273 32.10 -8.09 -7.66
CA GLY A 273 33.03 -8.22 -8.77
C GLY A 273 32.76 -9.45 -9.62
N PHE A 274 32.70 -9.26 -10.94
CA PHE A 274 32.45 -10.35 -11.86
C PHE A 274 33.75 -10.76 -12.54
N ARG A 275 34.06 -12.05 -12.51
CA ARG A 275 35.22 -12.55 -13.23
C ARG A 275 34.87 -12.75 -14.71
N GLN A 276 35.76 -12.28 -15.58
CA GLN A 276 35.65 -12.47 -17.02
C GLN A 276 36.99 -13.01 -17.48
N GLY A 277 37.09 -14.34 -17.56
CA GLY A 277 38.37 -14.95 -17.82
C GLY A 277 39.31 -14.71 -16.66
N ASN A 278 40.29 -13.83 -16.87
CA ASN A 278 41.18 -13.38 -15.80
C ASN A 278 40.96 -11.92 -15.41
N SER A 279 40.16 -11.19 -16.18
CA SER A 279 39.83 -9.81 -15.82
C SER A 279 38.69 -9.78 -14.81
N VAL A 280 38.41 -8.60 -14.27
CA VAL A 280 37.34 -8.43 -13.31
C VAL A 280 36.61 -7.13 -13.56
N TRP A 281 35.28 -7.18 -13.47
CA TRP A 281 34.45 -5.97 -13.55
C TRP A 281 34.20 -5.45 -12.13
N ALA A 282 35.26 -4.98 -11.51
CA ALA A 282 35.18 -4.53 -10.13
C ALA A 282 34.42 -3.21 -10.04
N GLY A 283 33.42 -3.16 -9.17
CA GLY A 283 32.67 -1.94 -8.94
C GLY A 283 33.11 -1.29 -7.63
N ARG A 284 33.21 0.03 -7.65
CA ARG A 284 33.67 0.77 -6.49
C ARG A 284 33.11 2.18 -6.52
N THR A 285 33.12 2.82 -5.36
CA THR A 285 32.68 4.21 -5.26
C THR A 285 33.71 5.15 -5.87
N VAL A 286 33.26 6.32 -6.30
CA VAL A 286 34.15 7.30 -6.91
C VAL A 286 35.07 7.92 -5.87
N SER A 287 34.51 8.34 -4.75
CA SER A 287 35.30 8.96 -3.70
C SER A 287 36.11 7.90 -2.95
N ILE A 288 37.24 8.33 -2.39
CA ILE A 288 38.12 7.41 -1.67
C ILE A 288 37.86 7.41 -0.18
N SER A 289 36.97 8.27 0.32
CA SER A 289 36.71 8.32 1.75
C SER A 289 35.23 8.48 2.06
N SER A 290 34.34 8.35 1.08
CA SER A 290 32.92 8.50 1.35
C SER A 290 32.11 7.73 0.32
N ARG A 291 30.89 7.38 0.70
CA ARG A 291 29.99 6.64 -0.17
C ARG A 291 29.31 7.63 -1.11
N SER A 292 30.03 8.00 -2.15
CA SER A 292 29.51 8.89 -3.18
C SER A 292 30.04 8.44 -4.54
N GLY A 293 29.20 8.60 -5.56
CA GLY A 293 29.58 8.22 -6.90
C GLY A 293 29.68 6.72 -7.05
N PHE A 294 29.93 6.29 -8.28
CA PHE A 294 30.07 4.86 -8.53
C PHE A 294 30.72 4.65 -9.89
N GLU A 295 31.55 3.63 -9.98
CA GLU A 295 32.31 3.31 -11.19
C GLU A 295 32.29 1.81 -11.40
N ILE A 296 32.56 1.41 -12.65
CA ILE A 296 32.74 0.00 -12.99
C ILE A 296 34.03 -0.09 -13.80
N LEU A 297 34.99 -0.85 -13.30
CA LEU A 297 36.32 -0.94 -13.90
C LEU A 297 36.57 -2.37 -14.37
N LEU A 298 36.94 -2.51 -15.63
CA LEU A 298 37.34 -3.79 -16.19
C LEU A 298 38.86 -3.85 -16.13
N VAL A 299 39.38 -4.53 -15.11
CA VAL A 299 40.82 -4.60 -14.88
C VAL A 299 41.36 -5.84 -15.57
N GLU A 300 42.29 -5.63 -16.50
CA GLU A 300 42.89 -6.76 -17.20
C GLU A 300 43.72 -7.59 -16.23
N ASP A 301 43.46 -8.89 -16.20
CA ASP A 301 44.17 -9.82 -15.32
C ASP A 301 44.10 -9.40 -13.86
N GLY A 302 43.09 -8.59 -13.50
CA GLY A 302 42.98 -8.12 -12.14
C GLY A 302 42.59 -9.20 -11.16
N TRP A 303 42.09 -10.33 -11.65
CA TRP A 303 41.69 -11.42 -10.78
C TRP A 303 42.88 -12.22 -10.25
N VAL A 304 44.00 -12.22 -10.96
CA VAL A 304 45.11 -13.11 -10.60
C VAL A 304 46.47 -12.45 -10.67
N LYS A 305 46.65 -11.28 -11.27
CA LYS A 305 47.99 -10.81 -11.60
C LYS A 305 48.32 -9.41 -11.09
N THR A 306 47.63 -8.90 -10.07
CA THR A 306 47.99 -7.64 -9.43
C THR A 306 48.08 -6.49 -10.43
N SER A 307 47.42 -6.61 -11.57
CA SER A 307 47.55 -5.61 -12.62
C SER A 307 46.84 -4.32 -12.24
N LYS A 308 47.25 -3.23 -12.89
CA LYS A 308 46.60 -1.93 -12.73
C LYS A 308 46.03 -1.38 -14.03
N ASN A 309 46.11 -2.12 -15.13
CA ASN A 309 45.67 -1.62 -16.43
C ASN A 309 44.15 -1.65 -16.49
N VAL A 310 43.52 -0.49 -16.34
CA VAL A 310 42.07 -0.37 -16.48
C VAL A 310 41.73 -0.27 -17.96
N VAL A 311 41.10 -1.30 -18.50
CA VAL A 311 40.77 -1.30 -19.92
C VAL A 311 39.55 -0.43 -20.19
N LYS A 312 38.52 -0.50 -19.35
CA LYS A 312 37.30 0.25 -19.56
C LYS A 312 36.79 0.79 -18.24
N LYS A 313 36.16 1.95 -18.29
CA LYS A 313 35.55 2.57 -17.12
C LYS A 313 34.18 3.11 -17.47
N VAL A 314 33.24 2.95 -16.55
CA VAL A 314 31.88 3.45 -16.71
C VAL A 314 31.44 4.10 -15.40
N GLU A 315 30.82 5.26 -15.50
CA GLU A 315 30.30 5.96 -14.33
C GLU A 315 28.78 6.01 -14.41
N VAL A 316 28.12 5.58 -13.33
CA VAL A 316 26.67 5.62 -13.25
C VAL A 316 26.18 6.61 -12.20
N LEU A 317 27.06 7.14 -11.35
CA LEU A 317 26.72 8.22 -10.45
C LEU A 317 27.90 9.16 -10.36
N ASN A 318 27.68 10.44 -10.63
CA ASN A 318 28.75 11.39 -10.50
C ASN A 318 29.02 11.66 -9.01
N ASN A 319 30.18 12.25 -8.74
CA ASN A 319 30.72 12.27 -7.39
C ASN A 319 29.84 13.03 -6.41
N LYS A 320 28.91 13.85 -6.87
CA LYS A 320 28.13 14.70 -5.98
C LYS A 320 26.87 14.03 -5.45
N ASN A 321 26.58 12.80 -5.83
CA ASN A 321 25.39 12.08 -5.37
C ASN A 321 25.79 10.94 -4.45
N TRP A 322 25.02 10.74 -3.38
CA TRP A 322 25.33 9.70 -2.42
C TRP A 322 25.05 8.33 -3.00
N SER A 323 25.85 7.35 -2.58
CA SER A 323 25.68 5.97 -3.02
C SER A 323 25.69 5.04 -1.81
N GLY A 324 25.75 3.74 -2.04
CA GLY A 324 25.76 2.81 -0.93
C GLY A 324 26.17 1.41 -1.33
N TYR A 325 25.48 0.41 -0.78
CA TYR A 325 25.78 -0.98 -1.08
C TYR A 325 25.66 -1.25 -2.57
N SER A 326 26.22 -2.39 -2.99
CA SER A 326 26.11 -2.85 -4.36
C SER A 326 26.32 -4.35 -4.38
N GLY A 327 25.48 -5.05 -5.16
CA GLY A 327 25.52 -6.49 -5.17
C GLY A 327 25.27 -7.06 -6.56
N ALA A 328 25.55 -8.35 -6.68
CA ALA A 328 25.51 -9.04 -7.96
C ALA A 328 24.38 -10.06 -7.99
N PHE A 329 23.88 -10.31 -9.19
CA PHE A 329 22.93 -11.38 -9.43
C PHE A 329 22.93 -11.67 -10.93
N THR A 330 22.42 -12.84 -11.28
CA THR A 330 22.47 -13.29 -12.66
C THR A 330 21.08 -13.69 -13.12
N ILE A 331 20.77 -13.39 -14.38
CA ILE A 331 19.51 -13.78 -14.99
C ILE A 331 19.70 -15.15 -15.65
N PRO A 332 18.93 -16.15 -15.28
CA PRO A 332 19.22 -17.53 -15.71
C PRO A 332 18.81 -17.77 -17.17
N ILE A 333 19.05 -19.00 -17.61
CA ILE A 333 18.75 -19.39 -18.99
C ILE A 333 17.25 -19.37 -19.24
N THR A 334 16.45 -19.79 -18.26
CA THR A 334 15.02 -19.95 -18.49
C THR A 334 14.36 -18.64 -18.91
N MET A 335 14.99 -17.52 -18.61
CA MET A 335 14.43 -16.21 -18.87
C MET A 335 15.11 -15.48 -20.03
N THR A 336 16.22 -16.00 -20.54
CA THR A 336 16.94 -15.36 -21.64
C THR A 336 16.95 -16.18 -22.92
N SER A 337 16.90 -17.51 -22.85
CA SER A 337 17.15 -18.46 -23.94
C SER A 337 18.61 -18.47 -24.36
N LYS A 338 19.48 -17.71 -23.70
CA LYS A 338 20.91 -17.83 -23.94
C LYS A 338 21.44 -19.14 -23.38
N GLN A 339 22.61 -19.55 -23.87
CA GLN A 339 23.34 -20.68 -23.32
C GLN A 339 24.37 -20.25 -22.28
N CYS A 340 24.19 -19.07 -21.68
CA CYS A 340 25.09 -18.61 -20.63
C CYS A 340 24.31 -17.63 -19.75
N LEU A 341 24.83 -17.42 -18.54
CA LEU A 341 24.19 -16.54 -17.59
C LEU A 341 24.60 -15.09 -17.85
N VAL A 342 23.64 -14.19 -17.78
CA VAL A 342 23.88 -12.76 -18.02
C VAL A 342 24.12 -12.10 -16.67
N PRO A 343 25.29 -11.51 -16.44
CA PRO A 343 25.53 -10.84 -15.15
C PRO A 343 24.79 -9.51 -15.07
N CYS A 344 24.47 -9.12 -13.83
CA CYS A 344 23.80 -7.85 -13.54
C CYS A 344 24.27 -7.40 -12.16
N PHE A 345 24.03 -6.13 -11.84
CA PHE A 345 24.33 -5.64 -10.51
C PHE A 345 23.36 -4.53 -10.13
N TRP A 346 23.17 -4.36 -8.84
CA TRP A 346 22.27 -3.35 -8.29
C TRP A 346 23.03 -2.41 -7.38
N LEU A 347 22.54 -1.18 -7.29
CA LEU A 347 23.22 -0.10 -6.61
C LEU A 347 22.19 0.72 -5.86
N GLU A 348 22.33 0.80 -4.54
CA GLU A 348 21.41 1.59 -3.74
C GLU A 348 21.98 2.99 -3.53
N MET A 349 21.10 3.91 -3.18
CA MET A 349 21.47 5.31 -2.98
C MET A 349 20.85 5.76 -1.65
N ILE A 350 21.69 5.89 -0.63
CA ILE A 350 21.21 6.24 0.70
C ILE A 350 21.02 7.74 0.80
N ARG A 351 19.95 8.13 1.50
CA ARG A 351 19.67 9.52 1.81
C ARG A 351 19.03 9.56 3.18
N GLY A 352 19.43 10.52 4.01
CA GLY A 352 18.89 10.59 5.34
C GLY A 352 19.85 11.14 6.38
N LYS A 353 19.65 10.76 7.63
CA LYS A 353 20.42 11.32 8.74
C LYS A 353 21.90 11.00 8.68
N PRO A 354 22.32 9.83 8.17
CA PRO A 354 23.74 9.49 8.24
C PRO A 354 24.66 10.54 7.63
N GLU A 355 24.23 11.25 6.59
CA GLU A 355 25.07 12.29 6.00
C GLU A 355 24.30 13.61 5.88
N GLU A 356 22.98 13.54 5.77
CA GLU A 356 22.13 14.72 5.76
C GLU A 356 21.54 14.87 7.15
N ARG A 357 22.14 15.75 7.95
CA ARG A 357 21.87 15.76 9.39
C ARG A 357 20.43 16.11 9.70
N THR A 358 19.86 17.06 8.96
CA THR A 358 18.60 17.67 9.38
C THR A 358 17.42 16.72 9.30
N SER A 359 17.48 15.71 8.42
CA SER A 359 16.36 14.79 8.29
C SER A 359 16.33 13.80 9.44
N ILE A 360 15.12 13.37 9.80
CA ILE A 360 14.97 12.43 10.91
C ILE A 360 14.98 10.97 10.46
N TRP A 361 14.86 10.71 9.17
CA TRP A 361 14.67 9.37 8.65
C TRP A 361 15.85 8.96 7.78
N THR A 362 15.80 7.73 7.29
CA THR A 362 16.86 7.19 6.44
C THR A 362 16.25 6.17 5.51
N SER A 363 16.37 6.39 4.21
CA SER A 363 15.86 5.48 3.21
C SER A 363 16.84 5.43 2.05
N SER A 364 16.59 4.50 1.13
CA SER A 364 17.46 4.34 -0.03
C SER A 364 16.62 3.96 -1.24
N SER A 365 17.17 4.22 -2.41
CA SER A 365 16.51 3.95 -3.68
C SER A 365 17.42 3.06 -4.53
N SER A 366 16.83 2.09 -5.21
CA SER A 366 17.59 1.08 -5.93
C SER A 366 17.67 1.41 -7.41
N THR A 367 18.78 1.03 -8.02
CA THR A 367 18.97 1.10 -9.46
C THR A 367 19.58 -0.21 -9.92
N VAL A 368 19.15 -0.71 -11.07
CA VAL A 368 19.56 -2.02 -11.56
C VAL A 368 20.17 -1.86 -12.94
N PHE A 369 21.28 -2.55 -13.19
CA PHE A 369 21.91 -2.60 -14.49
C PHE A 369 22.15 -4.04 -14.86
N CYS A 370 22.27 -4.30 -16.16
CA CYS A 370 22.62 -5.61 -16.66
C CYS A 370 23.65 -5.49 -17.77
N GLY A 371 24.48 -6.52 -17.88
CA GLY A 371 25.53 -6.50 -18.88
C GLY A 371 24.97 -6.65 -20.28
N VAL A 372 25.67 -6.08 -21.24
CA VAL A 372 25.30 -6.14 -22.65
C VAL A 372 26.55 -6.37 -23.47
N SER A 373 26.46 -7.20 -24.51
CA SER A 373 27.63 -7.50 -25.32
C SER A 373 28.17 -6.22 -25.98
N SER A 374 27.28 -5.38 -26.47
CA SER A 374 27.69 -4.13 -27.09
C SER A 374 28.17 -3.14 -26.02
N GLU A 375 29.14 -2.32 -26.39
CA GLU A 375 29.63 -1.29 -25.49
C GLU A 375 28.56 -0.24 -25.24
N VAL A 376 28.52 0.30 -24.03
CA VAL A 376 27.46 1.20 -23.61
C VAL A 376 28.05 2.36 -22.82
N PRO A 377 27.61 3.60 -23.03
CA PRO A 377 28.12 4.73 -22.24
C PRO A 377 27.38 4.82 -20.91
N GLY A 378 27.84 5.74 -20.08
CA GLY A 378 27.30 5.93 -18.74
C GLY A 378 26.69 7.31 -18.56
N TRP A 379 25.98 7.44 -17.45
CA TRP A 379 25.31 8.70 -17.13
C TRP A 379 24.95 8.70 -15.65
N SER A 380 24.68 9.89 -15.11
CA SER A 380 24.43 10.06 -13.68
C SER A 380 22.95 9.86 -13.39
N TRP A 381 22.55 8.61 -13.17
CA TRP A 381 21.16 8.27 -12.83
C TRP A 381 20.97 8.40 -11.32
N ASP A 382 21.03 9.64 -10.84
CA ASP A 382 20.92 9.89 -9.41
C ASP A 382 19.48 9.74 -8.96
N ASP A 383 19.30 9.65 -7.64
CA ASP A 383 17.96 9.45 -7.09
C ASP A 383 17.08 10.67 -7.33
N GLY A 384 17.59 11.87 -7.09
CA GLY A 384 16.87 13.09 -7.40
C GLY A 384 15.85 13.51 -6.38
N ALA A 385 15.88 12.96 -5.16
CA ALA A 385 14.95 13.41 -4.14
C ALA A 385 15.26 14.84 -3.73
N ILE A 386 14.28 15.50 -3.14
CA ILE A 386 14.40 16.90 -2.73
C ILE A 386 14.07 16.96 -1.25
N LEU A 387 15.09 16.84 -0.42
CA LEU A 387 14.93 16.99 1.02
C LEU A 387 15.09 18.46 1.43
N PRO A 388 14.62 18.83 2.61
CA PRO A 388 13.94 18.02 3.63
C PRO A 388 12.48 17.74 3.29
N PHE A 389 11.93 16.62 3.74
CA PHE A 389 10.54 16.30 3.52
C PHE A 389 9.65 17.03 4.52
N ASP A 390 8.34 16.92 4.30
CA ASP A 390 7.37 17.64 5.12
C ASP A 390 7.42 17.22 6.58
N ILE A 391 7.81 15.99 6.87
CA ILE A 391 7.88 15.55 8.27
C ILE A 391 9.12 16.09 8.95
N ASP A 392 10.18 16.40 8.20
CA ASP A 392 11.40 16.95 8.77
C ASP A 392 11.27 18.41 9.17
N LYS A 393 10.22 19.08 8.73
CA LYS A 393 10.05 20.50 9.02
C LYS A 393 9.41 20.68 10.39
N GLU B 1 2.07 -18.94 -29.78
CA GLU B 1 2.50 -18.74 -31.20
C GLU B 1 2.47 -17.27 -31.58
N PHE B 2 3.35 -16.90 -32.51
CA PHE B 2 3.50 -15.49 -32.86
C PHE B 2 2.21 -14.97 -33.49
N LEU B 3 2.03 -13.65 -33.37
CA LEU B 3 0.80 -12.98 -33.76
C LEU B 3 0.89 -12.55 -35.22
N ASN B 4 0.00 -13.08 -36.04
CA ASN B 4 -0.10 -12.62 -37.43
C ASN B 4 -0.66 -11.21 -37.49
N ASN B 5 -0.23 -10.47 -38.50
CA ASN B 5 -0.91 -9.24 -38.87
C ASN B 5 -0.93 -9.04 -40.38
N THR B 6 -0.79 -10.11 -41.16
CA THR B 6 -0.85 -10.02 -42.61
C THR B 6 -2.30 -10.11 -43.09
N GLU B 7 -3.10 -9.16 -42.62
CA GLU B 7 -4.50 -9.10 -42.99
C GLU B 7 -4.92 -7.65 -43.18
N PRO B 8 -5.89 -7.39 -44.05
CA PRO B 8 -6.19 -6.00 -44.44
C PRO B 8 -6.79 -5.21 -43.30
N LEU B 9 -6.64 -3.90 -43.40
CA LEU B 9 -7.29 -3.00 -42.45
C LEU B 9 -8.77 -2.93 -42.76
N CYS B 10 -9.58 -2.87 -41.70
CA CYS B 10 -11.02 -2.92 -41.85
C CYS B 10 -11.57 -1.55 -42.23
N ASN B 11 -12.53 -1.54 -43.16
CA ASN B 11 -13.19 -0.31 -43.54
C ASN B 11 -14.16 0.10 -42.44
N VAL B 12 -14.09 1.38 -42.05
CA VAL B 12 -14.89 1.89 -40.95
C VAL B 12 -15.61 3.14 -41.41
N SER B 13 -16.77 3.40 -40.80
CA SER B 13 -17.57 4.57 -41.10
C SER B 13 -17.54 5.62 -40.01
N GLY B 14 -17.25 5.23 -38.77
CA GLY B 14 -17.25 6.17 -37.67
C GLY B 14 -16.57 5.56 -36.46
N PHE B 15 -16.05 6.42 -35.60
CA PHE B 15 -15.26 5.99 -34.45
C PHE B 15 -16.04 6.26 -33.18
N ALA B 16 -16.28 5.21 -32.40
CA ALA B 16 -16.97 5.31 -31.13
C ALA B 16 -15.96 5.32 -30.00
N ILE B 17 -16.25 6.10 -28.95
CA ILE B 17 -15.34 6.22 -27.82
C ILE B 17 -15.31 4.91 -27.05
N VAL B 18 -14.12 4.50 -26.64
CA VAL B 18 -13.90 3.19 -26.05
C VAL B 18 -13.56 3.30 -24.57
N SER B 19 -12.64 4.20 -24.23
CA SER B 19 -12.20 4.32 -22.85
C SER B 19 -11.64 5.72 -22.62
N LYS B 20 -11.64 6.12 -21.35
CA LYS B 20 -11.21 7.44 -20.95
C LYS B 20 -10.48 7.33 -19.61
N ASP B 21 -9.39 8.07 -19.47
CA ASP B 21 -8.59 7.94 -18.25
C ASP B 21 -9.18 8.70 -17.08
N ASN B 22 -9.57 9.96 -17.29
CA ASN B 22 -9.91 10.84 -16.18
C ASN B 22 -8.74 10.99 -15.23
N GLY B 23 -7.52 10.85 -15.76
CA GLY B 23 -6.36 10.80 -14.88
C GLY B 23 -6.24 12.02 -14.01
N ILE B 24 -6.24 13.20 -14.63
CA ILE B 24 -6.03 14.42 -13.87
C ILE B 24 -7.18 14.65 -12.89
N ARG B 25 -8.41 14.36 -13.30
CA ARG B 25 -9.54 14.58 -12.41
C ARG B 25 -9.45 13.68 -11.18
N ILE B 26 -9.07 12.42 -11.38
CA ILE B 26 -8.86 11.53 -10.24
C ILE B 26 -7.68 11.98 -9.42
N GLY B 27 -6.65 12.51 -10.08
CA GLY B 27 -5.39 12.77 -9.41
C GLY B 27 -5.45 13.88 -8.38
N SER B 28 -6.53 14.66 -8.36
CA SER B 28 -6.62 15.76 -7.41
C SER B 28 -6.44 15.27 -5.98
N ARG B 29 -6.80 14.02 -5.71
CA ARG B 29 -6.65 13.43 -4.39
C ARG B 29 -5.95 12.07 -4.48
N GLY B 30 -6.21 11.34 -5.56
CA GLY B 30 -5.64 10.03 -5.73
C GLY B 30 -4.18 10.08 -6.14
N HIS B 31 -3.46 9.01 -5.81
CA HIS B 31 -2.03 8.93 -6.09
C HIS B 31 -1.83 8.58 -7.56
N VAL B 32 -1.61 9.61 -8.37
CA VAL B 32 -1.54 9.47 -9.82
C VAL B 32 -0.23 10.08 -10.31
N PHE B 33 0.42 9.39 -11.24
CA PHE B 33 1.68 9.89 -11.79
C PHE B 33 1.44 11.11 -12.65
N VAL B 34 2.52 11.86 -12.88
CA VAL B 34 2.53 12.97 -13.81
C VAL B 34 3.02 12.41 -15.15
N ILE B 35 2.16 12.48 -16.17
CA ILE B 35 2.50 11.98 -17.48
C ILE B 35 2.80 13.16 -18.41
N ARG B 36 3.46 12.89 -19.53
CA ARG B 36 3.51 13.87 -20.60
C ARG B 36 2.89 13.35 -21.90
N GLU B 37 3.27 12.15 -22.35
CA GLU B 37 2.62 11.61 -23.54
C GLU B 37 2.31 10.12 -23.38
N PRO B 38 1.04 9.74 -23.40
CA PRO B 38 0.70 8.31 -23.37
C PRO B 38 0.51 7.71 -24.76
N PHE B 39 0.32 6.41 -24.81
CA PHE B 39 -0.02 5.72 -26.05
C PHE B 39 -0.53 4.33 -25.67
N VAL B 40 -1.16 3.66 -26.62
CA VAL B 40 -1.85 2.40 -26.35
C VAL B 40 -1.34 1.33 -27.30
N ALA B 41 -1.12 0.13 -26.76
CA ALA B 41 -0.75 -1.03 -27.53
C ALA B 41 -1.60 -2.21 -27.08
N CYS B 42 -1.93 -3.10 -28.00
CA CYS B 42 -2.85 -4.20 -27.73
C CYS B 42 -2.15 -5.54 -27.95
N GLY B 43 -2.18 -6.39 -26.93
CA GLY B 43 -1.73 -7.75 -27.05
C GLY B 43 -2.89 -8.68 -27.36
N PRO B 44 -2.61 -9.99 -27.38
CA PRO B 44 -3.68 -10.94 -27.72
C PRO B 44 -4.77 -11.07 -26.67
N THR B 45 -4.48 -10.74 -25.41
CA THR B 45 -5.43 -10.90 -24.32
C THR B 45 -6.02 -9.59 -23.83
N GLU B 46 -5.25 -8.50 -23.85
CA GLU B 46 -5.76 -7.23 -23.35
C GLU B 46 -4.94 -6.10 -23.96
N CYS B 47 -5.53 -4.90 -23.94
CA CYS B 47 -4.85 -3.69 -24.36
C CYS B 47 -4.38 -2.93 -23.11
N ARG B 48 -3.25 -2.25 -23.25
CA ARG B 48 -2.63 -1.54 -22.13
C ARG B 48 -2.23 -0.14 -22.54
N THR B 49 -2.36 0.78 -21.59
CA THR B 49 -1.99 2.18 -21.76
C THR B 49 -0.57 2.39 -21.21
N PHE B 50 0.38 2.56 -22.10
CA PHE B 50 1.74 2.91 -21.71
C PHE B 50 1.84 4.43 -21.55
N PHE B 51 2.78 4.85 -20.71
CA PHE B 51 3.02 6.28 -20.55
C PHE B 51 4.39 6.51 -19.93
N LEU B 52 4.96 7.66 -20.23
CA LEU B 52 6.26 8.07 -19.71
C LEU B 52 6.06 8.91 -18.47
N THR B 53 6.11 8.26 -17.30
CA THR B 53 6.00 8.97 -16.05
C THR B 53 7.18 9.92 -15.87
N GLN B 54 6.96 11.01 -15.14
CA GLN B 54 8.02 11.95 -14.79
C GLN B 54 8.54 11.72 -13.38
N GLY B 55 8.24 10.57 -12.78
CA GLY B 55 8.84 10.23 -11.51
C GLY B 55 8.25 10.92 -10.31
N ALA B 56 7.09 11.56 -10.47
CA ALA B 56 6.46 12.28 -9.36
C ALA B 56 4.95 12.18 -9.48
N LEU B 57 4.28 12.38 -8.36
CA LEU B 57 2.83 12.36 -8.31
C LEU B 57 2.28 13.78 -8.41
N LEU B 58 1.03 13.86 -8.86
CA LEU B 58 0.34 15.14 -8.87
C LEU B 58 0.18 15.66 -7.45
N ASN B 59 0.24 16.98 -7.29
CA ASN B 59 0.19 17.68 -6.03
C ASN B 59 1.45 17.48 -5.19
N ASP B 60 2.37 16.63 -5.63
CA ASP B 60 3.63 16.44 -4.93
C ASP B 60 4.57 17.58 -5.25
N LYS B 61 5.44 17.92 -4.30
CA LYS B 61 6.39 19.00 -4.52
C LYS B 61 7.47 18.62 -5.53
N HIS B 62 7.55 17.36 -5.94
CA HIS B 62 8.48 16.93 -6.97
C HIS B 62 7.95 17.18 -8.38
N SER B 63 6.71 17.67 -8.51
CA SER B 63 6.17 18.03 -9.81
C SER B 63 6.66 19.38 -10.30
N ASN B 64 7.41 20.11 -9.48
CA ASN B 64 8.03 21.36 -9.91
C ASN B 64 8.70 21.17 -11.26
N ASN B 65 8.47 22.11 -12.17
CA ASN B 65 9.25 22.20 -13.40
C ASN B 65 9.24 20.89 -14.18
N THR B 66 8.09 20.21 -14.20
CA THR B 66 7.98 19.00 -15.00
C THR B 66 7.88 19.28 -16.50
N VAL B 67 7.92 20.55 -16.90
CA VAL B 67 7.94 20.86 -18.33
C VAL B 67 9.19 20.28 -18.96
N LYS B 68 10.26 20.15 -18.18
CA LYS B 68 11.47 19.52 -18.67
C LYS B 68 11.16 18.09 -19.11
N ASP B 69 11.31 17.83 -20.40
CA ASP B 69 10.83 16.60 -21.00
C ASP B 69 11.93 15.57 -21.21
N ARG B 70 13.13 15.77 -20.67
CA ARG B 70 14.18 14.76 -20.72
C ARG B 70 14.99 14.87 -19.44
N SER B 71 14.97 13.82 -18.64
CA SER B 71 15.64 13.78 -17.35
C SER B 71 15.88 12.32 -16.99
N PRO B 72 16.82 12.05 -16.09
CA PRO B 72 17.12 10.65 -15.74
C PRO B 72 16.01 9.95 -14.98
N TYR B 73 14.95 10.64 -14.59
CA TYR B 73 13.94 10.06 -13.74
C TYR B 73 12.78 9.45 -14.50
N ARG B 74 12.61 9.78 -15.77
CA ARG B 74 11.45 9.32 -16.51
C ARG B 74 11.50 7.81 -16.70
N ALA B 75 10.32 7.19 -16.71
CA ALA B 75 10.23 5.76 -16.90
C ALA B 75 8.95 5.42 -17.64
N LEU B 76 9.04 4.39 -18.48
CA LEU B 76 7.88 3.87 -19.19
C LEU B 76 7.16 2.86 -18.31
N MET B 77 5.94 3.17 -17.93
CA MET B 77 5.11 2.26 -17.14
C MET B 77 3.91 1.82 -17.97
N SER B 78 3.07 0.99 -17.35
CA SER B 78 1.99 0.34 -18.07
C SER B 78 0.82 0.09 -17.13
N VAL B 79 -0.39 0.27 -17.65
CA VAL B 79 -1.63 0.10 -16.89
C VAL B 79 -2.65 -0.53 -17.82
N PRO B 80 -3.58 -1.37 -17.36
CA PRO B 80 -4.62 -1.88 -18.27
C PRO B 80 -5.51 -0.76 -18.78
N LEU B 81 -6.05 -0.97 -19.99
CA LEU B 81 -6.77 0.07 -20.72
C LEU B 81 -7.81 0.76 -19.87
N GLY B 82 -7.71 2.09 -19.79
CA GLY B 82 -8.74 2.92 -19.23
C GLY B 82 -8.65 3.17 -17.74
N SER B 83 -7.93 2.35 -16.98
CA SER B 83 -7.71 2.65 -15.59
C SER B 83 -6.71 3.79 -15.45
N SER B 84 -6.88 4.60 -14.41
CA SER B 84 -6.03 5.76 -14.25
C SER B 84 -4.57 5.33 -14.08
N PRO B 85 -3.62 6.22 -14.42
CA PRO B 85 -2.19 5.92 -14.21
C PRO B 85 -1.76 6.07 -12.76
N ASN B 86 -2.44 5.35 -11.88
CA ASN B 86 -2.18 5.42 -10.45
C ASN B 86 -0.91 4.63 -10.11
N ALA B 87 -0.24 5.06 -9.04
CA ALA B 87 0.99 4.41 -8.62
C ALA B 87 0.76 2.93 -8.32
N TYR B 88 -0.39 2.59 -7.75
CA TYR B 88 -0.62 1.26 -7.18
C TYR B 88 -1.23 0.28 -8.17
N GLN B 89 -1.20 0.59 -9.46
CA GLN B 89 -1.53 -0.38 -10.49
C GLN B 89 -0.47 -0.45 -11.59
N ALA B 90 0.47 0.49 -11.63
CA ALA B 90 1.34 0.64 -12.79
C ALA B 90 2.45 -0.39 -12.72
N LYS B 91 2.54 -1.22 -13.75
CA LYS B 91 3.64 -2.15 -13.94
C LYS B 91 4.79 -1.43 -14.63
N PHE B 92 6.00 -1.60 -14.10
CA PHE B 92 7.18 -0.98 -14.66
C PHE B 92 7.64 -1.74 -15.90
N GLU B 93 7.98 -1.01 -16.95
CA GLU B 93 8.43 -1.60 -18.21
C GLU B 93 9.89 -1.31 -18.53
N SER B 94 10.34 -0.06 -18.40
CA SER B 94 11.70 0.29 -18.77
C SER B 94 11.98 1.72 -18.35
N VAL B 95 13.26 2.09 -18.37
CA VAL B 95 13.66 3.47 -18.16
C VAL B 95 13.79 4.15 -19.51
N ALA B 96 13.21 5.33 -19.64
CA ALA B 96 13.27 6.00 -20.93
C ALA B 96 12.75 7.42 -20.81
N TRP B 97 13.12 8.26 -21.77
CA TRP B 97 12.40 9.50 -22.05
C TRP B 97 11.81 9.50 -23.46
N SER B 98 11.91 8.38 -24.17
CA SER B 98 11.25 8.19 -25.46
C SER B 98 11.18 6.70 -25.73
N ALA B 99 10.00 6.18 -26.03
CA ALA B 99 9.80 4.74 -26.00
C ALA B 99 8.75 4.31 -27.00
N THR B 100 8.75 3.00 -27.27
CA THR B 100 7.75 2.35 -28.10
C THR B 100 7.55 0.92 -27.60
N ALA B 101 6.32 0.44 -27.67
CA ALA B 101 6.04 -0.91 -27.19
C ALA B 101 4.99 -1.56 -28.08
N CYS B 102 5.08 -2.89 -28.18
CA CYS B 102 4.14 -3.68 -28.95
C CYS B 102 4.25 -5.12 -28.50
N HIS B 103 3.21 -5.89 -28.80
CA HIS B 103 3.15 -7.29 -28.41
C HIS B 103 3.26 -8.16 -29.67
N ASP B 104 4.25 -9.03 -29.70
CA ASP B 104 4.53 -9.86 -30.87
C ASP B 104 3.86 -11.22 -30.82
N GLY B 105 3.05 -11.49 -29.79
CA GLY B 105 2.32 -12.73 -29.67
C GLY B 105 2.80 -13.60 -28.52
N LYS B 106 4.06 -13.45 -28.12
CA LYS B 106 4.61 -14.19 -26.99
C LYS B 106 4.79 -13.32 -25.76
N ARG B 107 5.46 -12.17 -25.89
CA ARG B 107 5.69 -11.29 -24.76
C ARG B 107 5.87 -9.87 -25.27
N TRP B 108 5.69 -8.91 -24.36
CA TRP B 108 5.80 -7.51 -24.71
C TRP B 108 7.23 -7.16 -25.08
N LEU B 109 7.40 -6.44 -26.19
CA LEU B 109 8.65 -5.78 -26.53
C LEU B 109 8.51 -4.30 -26.20
N ALA B 110 9.55 -3.71 -25.62
CA ALA B 110 9.54 -2.31 -25.24
C ALA B 110 10.93 -1.74 -25.45
N VAL B 111 10.99 -0.56 -26.07
CA VAL B 111 12.24 0.13 -26.36
C VAL B 111 12.29 1.39 -25.51
N GLY B 112 13.38 1.57 -24.79
CA GLY B 112 13.54 2.73 -23.94
C GLY B 112 14.83 3.49 -24.21
N ILE B 113 14.72 4.74 -24.61
CA ILE B 113 15.88 5.57 -24.89
C ILE B 113 16.26 6.33 -23.63
N SER B 114 17.53 6.27 -23.26
CA SER B 114 18.04 6.95 -22.08
C SER B 114 19.44 7.45 -22.38
N GLY B 115 20.02 8.18 -21.44
CA GLY B 115 21.37 8.70 -21.59
C GLY B 115 21.38 10.20 -21.78
N ALA B 116 22.58 10.72 -21.99
CA ALA B 116 22.76 12.15 -22.14
C ALA B 116 22.26 12.63 -23.50
N ASP B 117 22.15 13.95 -23.64
CA ASP B 117 21.59 14.54 -24.85
C ASP B 117 22.41 14.13 -26.07
N ASP B 118 23.74 14.24 -25.96
CA ASP B 118 24.63 14.01 -27.09
C ASP B 118 25.17 12.59 -27.14
N ASP B 119 24.83 11.74 -26.18
CA ASP B 119 25.35 10.38 -26.14
C ASP B 119 24.25 9.40 -25.74
N ALA B 120 23.05 9.60 -26.25
CA ALA B 120 21.93 8.74 -25.88
C ALA B 120 22.08 7.35 -26.50
N TYR B 121 21.37 6.39 -25.90
CA TYR B 121 21.31 5.03 -26.43
C TYR B 121 19.98 4.42 -26.03
N ALA B 122 19.62 3.33 -26.70
CA ALA B 122 18.33 2.67 -26.51
C ALA B 122 18.54 1.26 -25.99
N VAL B 123 17.66 0.83 -25.09
CA VAL B 123 17.69 -0.50 -24.50
C VAL B 123 16.41 -1.21 -24.88
N ILE B 124 16.54 -2.39 -25.47
CA ILE B 124 15.41 -3.11 -26.03
C ILE B 124 15.05 -4.22 -25.03
N HIS B 125 14.05 -3.95 -24.21
CA HIS B 125 13.54 -4.97 -23.31
C HIS B 125 12.66 -5.95 -24.07
N TYR B 126 12.67 -7.21 -23.63
CA TYR B 126 11.81 -8.24 -24.21
C TYR B 126 11.44 -9.21 -23.09
N GLY B 127 10.23 -9.05 -22.55
CA GLY B 127 9.74 -9.91 -21.50
C GLY B 127 10.12 -9.50 -20.09
N GLY B 128 10.79 -8.36 -19.92
CA GLY B 128 11.13 -7.87 -18.59
C GLY B 128 12.60 -7.54 -18.43
N MET B 129 13.40 -7.81 -19.45
CA MET B 129 14.85 -7.76 -19.40
C MET B 129 15.40 -7.01 -20.61
N PRO B 130 16.61 -6.45 -20.51
CA PRO B 130 17.26 -5.94 -21.72
C PRO B 130 17.95 -7.06 -22.49
N THR B 131 17.83 -7.03 -23.82
CA THR B 131 18.47 -8.01 -24.66
C THR B 131 19.46 -7.41 -25.65
N ASP B 132 19.37 -6.12 -25.94
CA ASP B 132 20.22 -5.49 -26.94
C ASP B 132 20.23 -3.99 -26.71
N VAL B 133 21.25 -3.32 -27.26
CA VAL B 133 21.40 -1.88 -27.12
C VAL B 133 21.75 -1.30 -28.47
N VAL B 134 21.15 -0.16 -28.80
CA VAL B 134 21.40 0.56 -30.05
C VAL B 134 21.82 1.97 -29.68
N ARG B 135 23.00 2.37 -30.13
CA ARG B 135 23.55 3.68 -29.80
C ARG B 135 23.34 4.67 -30.93
N SER B 136 23.45 5.95 -30.58
CA SER B 136 23.31 7.01 -31.57
C SER B 136 24.39 6.89 -32.63
N TRP B 137 24.12 7.48 -33.80
CA TRP B 137 25.12 7.46 -34.87
C TRP B 137 25.47 8.87 -35.31
N ARG B 138 24.52 9.80 -35.23
CA ARG B 138 24.81 11.20 -35.43
C ARG B 138 24.98 11.96 -34.13
N LYS B 139 24.86 11.28 -32.99
CA LYS B 139 25.24 11.85 -31.69
C LYS B 139 24.44 13.09 -31.35
N GLN B 140 23.18 13.16 -31.78
CA GLN B 140 22.24 14.11 -31.24
C GLN B 140 21.05 13.33 -30.68
N ILE B 141 20.03 14.05 -30.23
CA ILE B 141 18.93 13.40 -29.51
C ILE B 141 18.40 12.22 -30.31
N LEU B 142 18.49 11.03 -29.73
CA LEU B 142 17.92 9.85 -30.34
C LEU B 142 16.44 9.74 -29.97
N ARG B 143 15.63 9.37 -30.95
CA ARG B 143 14.18 9.35 -30.76
C ARG B 143 13.57 8.11 -31.40
N THR B 144 12.57 7.57 -30.73
CA THR B 144 11.71 6.54 -31.28
C THR B 144 10.33 7.13 -31.52
N GLN B 145 9.52 6.41 -32.28
CA GLN B 145 8.14 6.81 -32.45
C GLN B 145 7.41 6.65 -31.13
N GLU B 146 6.69 7.70 -30.71
CA GLU B 146 6.04 7.70 -29.43
C GLU B 146 4.68 7.00 -29.51
N SER B 147 4.66 5.78 -30.03
CA SER B 147 3.43 5.01 -30.13
C SER B 147 3.81 3.58 -30.49
N SER B 148 2.80 2.71 -30.49
CA SER B 148 3.06 1.27 -30.54
C SER B 148 3.79 0.89 -31.82
N CYS B 149 4.72 -0.05 -31.71
CA CYS B 149 5.41 -0.58 -32.87
C CYS B 149 4.50 -1.59 -33.58
N VAL B 150 4.96 -2.05 -34.74
CA VAL B 150 4.16 -2.92 -35.60
C VAL B 150 4.85 -4.27 -35.71
N CYS B 151 4.17 -5.33 -35.28
CA CYS B 151 4.73 -6.68 -35.31
C CYS B 151 3.97 -7.55 -36.30
N MET B 152 4.72 -8.15 -37.22
CA MET B 152 4.16 -9.02 -38.25
C MET B 152 5.02 -10.27 -38.36
N LYS B 153 4.38 -11.44 -38.30
CA LYS B 153 5.09 -12.71 -38.43
C LYS B 153 6.21 -12.85 -37.40
N GLY B 154 6.04 -12.21 -36.24
CA GLY B 154 7.01 -12.31 -35.17
C GLY B 154 8.09 -11.25 -35.17
N ASN B 155 8.24 -10.50 -36.26
CA ASN B 155 9.24 -9.45 -36.35
C ASN B 155 8.56 -8.12 -36.05
N CYS B 156 9.14 -7.33 -35.15
CA CYS B 156 8.60 -6.04 -34.75
C CYS B 156 9.45 -4.92 -35.34
N TYR B 157 8.79 -3.92 -35.90
CA TYR B 157 9.43 -2.82 -36.61
C TYR B 157 9.17 -1.52 -35.87
N TRP B 158 10.09 -0.57 -36.02
CA TRP B 158 9.86 0.77 -35.51
C TRP B 158 10.85 1.72 -36.17
N VAL B 159 10.53 3.00 -36.11
CA VAL B 159 11.32 4.04 -36.76
C VAL B 159 12.00 4.88 -35.69
N MET B 160 13.28 5.16 -35.91
CA MET B 160 14.07 6.01 -35.03
C MET B 160 14.69 7.11 -35.87
N THR B 161 14.93 8.26 -35.23
CA THR B 161 15.57 9.38 -35.89
C THR B 161 16.61 10.00 -34.98
N ASP B 162 17.72 10.42 -35.58
CA ASP B 162 18.78 11.10 -34.86
C ASP B 162 19.23 12.28 -35.70
N GLY B 163 19.35 13.45 -35.07
CA GLY B 163 19.81 14.62 -35.76
C GLY B 163 19.09 15.87 -35.31
N PRO B 164 19.27 16.96 -36.05
CA PRO B 164 18.63 18.22 -35.65
C PRO B 164 17.12 18.13 -35.71
N ALA B 165 16.47 19.05 -35.00
CA ALA B 165 15.02 19.11 -35.00
C ALA B 165 14.49 19.95 -36.14
N ASN B 166 15.03 21.16 -36.32
CA ASN B 166 14.58 22.08 -37.35
C ASN B 166 15.40 21.98 -38.64
N SER B 167 16.05 20.85 -38.87
CA SER B 167 16.87 20.68 -40.07
C SER B 167 16.91 19.20 -40.42
N GLN B 168 17.49 18.92 -41.58
CA GLN B 168 17.50 17.55 -42.07
C GLN B 168 18.20 16.61 -41.09
N ALA B 169 17.49 15.58 -40.68
CA ALA B 169 18.02 14.56 -39.78
C ALA B 169 18.33 13.28 -40.57
N SER B 170 18.72 12.24 -39.84
CA SER B 170 18.98 10.92 -40.38
C SER B 170 17.96 9.97 -39.77
N TYR B 171 17.22 9.26 -40.62
CA TYR B 171 16.15 8.39 -40.18
C TYR B 171 16.47 6.95 -40.54
N LYS B 172 16.12 6.03 -39.64
CA LYS B 172 16.43 4.62 -39.83
C LYS B 172 15.23 3.78 -39.46
N ILE B 173 15.13 2.62 -40.10
CA ILE B 173 14.07 1.64 -39.86
C ILE B 173 14.71 0.40 -39.26
N PHE B 174 14.17 -0.06 -38.14
CA PHE B 174 14.73 -1.19 -37.41
C PHE B 174 13.78 -2.37 -37.49
N LYS B 175 14.36 -3.56 -37.34
CA LYS B 175 13.61 -4.80 -37.38
C LYS B 175 14.20 -5.76 -36.34
N SER B 176 13.34 -6.38 -35.56
CA SER B 176 13.79 -7.18 -34.42
C SER B 176 13.05 -8.51 -34.37
N HIS B 177 13.72 -9.50 -33.77
CA HIS B 177 13.15 -10.83 -33.58
C HIS B 177 13.54 -11.30 -32.18
N LYS B 178 12.55 -11.54 -31.34
CA LYS B 178 12.78 -12.01 -29.98
C LYS B 178 13.77 -11.11 -29.25
N GLY B 179 13.52 -9.82 -29.31
CA GLY B 179 14.33 -8.86 -28.57
C GLY B 179 15.48 -8.20 -29.32
N MET B 180 16.39 -9.00 -29.88
CA MET B 180 17.61 -8.45 -30.44
C MET B 180 17.40 -8.02 -31.90
N VAL B 181 18.13 -6.96 -32.29
CA VAL B 181 17.97 -6.41 -33.62
C VAL B 181 18.60 -7.34 -34.65
N THR B 182 18.06 -7.31 -35.86
CA THR B 182 18.53 -8.16 -36.95
C THR B 182 18.79 -7.42 -38.26
N ASN B 183 18.18 -6.25 -38.47
CA ASN B 183 18.33 -5.55 -39.74
C ASN B 183 18.13 -4.07 -39.51
N GLU B 184 18.60 -3.27 -40.47
CA GLU B 184 18.57 -1.82 -40.30
C GLU B 184 18.86 -1.17 -41.65
N ARG B 185 18.01 -0.24 -42.05
CA ARG B 185 18.18 0.49 -43.30
C ARG B 185 17.88 1.97 -43.08
N GLU B 186 18.54 2.82 -43.84
CA GLU B 186 18.40 4.27 -43.69
C GLU B 186 17.47 4.81 -44.77
N VAL B 187 16.62 5.76 -44.37
CA VAL B 187 15.66 6.40 -45.28
C VAL B 187 16.36 7.60 -45.91
N SER B 188 16.58 7.54 -47.22
CA SER B 188 17.24 8.63 -47.93
C SER B 188 16.20 9.65 -48.39
N PHE B 189 15.54 10.26 -47.41
CA PHE B 189 14.48 11.24 -47.65
C PHE B 189 15.08 12.63 -47.50
N GLN B 190 15.58 13.18 -48.63
CA GLN B 190 16.36 14.42 -48.57
C GLN B 190 15.47 15.63 -48.30
N GLY B 191 14.29 15.68 -48.90
CA GLY B 191 13.52 16.90 -48.92
C GLY B 191 12.62 17.14 -47.73
N GLY B 192 12.65 16.29 -46.70
CA GLY B 192 11.72 16.45 -45.62
C GLY B 192 12.18 15.90 -44.28
N HIS B 193 11.27 15.85 -43.31
CA HIS B 193 11.60 15.51 -41.93
C HIS B 193 10.59 14.49 -41.41
N ILE B 194 11.10 13.41 -40.83
CA ILE B 194 10.26 12.30 -40.36
C ILE B 194 10.69 12.00 -38.93
N GLU B 195 9.92 12.49 -37.95
CA GLU B 195 10.32 12.44 -36.55
C GLU B 195 9.54 11.41 -35.75
N GLU B 196 8.22 11.52 -35.71
CA GLU B 196 7.39 10.87 -34.68
C GLU B 196 6.28 10.06 -35.32
N CYS B 197 6.64 9.17 -36.24
CA CYS B 197 5.67 8.39 -36.99
C CYS B 197 4.65 7.70 -36.08
N SER B 198 3.47 7.48 -36.63
CA SER B 198 2.47 6.57 -36.08
C SER B 198 2.23 5.48 -37.10
N CYS B 199 2.37 4.23 -36.70
CA CYS B 199 2.42 3.11 -37.62
C CYS B 199 1.33 2.10 -37.31
N TYR B 200 0.89 1.40 -38.35
CA TYR B 200 -0.09 0.34 -38.22
C TYR B 200 0.09 -0.61 -39.40
N PRO B 201 -0.13 -1.91 -39.21
CA PRO B 201 0.03 -2.85 -40.32
C PRO B 201 -1.16 -2.81 -41.25
N ASN B 202 -0.93 -3.20 -42.50
CA ASN B 202 -1.99 -3.22 -43.51
C ASN B 202 -1.60 -4.26 -44.57
N LEU B 203 -2.15 -5.46 -44.45
CA LEU B 203 -1.98 -6.49 -45.46
C LEU B 203 -0.51 -6.72 -45.78
N GLY B 204 0.31 -6.80 -44.74
CA GLY B 204 1.70 -7.13 -44.88
C GLY B 204 2.64 -5.95 -45.06
N LYS B 205 2.10 -4.76 -45.34
CA LYS B 205 2.90 -3.56 -45.49
C LYS B 205 2.68 -2.68 -44.27
N VAL B 206 3.76 -2.31 -43.60
CA VAL B 206 3.67 -1.36 -42.49
C VAL B 206 3.58 0.04 -43.07
N GLU B 207 2.56 0.79 -42.66
CA GLU B 207 2.34 2.14 -43.11
C GLU B 207 2.42 3.09 -41.92
N CYS B 208 3.10 4.22 -42.11
CA CYS B 208 3.27 5.20 -41.04
C CYS B 208 2.96 6.59 -41.58
N VAL B 209 2.21 7.36 -40.80
CA VAL B 209 1.97 8.77 -41.07
C VAL B 209 2.66 9.55 -39.96
N CYS B 210 3.56 10.45 -40.34
CA CYS B 210 4.56 10.97 -39.42
C CYS B 210 4.43 12.49 -39.28
N ARG B 211 5.37 13.08 -38.56
CA ARG B 211 5.36 14.49 -38.21
C ARG B 211 6.47 15.22 -38.95
N ASP B 212 6.11 16.27 -39.67
CA ASP B 212 7.07 17.09 -40.41
C ASP B 212 7.36 18.35 -39.61
N ASN B 213 8.63 18.54 -39.24
CA ASN B 213 9.04 19.65 -38.39
C ASN B 213 9.91 20.66 -39.13
N TRP B 214 10.00 20.56 -40.45
CA TRP B 214 10.91 21.41 -41.21
C TRP B 214 10.28 21.69 -42.57
N ASN B 215 9.85 22.93 -42.76
CA ASN B 215 9.29 23.39 -44.03
C ASN B 215 8.18 22.46 -44.51
N GLY B 216 7.28 22.10 -43.59
CA GLY B 216 6.17 21.24 -43.96
C GLY B 216 4.90 21.41 -43.15
N MET B 217 3.80 21.63 -43.85
CA MET B 217 2.46 21.55 -43.28
C MET B 217 1.84 20.18 -43.47
N ASN B 218 2.52 19.29 -44.17
CA ASN B 218 1.93 18.07 -44.69
C ASN B 218 2.53 16.86 -43.99
N ARG B 219 1.73 15.81 -43.88
CA ARG B 219 2.15 14.60 -43.21
C ARG B 219 3.09 13.80 -44.12
N PRO B 220 4.29 13.45 -43.66
CA PRO B 220 5.08 12.47 -44.42
C PRO B 220 4.48 11.09 -44.33
N VAL B 221 4.73 10.28 -45.35
CA VAL B 221 4.25 8.92 -45.42
C VAL B 221 5.42 7.99 -45.67
N LEU B 222 5.50 6.91 -44.90
CA LEU B 222 6.53 5.91 -45.03
C LEU B 222 5.86 4.55 -45.13
N THR B 223 6.25 3.76 -46.12
CA THR B 223 5.72 2.42 -46.31
C THR B 223 6.87 1.46 -46.54
N PHE B 224 6.92 0.40 -45.75
CA PHE B 224 7.95 -0.62 -45.89
C PHE B 224 7.36 -1.97 -45.56
N ASP B 225 8.10 -3.02 -45.88
CA ASP B 225 7.59 -4.38 -45.78
C ASP B 225 8.62 -5.32 -45.16
N GLU B 226 8.43 -6.63 -45.32
CA GLU B 226 9.23 -7.61 -44.61
C GLU B 226 10.72 -7.28 -44.57
N ASP B 227 11.34 -7.10 -45.74
CA ASP B 227 12.79 -6.89 -45.81
C ASP B 227 13.14 -5.42 -45.99
N LEU B 228 12.29 -4.51 -45.51
CA LEU B 228 12.62 -3.10 -45.35
C LEU B 228 12.87 -2.38 -46.67
N ASN B 229 12.29 -2.85 -47.77
CA ASN B 229 12.18 -2.00 -48.95
C ASN B 229 11.08 -0.99 -48.72
N TYR B 230 11.36 0.28 -48.98
CA TYR B 230 10.48 1.35 -48.55
C TYR B 230 10.23 2.36 -49.67
N GLU B 231 9.10 3.06 -49.54
CA GLU B 231 8.74 4.20 -50.36
C GLU B 231 8.45 5.36 -49.42
N VAL B 232 8.85 6.56 -49.82
CA VAL B 232 8.71 7.75 -48.99
C VAL B 232 8.00 8.82 -49.79
N GLY B 233 7.15 9.58 -49.12
CA GLY B 233 6.39 10.61 -49.81
C GLY B 233 5.63 11.45 -48.81
N TYR B 234 4.57 12.08 -49.30
CA TYR B 234 3.70 12.92 -48.50
C TYR B 234 2.25 12.52 -48.73
N LEU B 235 1.44 12.75 -47.71
CA LEU B 235 0.00 12.54 -47.82
C LEU B 235 -0.59 13.50 -48.84
N CYS B 236 -1.05 12.99 -49.98
CA CYS B 236 -1.46 13.85 -51.07
C CYS B 236 -2.57 14.82 -50.68
N ALA B 237 -3.34 14.49 -49.64
CA ALA B 237 -4.58 15.21 -49.35
C ALA B 237 -4.40 16.71 -49.49
N GLY B 238 -5.39 17.36 -50.11
CA GLY B 238 -5.39 18.80 -50.23
C GLY B 238 -5.78 19.53 -48.97
N ILE B 239 -6.17 18.80 -47.93
CA ILE B 239 -6.53 19.41 -46.65
C ILE B 239 -5.32 19.26 -45.72
N PRO B 240 -4.63 20.34 -45.37
CA PRO B 240 -3.49 20.21 -44.47
C PRO B 240 -3.94 19.78 -43.08
N THR B 241 -3.08 19.00 -42.42
CA THR B 241 -3.45 18.38 -41.16
C THR B 241 -2.40 18.58 -40.06
N ASP B 242 -1.36 19.37 -40.31
CA ASP B 242 -0.46 19.72 -39.23
C ASP B 242 -1.03 20.90 -38.45
N THR B 243 -0.54 21.08 -37.22
CA THR B 243 -1.11 22.12 -36.36
C THR B 243 -0.90 23.51 -36.95
N PRO B 244 0.33 24.02 -37.10
CA PRO B 244 0.50 25.25 -37.87
C PRO B 244 0.19 25.00 -39.34
N ARG B 245 -0.85 25.66 -39.84
CA ARG B 245 -1.24 25.46 -41.22
C ARG B 245 -2.10 26.63 -41.65
N VAL B 246 -2.07 26.92 -42.95
CA VAL B 246 -3.00 27.90 -43.52
C VAL B 246 -4.36 27.23 -43.73
N GLN B 247 -5.39 28.07 -43.85
CA GLN B 247 -6.74 27.54 -43.98
C GLN B 247 -6.86 26.67 -45.22
N ASP B 248 -7.86 25.79 -45.21
CA ASP B 248 -7.96 24.75 -46.21
C ASP B 248 -8.10 25.31 -47.63
N ASN B 249 -8.70 26.49 -47.76
CA ASN B 249 -8.93 27.06 -49.09
C ASN B 249 -7.68 27.68 -49.70
N SER B 250 -6.65 27.93 -48.89
CA SER B 250 -5.40 28.49 -49.41
C SER B 250 -4.38 27.41 -49.75
N PHE B 251 -4.48 26.25 -49.11
CA PHE B 251 -3.53 25.17 -49.35
C PHE B 251 -3.75 24.56 -50.72
N ILE B 252 -2.69 23.93 -51.25
CA ILE B 252 -2.73 23.28 -52.55
C ILE B 252 -2.34 21.81 -52.45
N GLY B 253 -1.26 21.51 -51.74
CA GLY B 253 -0.91 20.12 -51.52
C GLY B 253 -0.03 19.56 -52.62
N SER B 254 0.72 18.52 -52.27
CA SER B 254 1.57 17.82 -53.21
C SER B 254 1.83 16.42 -52.67
N CYS B 255 2.04 15.46 -53.58
CA CYS B 255 2.26 14.09 -53.15
C CYS B 255 3.71 13.83 -52.78
N THR B 256 4.65 14.53 -53.41
CA THR B 256 6.08 14.26 -53.23
C THR B 256 6.88 15.42 -52.67
N ASN B 257 6.42 16.65 -52.84
CA ASN B 257 7.16 17.81 -52.37
C ASN B 257 6.62 18.27 -51.03
N ALA B 258 7.52 18.78 -50.19
CA ALA B 258 7.10 19.43 -48.97
C ALA B 258 6.48 20.78 -49.29
N VAL B 259 5.53 21.20 -48.46
CA VAL B 259 4.79 22.45 -48.69
C VAL B 259 4.87 23.27 -47.41
N GLY B 260 5.66 24.33 -47.44
CA GLY B 260 5.76 25.23 -46.31
C GLY B 260 4.60 26.22 -46.30
N GLY B 261 4.70 27.20 -45.41
CA GLY B 261 3.66 28.18 -45.27
C GLY B 261 4.17 29.41 -44.56
N SER B 262 3.23 30.27 -44.18
CA SER B 262 3.56 31.52 -43.49
C SER B 262 3.73 31.23 -42.01
N GLY B 263 4.97 31.06 -41.57
CA GLY B 263 5.25 30.83 -40.17
C GLY B 263 4.96 29.43 -39.68
N THR B 264 4.66 28.49 -40.57
CA THR B 264 4.33 27.12 -40.20
C THR B 264 5.47 26.15 -40.48
N ASN B 265 6.70 26.65 -40.59
CA ASN B 265 7.80 25.84 -41.09
C ASN B 265 8.50 25.05 -40.01
N ASN B 266 8.62 25.58 -38.80
CA ASN B 266 9.46 25.00 -37.76
C ASN B 266 8.62 24.55 -36.58
N TYR B 267 7.54 23.82 -36.84
CA TYR B 267 6.72 23.32 -35.74
C TYR B 267 5.76 22.28 -36.29
N GLY B 268 5.18 21.51 -35.38
CA GLY B 268 4.22 20.49 -35.76
C GLY B 268 3.78 19.70 -34.55
N VAL B 269 2.96 18.69 -34.80
CA VAL B 269 2.40 17.87 -33.73
C VAL B 269 2.18 16.46 -34.26
N LYS B 270 2.33 15.49 -33.37
CA LYS B 270 2.14 14.10 -33.76
C LYS B 270 0.70 13.86 -34.18
N GLY B 271 0.53 13.08 -35.24
CA GLY B 271 -0.79 12.82 -35.77
C GLY B 271 -0.89 11.42 -36.36
N PHE B 272 -2.00 11.13 -37.04
CA PHE B 272 -2.22 9.79 -37.58
C PHE B 272 -3.17 9.87 -38.77
N GLY B 273 -3.12 8.83 -39.60
CA GLY B 273 -4.04 8.69 -40.71
C GLY B 273 -4.19 7.26 -41.15
N PHE B 274 -5.43 6.81 -41.33
CA PHE B 274 -5.72 5.44 -41.75
C PHE B 274 -6.12 5.44 -43.21
N ARG B 275 -5.44 4.63 -44.02
CA ARG B 275 -5.83 4.48 -45.42
C ARG B 275 -7.04 3.56 -45.51
N GLN B 276 -8.01 3.95 -46.33
CA GLN B 276 -9.22 3.18 -46.60
C GLN B 276 -9.39 3.18 -48.11
N GLY B 277 -8.84 2.16 -48.77
CA GLY B 277 -8.79 2.19 -50.21
C GLY B 277 -7.88 3.30 -50.67
N ASN B 278 -8.46 4.37 -51.22
CA ASN B 278 -7.72 5.56 -51.59
C ASN B 278 -8.04 6.77 -50.71
N SER B 279 -9.07 6.67 -49.88
CA SER B 279 -9.41 7.74 -48.94
C SER B 279 -8.55 7.61 -47.69
N VAL B 280 -8.62 8.63 -46.83
CA VAL B 280 -7.83 8.66 -45.60
C VAL B 280 -8.66 9.24 -44.47
N TRP B 281 -8.58 8.61 -43.29
CA TRP B 281 -9.19 9.12 -42.07
C TRP B 281 -8.17 10.00 -41.34
N ALA B 282 -7.89 11.15 -41.94
CA ALA B 282 -6.86 12.04 -41.40
C ALA B 282 -7.40 12.79 -40.18
N GLY B 283 -6.67 12.71 -39.08
CA GLY B 283 -7.02 13.42 -37.87
C GLY B 283 -6.16 14.67 -37.71
N ARG B 284 -6.79 15.73 -37.21
CA ARG B 284 -6.10 17.01 -37.04
C ARG B 284 -6.80 17.81 -35.96
N THR B 285 -6.08 18.79 -35.42
CA THR B 285 -6.67 19.69 -34.44
C THR B 285 -7.65 20.65 -35.13
N VAL B 286 -8.61 21.17 -34.35
CA VAL B 286 -9.59 22.09 -34.91
C VAL B 286 -8.93 23.41 -35.25
N SER B 287 -8.14 23.95 -34.33
CA SER B 287 -7.50 25.23 -34.55
C SER B 287 -6.36 25.10 -35.53
N ILE B 288 -6.06 26.20 -36.23
CA ILE B 288 -4.99 26.21 -37.22
C ILE B 288 -3.68 26.72 -36.66
N SER B 289 -3.64 27.15 -35.40
CA SER B 289 -2.40 27.67 -34.82
C SER B 289 -2.18 27.22 -33.38
N SER B 290 -2.98 26.29 -32.87
CA SER B 290 -2.79 25.84 -31.50
C SER B 290 -3.33 24.42 -31.35
N ARG B 291 -2.87 23.75 -30.30
CA ARG B 291 -3.29 22.37 -30.02
C ARG B 291 -4.60 22.41 -29.24
N SER B 292 -5.69 22.62 -29.98
CA SER B 292 -7.02 22.64 -29.37
C SER B 292 -8.00 21.99 -30.32
N GLY B 293 -9.03 21.39 -29.74
CA GLY B 293 -10.04 20.71 -30.53
C GLY B 293 -9.43 19.54 -31.30
N PHE B 294 -10.31 18.76 -31.91
CA PHE B 294 -9.86 17.60 -32.66
C PHE B 294 -10.96 17.18 -33.63
N GLU B 295 -10.55 16.75 -34.82
CA GLU B 295 -11.46 16.37 -35.88
C GLU B 295 -10.95 15.10 -36.54
N ILE B 296 -11.87 14.38 -37.18
CA ILE B 296 -11.52 13.23 -37.99
C ILE B 296 -12.20 13.41 -39.34
N LEU B 297 -11.40 13.48 -40.40
CA LEU B 297 -11.87 13.79 -41.73
C LEU B 297 -11.63 12.60 -42.64
N LEU B 298 -12.68 12.16 -43.31
CA LEU B 298 -12.58 11.12 -44.33
C LEU B 298 -12.51 11.82 -45.68
N VAL B 299 -11.30 11.94 -46.22
CA VAL B 299 -11.06 12.67 -47.46
C VAL B 299 -11.09 11.67 -48.59
N GLU B 300 -12.00 11.87 -49.53
CA GLU B 300 -12.10 10.97 -50.68
C GLU B 300 -10.85 11.12 -51.54
N ASP B 301 -10.20 9.99 -51.82
CA ASP B 301 -9.00 9.96 -52.66
C ASP B 301 -7.91 10.87 -52.12
N GLY B 302 -7.95 11.19 -50.82
CA GLY B 302 -6.95 12.06 -50.24
C GLY B 302 -5.57 11.44 -50.15
N TRP B 303 -5.50 10.12 -50.25
CA TRP B 303 -4.21 9.43 -50.15
C TRP B 303 -3.37 9.57 -51.41
N VAL B 304 -3.99 9.79 -52.57
CA VAL B 304 -3.27 9.76 -53.84
C VAL B 304 -3.62 10.89 -54.78
N LYS B 305 -4.71 11.64 -54.59
CA LYS B 305 -5.23 12.50 -55.65
C LYS B 305 -5.44 13.95 -55.24
N THR B 306 -4.76 14.44 -54.20
CA THR B 306 -4.80 15.86 -53.85
C THR B 306 -6.21 16.39 -53.65
N SER B 307 -7.16 15.51 -53.39
CA SER B 307 -8.56 15.91 -53.32
C SER B 307 -8.84 16.71 -52.05
N LYS B 308 -9.89 17.53 -52.11
CA LYS B 308 -10.36 18.30 -50.97
C LYS B 308 -11.77 17.91 -50.52
N ASN B 309 -12.39 16.92 -51.16
CA ASN B 309 -13.77 16.56 -50.86
C ASN B 309 -13.83 15.81 -49.54
N VAL B 310 -14.25 16.49 -48.48
CA VAL B 310 -14.47 15.87 -47.18
C VAL B 310 -15.83 15.18 -47.19
N VAL B 311 -15.82 13.85 -47.14
CA VAL B 311 -17.08 13.11 -47.17
C VAL B 311 -17.74 13.09 -45.80
N LYS B 312 -16.95 12.92 -44.75
CA LYS B 312 -17.48 12.85 -43.40
C LYS B 312 -16.55 13.58 -42.44
N LYS B 313 -17.15 14.17 -41.41
CA LYS B 313 -16.39 14.84 -40.36
C LYS B 313 -16.96 14.46 -39.01
N VAL B 314 -16.07 14.29 -38.03
CA VAL B 314 -16.44 13.99 -36.66
C VAL B 314 -15.60 14.85 -35.73
N GLU B 315 -16.22 15.40 -34.70
CA GLU B 315 -15.52 16.18 -33.69
C GLU B 315 -15.58 15.44 -32.36
N VAL B 316 -14.43 15.29 -31.72
CA VAL B 316 -14.35 14.67 -30.40
C VAL B 316 -13.88 15.65 -29.33
N LEU B 317 -13.40 16.83 -29.71
CA LEU B 317 -13.12 17.90 -28.76
C LEU B 317 -13.48 19.22 -29.40
N ASN B 318 -14.30 20.02 -28.72
CA ASN B 318 -14.62 21.33 -29.25
C ASN B 318 -13.44 22.27 -29.04
N ASN B 319 -13.50 23.40 -29.73
CA ASN B 319 -12.32 24.25 -29.91
C ASN B 319 -11.84 24.90 -28.61
N LYS B 320 -12.61 24.87 -27.54
CA LYS B 320 -12.22 25.53 -26.30
C LYS B 320 -11.43 24.63 -25.35
N ASN B 321 -11.22 23.35 -25.70
CA ASN B 321 -10.47 22.43 -24.85
C ASN B 321 -9.11 22.12 -25.47
N TRP B 322 -8.09 22.01 -24.62
CA TRP B 322 -6.74 21.74 -25.10
C TRP B 322 -6.60 20.28 -25.55
N SER B 323 -5.75 20.07 -26.55
CA SER B 323 -5.50 18.75 -27.10
C SER B 323 -3.99 18.53 -27.21
N GLY B 324 -3.58 17.42 -27.84
CA GLY B 324 -2.17 17.15 -27.99
C GLY B 324 -1.87 16.07 -29.01
N TYR B 325 -0.94 15.17 -28.67
CA TYR B 325 -0.55 14.12 -29.58
C TYR B 325 -1.73 13.22 -29.93
N SER B 326 -1.56 12.46 -31.00
CA SER B 326 -2.55 11.47 -31.40
C SER B 326 -1.84 10.39 -32.21
N GLY B 327 -2.20 9.13 -31.96
CA GLY B 327 -1.53 8.01 -32.59
C GLY B 327 -2.50 6.90 -32.91
N ALA B 328 -2.01 5.93 -33.67
CA ALA B 328 -2.82 4.86 -34.19
C ALA B 328 -2.39 3.52 -33.62
N PHE B 329 -3.33 2.57 -33.61
CA PHE B 329 -3.05 1.19 -33.25
C PHE B 329 -4.23 0.34 -33.71
N THR B 330 -4.01 -0.96 -33.78
CA THR B 330 -5.03 -1.86 -34.30
C THR B 330 -5.23 -3.04 -33.37
N ILE B 331 -6.49 -3.45 -33.21
CA ILE B 331 -6.83 -4.62 -32.41
C ILE B 331 -6.69 -5.86 -33.28
N PRO B 332 -5.88 -6.84 -32.89
CA PRO B 332 -5.63 -7.99 -33.77
C PRO B 332 -6.81 -8.94 -33.83
N ILE B 333 -6.70 -9.89 -34.75
CA ILE B 333 -7.76 -10.88 -34.95
C ILE B 333 -7.99 -11.69 -33.69
N THR B 334 -6.93 -11.99 -32.94
CA THR B 334 -7.06 -12.92 -31.83
C THR B 334 -8.11 -12.44 -30.83
N MET B 335 -8.42 -11.15 -30.83
CA MET B 335 -9.39 -10.61 -29.89
C MET B 335 -10.80 -10.58 -30.48
N THR B 336 -10.95 -9.96 -31.66
CA THR B 336 -12.27 -9.68 -32.20
C THR B 336 -12.89 -10.84 -32.96
N SER B 337 -12.09 -11.80 -33.42
CA SER B 337 -12.52 -12.92 -34.25
C SER B 337 -12.96 -12.49 -35.64
N LYS B 338 -12.75 -11.22 -35.99
CA LYS B 338 -12.98 -10.77 -37.35
C LYS B 338 -11.81 -11.17 -38.23
N GLN B 339 -12.07 -11.25 -39.53
CA GLN B 339 -11.03 -11.57 -40.51
C GLN B 339 -10.32 -10.33 -41.01
N CYS B 340 -10.31 -9.26 -40.22
CA CYS B 340 -9.57 -8.06 -40.58
C CYS B 340 -9.23 -7.31 -39.31
N LEU B 341 -8.29 -6.38 -39.42
CA LEU B 341 -7.86 -5.59 -38.29
C LEU B 341 -8.77 -4.40 -38.11
N VAL B 342 -9.11 -4.10 -36.86
CA VAL B 342 -9.98 -2.98 -36.52
C VAL B 342 -9.09 -1.79 -36.18
N PRO B 343 -9.18 -0.68 -36.90
CA PRO B 343 -8.39 0.50 -36.55
C PRO B 343 -8.91 1.19 -35.29
N CYS B 344 -8.00 1.86 -34.59
CA CYS B 344 -8.31 2.63 -33.41
C CYS B 344 -7.29 3.75 -33.30
N PHE B 345 -7.61 4.78 -32.54
CA PHE B 345 -6.66 5.87 -32.34
C PHE B 345 -6.85 6.46 -30.95
N TRP B 346 -5.81 7.10 -30.44
CA TRP B 346 -5.82 7.68 -29.12
C TRP B 346 -5.46 9.16 -29.18
N LEU B 347 -5.98 9.91 -28.23
CA LEU B 347 -5.89 11.37 -28.24
C LEU B 347 -5.59 11.83 -26.82
N GLU B 348 -4.47 12.51 -26.64
CA GLU B 348 -4.10 13.05 -25.34
C GLU B 348 -4.53 14.50 -25.22
N MET B 349 -4.70 14.94 -23.97
CA MET B 349 -5.19 16.28 -23.66
C MET B 349 -4.25 16.90 -22.64
N ILE B 350 -3.39 17.80 -23.09
CA ILE B 350 -2.36 18.37 -22.24
C ILE B 350 -2.97 19.48 -21.40
N ARG B 351 -2.53 19.57 -20.15
CA ARG B 351 -2.89 20.66 -19.25
C ARG B 351 -1.70 20.96 -18.38
N GLY B 352 -1.41 22.24 -18.19
CA GLY B 352 -0.26 22.62 -17.39
C GLY B 352 0.38 23.92 -17.79
N LYS B 353 1.66 24.07 -17.48
CA LYS B 353 2.37 25.33 -17.67
C LYS B 353 2.49 25.74 -19.14
N PRO B 354 2.56 24.80 -20.10
CA PRO B 354 2.78 25.22 -21.49
C PRO B 354 1.75 26.21 -22.01
N GLU B 355 0.49 26.15 -21.54
CA GLU B 355 -0.53 27.09 -21.99
C GLU B 355 -1.26 27.73 -20.81
N GLU B 356 -1.29 27.03 -19.67
CA GLU B 356 -1.86 27.56 -18.43
C GLU B 356 -0.70 27.98 -17.53
N ARG B 357 -0.42 29.29 -17.50
CA ARG B 357 0.85 29.77 -16.97
C ARG B 357 0.97 29.51 -15.47
N THR B 358 -0.14 29.62 -14.73
CA THR B 358 -0.05 29.65 -13.28
C THR B 358 0.29 28.30 -12.66
N SER B 359 0.04 27.20 -13.35
CA SER B 359 0.35 25.89 -12.79
C SER B 359 1.83 25.59 -12.92
N ILE B 360 2.36 24.88 -11.92
CA ILE B 360 3.78 24.54 -11.92
C ILE B 360 4.06 23.21 -12.60
N TRP B 361 3.04 22.43 -12.91
CA TRP B 361 3.20 21.07 -13.40
C TRP B 361 2.64 20.95 -14.80
N THR B 362 2.75 19.76 -15.37
CA THR B 362 2.25 19.48 -16.71
C THR B 362 1.89 18.01 -16.79
N SER B 363 0.64 17.72 -17.10
CA SER B 363 0.20 16.34 -17.27
C SER B 363 -0.83 16.28 -18.40
N SER B 364 -1.19 15.06 -18.79
CA SER B 364 -2.12 14.86 -19.88
C SER B 364 -3.00 13.65 -19.57
N SER B 365 -4.17 13.63 -20.21
CA SER B 365 -5.14 12.58 -20.01
C SER B 365 -5.50 11.98 -21.37
N SER B 366 -5.65 10.66 -21.40
CA SER B 366 -5.80 9.94 -22.66
C SER B 366 -7.26 9.60 -22.92
N THR B 367 -7.60 9.57 -24.19
CA THR B 367 -8.90 9.11 -24.67
C THR B 367 -8.65 8.13 -25.80
N VAL B 368 -9.49 7.11 -25.91
CA VAL B 368 -9.32 6.07 -26.91
C VAL B 368 -10.62 5.91 -27.68
N PHE B 369 -10.52 5.80 -29.00
CA PHE B 369 -11.65 5.50 -29.86
C PHE B 369 -11.28 4.32 -30.76
N CYS B 370 -12.29 3.59 -31.20
CA CYS B 370 -12.12 2.53 -32.18
C CYS B 370 -13.17 2.67 -33.27
N GLY B 371 -12.75 2.44 -34.51
CA GLY B 371 -13.68 2.51 -35.62
C GLY B 371 -14.69 1.39 -35.56
N VAL B 372 -15.88 1.65 -36.09
CA VAL B 372 -16.96 0.68 -36.17
C VAL B 372 -17.73 0.96 -37.45
N SER B 373 -18.38 -0.09 -37.98
CA SER B 373 -18.93 -0.02 -39.33
C SER B 373 -20.04 1.02 -39.45
N SER B 374 -20.87 1.16 -38.43
CA SER B 374 -21.94 2.14 -38.47
C SER B 374 -21.36 3.55 -38.36
N GLU B 375 -22.11 4.52 -38.87
CA GLU B 375 -21.75 5.92 -38.71
C GLU B 375 -22.22 6.42 -37.34
N VAL B 376 -21.37 7.20 -36.69
CA VAL B 376 -21.61 7.54 -35.29
C VAL B 376 -21.35 9.03 -35.06
N PRO B 377 -22.15 9.69 -34.23
CA PRO B 377 -21.93 11.12 -33.97
C PRO B 377 -20.91 11.35 -32.87
N GLY B 378 -20.48 12.60 -32.76
CA GLY B 378 -19.48 12.97 -31.79
C GLY B 378 -19.97 13.94 -30.73
N TRP B 379 -19.26 14.01 -29.62
CA TRP B 379 -19.57 14.94 -28.55
C TRP B 379 -18.27 15.27 -27.81
N SER B 380 -18.27 16.37 -27.07
CA SER B 380 -17.03 16.85 -26.46
C SER B 380 -16.61 16.03 -25.24
N TRP B 381 -15.93 14.91 -25.45
CA TRP B 381 -15.41 14.09 -24.34
C TRP B 381 -14.18 14.73 -23.74
N ASP B 382 -14.35 15.91 -23.14
CA ASP B 382 -13.22 16.76 -22.80
C ASP B 382 -12.60 16.33 -21.46
N ASP B 383 -11.44 16.92 -21.15
CA ASP B 383 -10.66 16.51 -19.99
C ASP B 383 -11.42 16.76 -18.69
N GLY B 384 -11.91 17.97 -18.50
CA GLY B 384 -12.76 18.26 -17.36
C GLY B 384 -12.06 18.52 -16.05
N ALA B 385 -10.73 18.61 -16.02
CA ALA B 385 -10.04 19.02 -14.82
C ALA B 385 -10.33 20.49 -14.54
N ILE B 386 -10.21 20.89 -13.28
CA ILE B 386 -10.48 22.26 -12.86
C ILE B 386 -9.24 22.74 -12.11
N LEU B 387 -8.34 23.39 -12.82
CA LEU B 387 -7.15 23.97 -12.22
C LEU B 387 -7.47 25.34 -11.65
N PRO B 388 -6.60 25.88 -10.79
CA PRO B 388 -5.33 25.32 -10.29
C PRO B 388 -5.52 24.29 -9.19
N PHE B 389 -4.57 23.36 -9.06
CA PHE B 389 -4.59 22.37 -8.00
C PHE B 389 -4.04 22.96 -6.71
N ASP B 390 -4.17 22.18 -5.64
CA ASP B 390 -3.78 22.64 -4.32
C ASP B 390 -2.29 22.94 -4.20
N ILE B 391 -1.46 22.27 -5.01
CA ILE B 391 -0.02 22.54 -4.95
C ILE B 391 0.35 23.83 -5.67
N ASP B 392 -0.45 24.24 -6.65
CA ASP B 392 -0.17 25.48 -7.37
C ASP B 392 -0.51 26.72 -6.55
N LYS B 393 -1.27 26.57 -5.48
CA LYS B 393 -1.64 27.71 -4.66
C LYS B 393 -0.50 28.08 -3.73
N GLU C 1 -17.36 -22.90 -23.09
CA GLU C 1 -18.72 -23.44 -22.76
C GLU C 1 -19.67 -22.32 -22.34
N PHE C 2 -20.91 -22.39 -22.84
CA PHE C 2 -21.92 -21.40 -22.49
C PHE C 2 -22.52 -21.71 -21.12
N LEU C 3 -22.99 -20.65 -20.46
CA LEU C 3 -23.53 -20.74 -19.10
C LEU C 3 -25.04 -20.76 -19.17
N ASN C 4 -25.61 -21.97 -19.15
CA ASN C 4 -27.04 -22.18 -19.27
C ASN C 4 -27.83 -21.38 -18.25
N ASN C 5 -29.10 -21.08 -18.56
CA ASN C 5 -30.03 -20.61 -17.54
C ASN C 5 -31.43 -21.14 -17.77
N THR C 6 -31.57 -22.33 -18.34
CA THR C 6 -32.89 -22.82 -18.71
C THR C 6 -33.72 -23.28 -17.51
N GLU C 7 -33.21 -23.21 -16.30
CA GLU C 7 -33.86 -23.91 -15.20
C GLU C 7 -34.81 -23.01 -14.42
N PRO C 8 -35.80 -23.60 -13.75
CA PRO C 8 -36.78 -22.80 -12.99
C PRO C 8 -36.16 -22.13 -11.79
N LEU C 9 -36.74 -21.01 -11.39
CA LEU C 9 -36.27 -20.27 -10.23
C LEU C 9 -36.77 -20.93 -8.94
N CYS C 10 -35.90 -21.02 -7.94
CA CYS C 10 -36.24 -21.73 -6.71
C CYS C 10 -37.29 -20.98 -5.91
N ASN C 11 -38.12 -21.76 -5.19
CA ASN C 11 -39.18 -21.21 -4.33
C ASN C 11 -38.59 -20.82 -2.97
N VAL C 12 -37.80 -19.74 -2.98
CA VAL C 12 -37.10 -19.30 -1.80
C VAL C 12 -38.07 -18.85 -0.72
N SER C 13 -37.75 -19.18 0.53
CA SER C 13 -38.60 -18.82 1.66
C SER C 13 -38.21 -17.50 2.32
N GLY C 14 -36.96 -17.09 2.22
CA GLY C 14 -36.52 -15.91 2.92
C GLY C 14 -35.16 -15.44 2.43
N PHE C 15 -34.71 -14.34 3.02
CA PHE C 15 -33.55 -13.62 2.55
C PHE C 15 -32.55 -13.44 3.66
N ALA C 16 -31.27 -13.36 3.27
CA ALA C 16 -30.18 -13.11 4.19
C ALA C 16 -29.17 -12.20 3.49
N ILE C 17 -28.31 -11.61 4.27
CA ILE C 17 -27.39 -10.62 3.74
C ILE C 17 -26.10 -11.28 3.28
N VAL C 18 -25.48 -10.69 2.27
CA VAL C 18 -24.30 -11.28 1.64
C VAL C 18 -23.11 -10.32 1.70
N SER C 19 -23.31 -9.06 1.31
CA SER C 19 -22.20 -8.12 1.24
C SER C 19 -22.70 -6.71 1.53
N LYS C 20 -21.77 -5.87 1.99
CA LYS C 20 -22.05 -4.51 2.45
C LYS C 20 -20.79 -3.69 2.15
N ASP C 21 -20.82 -2.95 1.05
CA ASP C 21 -19.59 -2.42 0.50
C ASP C 21 -19.06 -1.17 1.21
N ASN C 22 -19.84 -0.50 2.07
CA ASN C 22 -19.31 0.57 2.91
C ASN C 22 -18.71 1.71 2.10
N GLY C 23 -19.18 1.92 0.88
CA GLY C 23 -18.52 2.87 -0.01
C GLY C 23 -18.32 4.22 0.63
N ILE C 24 -19.38 4.82 1.15
CA ILE C 24 -19.30 6.16 1.69
C ILE C 24 -18.45 6.19 2.96
N ARG C 25 -18.64 5.22 3.85
CA ARG C 25 -17.96 5.28 5.14
C ARG C 25 -16.45 5.24 4.96
N ILE C 26 -15.94 4.27 4.21
CA ILE C 26 -14.51 4.15 4.03
C ILE C 26 -13.97 5.35 3.28
N GLY C 27 -14.74 5.88 2.34
CA GLY C 27 -14.24 6.98 1.52
C GLY C 27 -13.84 8.21 2.31
N SER C 28 -14.26 8.29 3.57
CA SER C 28 -13.98 9.50 4.34
C SER C 28 -12.49 9.76 4.45
N ARG C 29 -11.67 8.70 4.37
CA ARG C 29 -10.23 8.88 4.31
C ARG C 29 -9.62 8.08 3.16
N GLY C 30 -10.22 6.93 2.84
CA GLY C 30 -9.75 6.14 1.73
C GLY C 30 -10.19 6.72 0.40
N HIS C 31 -9.54 6.24 -0.65
CA HIS C 31 -9.77 6.75 -2.00
C HIS C 31 -10.84 5.90 -2.66
N VAL C 32 -12.07 6.42 -2.64
CA VAL C 32 -13.23 5.71 -3.17
C VAL C 32 -14.01 6.66 -4.05
N PHE C 33 -14.53 6.16 -5.16
CA PHE C 33 -15.24 6.99 -6.12
C PHE C 33 -16.59 7.44 -5.59
N VAL C 34 -17.05 8.56 -6.12
CA VAL C 34 -18.46 8.91 -6.01
C VAL C 34 -19.26 7.92 -6.82
N ILE C 35 -20.35 7.45 -6.24
CA ILE C 35 -21.07 6.30 -6.79
C ILE C 35 -22.52 6.67 -7.04
N ARG C 36 -23.14 5.96 -7.98
CA ARG C 36 -24.58 5.99 -8.15
C ARG C 36 -25.00 4.69 -8.83
N GLU C 37 -26.17 4.19 -8.44
CA GLU C 37 -26.83 3.09 -9.12
C GLU C 37 -25.96 1.84 -9.23
N PRO C 38 -25.44 1.33 -8.11
CA PRO C 38 -24.71 0.06 -8.16
C PRO C 38 -25.63 -1.11 -8.41
N PHE C 39 -25.05 -2.19 -8.93
CA PHE C 39 -25.79 -3.42 -9.19
C PHE C 39 -24.79 -4.57 -9.25
N VAL C 40 -25.33 -5.76 -9.48
CA VAL C 40 -24.55 -7.00 -9.38
C VAL C 40 -24.62 -7.74 -10.71
N ALA C 41 -23.58 -8.55 -10.95
CA ALA C 41 -23.59 -9.56 -11.99
C ALA C 41 -22.62 -10.66 -11.60
N CYS C 42 -22.95 -11.90 -11.96
CA CYS C 42 -22.13 -13.05 -11.63
C CYS C 42 -21.77 -13.83 -12.88
N GLY C 43 -20.48 -14.06 -13.06
CA GLY C 43 -20.01 -15.00 -14.06
C GLY C 43 -20.03 -16.40 -13.50
N PRO C 44 -19.38 -17.34 -14.18
CA PRO C 44 -19.37 -18.73 -13.68
C PRO C 44 -18.50 -18.93 -12.46
N THR C 45 -17.61 -17.99 -12.14
CA THR C 45 -16.67 -18.18 -11.04
C THR C 45 -16.55 -16.99 -10.09
N GLU C 46 -17.09 -15.82 -10.42
CA GLU C 46 -16.99 -14.69 -9.52
C GLU C 46 -18.20 -13.78 -9.71
N CYS C 47 -18.44 -12.95 -8.70
CA CYS C 47 -19.51 -11.96 -8.73
C CYS C 47 -18.91 -10.58 -8.50
N ARG C 48 -19.48 -9.57 -9.13
CA ARG C 48 -18.88 -8.25 -9.14
C ARG C 48 -19.92 -7.16 -8.94
N THR C 49 -19.51 -6.10 -8.26
CA THR C 49 -20.32 -4.90 -8.17
C THR C 49 -20.00 -4.00 -9.35
N PHE C 50 -20.95 -3.84 -10.26
CA PHE C 50 -20.82 -2.89 -11.35
C PHE C 50 -21.53 -1.59 -10.96
N PHE C 51 -20.84 -0.47 -11.14
CA PHE C 51 -21.35 0.80 -10.66
C PHE C 51 -20.99 1.93 -11.60
N LEU C 52 -21.84 2.94 -11.61
CA LEU C 52 -21.57 4.19 -12.32
C LEU C 52 -20.83 5.15 -11.40
N THR C 53 -20.10 6.07 -12.00
CA THR C 53 -19.37 7.07 -11.24
C THR C 53 -19.46 8.42 -11.93
N GLN C 54 -18.95 9.43 -11.25
CA GLN C 54 -18.79 10.77 -11.81
C GLN C 54 -17.33 11.16 -11.95
N GLY C 55 -16.43 10.18 -11.91
CA GLY C 55 -15.05 10.46 -12.19
C GLY C 55 -14.34 11.33 -11.19
N ALA C 56 -14.81 11.35 -9.94
CA ALA C 56 -14.16 12.13 -8.89
C ALA C 56 -14.23 11.37 -7.57
N LEU C 57 -13.29 11.65 -6.68
CA LEU C 57 -13.19 10.96 -5.40
C LEU C 57 -13.87 11.77 -4.30
N LEU C 58 -14.40 11.05 -3.32
CA LEU C 58 -15.17 11.67 -2.27
C LEU C 58 -14.31 12.69 -1.52
N ASN C 59 -14.95 13.77 -1.09
CA ASN C 59 -14.29 14.79 -0.26
C ASN C 59 -13.30 15.63 -1.05
N ASP C 60 -13.15 15.37 -2.34
CA ASP C 60 -12.33 16.22 -3.18
C ASP C 60 -13.20 17.29 -3.82
N LYS C 61 -12.56 18.41 -4.19
CA LYS C 61 -13.34 19.54 -4.67
C LYS C 61 -14.08 19.22 -5.97
N HIS C 62 -13.58 18.26 -6.74
CA HIS C 62 -14.19 17.93 -8.03
C HIS C 62 -15.55 17.29 -7.91
N SER C 63 -16.02 16.98 -6.71
CA SER C 63 -17.41 16.57 -6.54
C SER C 63 -18.36 17.75 -6.45
N ASN C 64 -17.87 18.97 -6.68
CA ASN C 64 -18.72 20.15 -6.68
C ASN C 64 -19.99 19.88 -7.47
N ASN C 65 -21.13 20.23 -6.89
CA ASN C 65 -22.38 20.36 -7.63
C ASN C 65 -22.77 19.09 -8.39
N THR C 66 -22.23 17.92 -8.03
CA THR C 66 -22.61 16.71 -8.75
C THR C 66 -24.03 16.29 -8.36
N ASP C 69 -28.16 14.84 -13.73
CA ASP C 69 -26.74 14.93 -13.38
C ASP C 69 -25.87 14.42 -14.52
N ARG C 70 -26.51 13.91 -15.57
CA ARG C 70 -25.79 13.33 -16.70
C ARG C 70 -24.78 14.34 -17.25
N SER C 71 -23.60 13.84 -17.56
CA SER C 71 -22.49 14.69 -17.98
C SER C 71 -21.47 13.81 -18.69
N PRO C 72 -20.57 14.42 -19.49
CA PRO C 72 -19.66 13.61 -20.30
C PRO C 72 -18.73 12.73 -19.49
N TYR C 73 -18.37 13.12 -18.27
CA TYR C 73 -17.26 12.49 -17.59
C TYR C 73 -17.60 11.12 -16.99
N ARG C 74 -18.87 10.74 -16.96
CA ARG C 74 -19.26 9.52 -16.27
C ARG C 74 -18.64 8.29 -16.91
N ALA C 75 -18.21 7.35 -16.07
CA ALA C 75 -17.57 6.12 -16.53
C ALA C 75 -18.05 4.95 -15.71
N LEU C 76 -18.38 3.85 -16.39
CA LEU C 76 -18.70 2.61 -15.71
C LEU C 76 -17.41 1.94 -15.25
N MET C 77 -17.45 1.37 -14.05
CA MET C 77 -16.29 0.67 -13.51
C MET C 77 -16.76 -0.55 -12.74
N SER C 78 -15.85 -1.49 -12.54
CA SER C 78 -16.21 -2.80 -12.00
C SER C 78 -15.25 -3.18 -10.90
N VAL C 79 -15.76 -3.92 -9.91
CA VAL C 79 -14.97 -4.31 -8.75
C VAL C 79 -15.49 -5.65 -8.23
N PRO C 80 -14.66 -6.49 -7.61
CA PRO C 80 -15.17 -7.73 -7.02
C PRO C 80 -16.17 -7.45 -5.90
N LEU C 81 -17.10 -8.37 -5.74
CA LEU C 81 -18.17 -8.28 -4.74
C LEU C 81 -17.62 -7.98 -3.36
N GLY C 82 -18.25 -7.03 -2.66
CA GLY C 82 -17.94 -6.75 -1.28
C GLY C 82 -16.79 -5.79 -1.03
N SER C 83 -15.84 -5.70 -1.95
CA SER C 83 -14.81 -4.67 -1.84
C SER C 83 -15.44 -3.30 -2.01
N SER C 84 -14.93 -2.32 -1.28
CA SER C 84 -15.34 -0.96 -1.54
C SER C 84 -14.90 -0.55 -2.94
N PRO C 85 -15.69 0.29 -3.62
CA PRO C 85 -15.27 0.74 -4.97
C PRO C 85 -14.11 1.72 -4.93
N ASN C 86 -12.93 1.22 -4.60
CA ASN C 86 -11.78 2.06 -4.36
C ASN C 86 -10.99 2.31 -5.65
N ALA C 87 -10.16 3.35 -5.62
CA ALA C 87 -9.49 3.81 -6.83
C ALA C 87 -8.44 2.84 -7.36
N TYR C 88 -8.06 1.82 -6.58
CA TYR C 88 -6.91 1.01 -6.89
C TYR C 88 -7.23 -0.45 -7.19
N GLN C 89 -8.45 -0.90 -6.93
CA GLN C 89 -8.96 -2.13 -7.51
C GLN C 89 -9.83 -1.88 -8.73
N ALA C 90 -10.13 -0.62 -9.02
CA ALA C 90 -11.10 -0.28 -10.05
C ALA C 90 -10.64 -0.78 -11.42
N LYS C 91 -11.55 -1.40 -12.14
CA LYS C 91 -11.32 -1.80 -13.53
C LYS C 91 -12.30 -1.07 -14.42
N PHE C 92 -11.80 -0.56 -15.54
CA PHE C 92 -12.60 0.26 -16.43
C PHE C 92 -13.37 -0.62 -17.41
N GLU C 93 -14.58 -0.17 -17.76
CA GLU C 93 -15.39 -0.88 -18.75
C GLU C 93 -15.90 -0.03 -19.89
N SER C 94 -16.20 1.25 -19.67
CA SER C 94 -16.76 2.03 -20.77
C SER C 94 -17.05 3.45 -20.30
N VAL C 95 -16.94 4.39 -21.24
CA VAL C 95 -17.50 5.71 -21.00
C VAL C 95 -19.01 5.59 -21.10
N ALA C 96 -19.71 6.03 -20.05
CA ALA C 96 -21.14 5.78 -19.98
C ALA C 96 -21.83 6.61 -18.90
N TRP C 97 -23.04 7.10 -19.16
CA TRP C 97 -23.90 7.56 -18.07
C TRP C 97 -25.14 6.70 -17.91
N SER C 98 -25.18 5.53 -18.54
CA SER C 98 -26.09 4.46 -18.13
C SER C 98 -25.60 3.17 -18.75
N ALA C 99 -25.86 2.05 -18.08
CA ALA C 99 -25.16 0.82 -18.43
C ALA C 99 -25.93 -0.40 -17.98
N THR C 100 -25.54 -1.54 -18.54
CA THR C 100 -25.93 -2.86 -18.09
C THR C 100 -24.75 -3.80 -18.35
N ALA C 101 -24.68 -4.87 -17.56
CA ALA C 101 -23.55 -5.78 -17.70
C ALA C 101 -23.98 -7.18 -17.28
N CYS C 102 -23.38 -8.18 -17.89
CA CYS C 102 -23.69 -9.57 -17.58
C CYS C 102 -22.62 -10.46 -18.19
N HIS C 103 -22.87 -11.77 -18.16
CA HIS C 103 -21.90 -12.77 -18.57
C HIS C 103 -22.60 -13.88 -19.34
N ASP C 104 -21.89 -14.46 -20.31
CA ASP C 104 -22.46 -15.50 -21.15
C ASP C 104 -21.82 -16.88 -20.97
N GLY C 105 -20.79 -16.98 -20.14
CA GLY C 105 -20.03 -18.21 -19.94
C GLY C 105 -18.65 -18.18 -20.56
N LYS C 106 -18.47 -17.48 -21.66
CA LYS C 106 -17.16 -17.38 -22.29
C LYS C 106 -16.41 -16.15 -21.80
N ARG C 107 -17.06 -14.99 -21.81
CA ARG C 107 -16.42 -13.74 -21.43
C ARG C 107 -17.47 -12.73 -20.97
N TRP C 108 -16.99 -11.67 -20.34
CA TRP C 108 -17.86 -10.59 -19.89
C TRP C 108 -18.45 -9.84 -21.08
N LEU C 109 -19.62 -9.26 -20.85
CA LEU C 109 -20.30 -8.42 -21.83
C LEU C 109 -20.91 -7.23 -21.10
N ALA C 110 -20.82 -6.06 -21.72
CA ALA C 110 -21.36 -4.86 -21.12
C ALA C 110 -21.85 -3.93 -22.22
N VAL C 111 -22.72 -2.99 -21.83
CA VAL C 111 -23.26 -2.01 -22.75
C VAL C 111 -23.34 -0.68 -22.03
N GLY C 112 -22.99 0.40 -22.73
CA GLY C 112 -23.06 1.72 -22.16
C GLY C 112 -23.67 2.69 -23.15
N ILE C 113 -23.89 3.90 -22.67
CA ILE C 113 -24.44 4.98 -23.47
C ILE C 113 -23.68 6.26 -23.17
N SER C 114 -23.40 7.04 -24.20
CA SER C 114 -22.76 8.32 -24.03
C SER C 114 -23.27 9.27 -25.10
N GLY C 115 -22.97 10.55 -24.91
CA GLY C 115 -23.26 11.56 -25.91
C GLY C 115 -24.20 12.63 -25.39
N ALA C 116 -24.35 13.67 -26.20
CA ALA C 116 -25.21 14.77 -25.82
C ALA C 116 -26.66 14.30 -25.73
N ASP C 117 -27.50 15.16 -25.14
CA ASP C 117 -28.86 14.75 -24.83
C ASP C 117 -29.68 14.39 -26.06
N ASP C 118 -29.31 14.88 -27.24
CA ASP C 118 -30.14 14.72 -28.43
C ASP C 118 -29.52 13.83 -29.51
N ASP C 119 -28.33 13.25 -29.29
CA ASP C 119 -27.76 12.36 -30.29
C ASP C 119 -27.06 11.15 -29.67
N ALA C 120 -27.37 10.79 -28.43
CA ALA C 120 -26.63 9.73 -27.76
C ALA C 120 -26.67 8.45 -28.57
N TYR C 121 -25.78 7.53 -28.21
CA TYR C 121 -25.71 6.23 -28.86
C TYR C 121 -25.18 5.21 -27.85
N ALA C 122 -25.30 3.94 -28.22
CA ALA C 122 -24.97 2.84 -27.33
C ALA C 122 -23.79 2.06 -27.89
N VAL C 123 -22.97 1.52 -27.00
CA VAL C 123 -21.79 0.73 -27.35
C VAL C 123 -21.89 -0.63 -26.69
N ILE C 124 -21.39 -1.65 -27.37
CA ILE C 124 -21.30 -3.00 -26.83
C ILE C 124 -19.82 -3.32 -26.65
N HIS C 125 -19.44 -3.71 -25.43
CA HIS C 125 -18.10 -4.23 -25.17
C HIS C 125 -18.20 -5.73 -24.92
N TYR C 126 -17.36 -6.49 -25.61
CA TYR C 126 -17.32 -7.94 -25.47
C TYR C 126 -15.88 -8.38 -25.34
N GLY C 127 -15.60 -9.19 -24.33
CA GLY C 127 -14.24 -9.57 -24.06
C GLY C 127 -13.31 -8.41 -23.80
N GLY C 128 -13.84 -7.27 -23.37
CA GLY C 128 -13.05 -6.10 -23.07
C GLY C 128 -12.77 -5.20 -24.26
N MET C 129 -13.30 -5.51 -25.44
CA MET C 129 -13.02 -4.75 -26.65
C MET C 129 -14.33 -4.33 -27.33
N PRO C 130 -14.35 -3.17 -27.98
CA PRO C 130 -15.58 -2.71 -28.63
C PRO C 130 -15.94 -3.59 -29.81
N THR C 131 -17.25 -3.72 -30.06
CA THR C 131 -17.71 -4.59 -31.13
C THR C 131 -18.81 -3.97 -31.99
N ASP C 132 -19.62 -3.08 -31.41
CA ASP C 132 -20.80 -2.65 -32.13
C ASP C 132 -21.30 -1.31 -31.59
N VAL C 133 -22.13 -0.65 -32.40
CA VAL C 133 -22.73 0.63 -32.07
C VAL C 133 -24.17 0.61 -32.53
N VAL C 134 -25.06 1.17 -31.73
CA VAL C 134 -26.49 1.27 -32.04
C VAL C 134 -26.90 2.72 -31.89
N ARG C 135 -27.54 3.26 -32.93
CA ARG C 135 -28.05 4.62 -32.84
C ARG C 135 -29.41 4.64 -32.16
N SER C 136 -29.80 5.82 -31.68
CA SER C 136 -31.16 6.05 -31.20
C SER C 136 -32.10 6.14 -32.41
N TRP C 137 -33.41 6.04 -32.16
CA TRP C 137 -34.34 6.13 -33.28
C TRP C 137 -35.30 7.32 -33.17
N ARG C 138 -36.02 7.46 -32.05
CA ARG C 138 -36.86 8.65 -31.90
C ARG C 138 -36.09 9.83 -31.33
N LYS C 139 -34.87 9.61 -30.87
CA LYS C 139 -33.91 10.68 -30.61
C LYS C 139 -34.37 11.65 -29.52
N GLN C 140 -34.70 11.07 -28.36
CA GLN C 140 -34.59 11.78 -27.09
C GLN C 140 -33.62 11.00 -26.22
N ILE C 141 -33.52 11.34 -24.95
CA ILE C 141 -32.47 10.78 -24.11
C ILE C 141 -32.59 9.28 -24.15
N LEU C 142 -31.58 8.62 -24.71
CA LEU C 142 -31.58 7.18 -24.88
C LEU C 142 -31.18 6.50 -23.58
N ARG C 143 -31.99 5.54 -23.14
CA ARG C 143 -31.89 5.02 -21.78
C ARG C 143 -31.91 3.50 -21.80
N THR C 144 -31.50 2.92 -20.69
CA THR C 144 -31.40 1.48 -20.54
C THR C 144 -31.91 1.08 -19.17
N GLN C 145 -32.04 -0.22 -18.98
CA GLN C 145 -32.11 -0.75 -17.63
C GLN C 145 -30.74 -0.56 -16.99
N GLU C 146 -30.70 0.15 -15.87
CA GLU C 146 -29.46 0.46 -15.18
C GLU C 146 -29.11 -0.62 -14.15
N SER C 147 -28.96 -1.85 -14.62
CA SER C 147 -28.91 -3.00 -13.73
C SER C 147 -28.21 -4.16 -14.42
N SER C 148 -28.37 -5.36 -13.87
CA SER C 148 -27.89 -6.58 -14.50
C SER C 148 -28.63 -6.84 -15.81
N CYS C 149 -28.20 -7.88 -16.51
CA CYS C 149 -28.90 -8.34 -17.72
C CYS C 149 -28.86 -9.85 -17.77
N VAL C 150 -29.76 -10.41 -18.57
CA VAL C 150 -29.95 -11.85 -18.68
C VAL C 150 -29.34 -12.31 -20.00
N CYS C 151 -28.69 -13.47 -19.97
CA CYS C 151 -28.08 -14.04 -21.17
C CYS C 151 -28.32 -15.54 -21.17
N MET C 152 -28.59 -16.11 -22.34
CA MET C 152 -28.83 -17.53 -22.46
C MET C 152 -28.33 -18.02 -23.81
N LYS C 153 -27.82 -19.25 -23.83
CA LYS C 153 -27.44 -19.94 -25.06
C LYS C 153 -26.53 -19.06 -25.93
N GLY C 154 -25.63 -18.31 -25.29
CA GLY C 154 -24.70 -17.48 -26.02
C GLY C 154 -25.29 -16.19 -26.53
N ASN C 155 -26.38 -15.73 -25.94
CA ASN C 155 -27.05 -14.49 -26.33
C ASN C 155 -27.35 -13.68 -25.07
N CYS C 156 -27.52 -12.38 -25.26
CA CYS C 156 -27.85 -11.46 -24.18
C CYS C 156 -29.02 -10.58 -24.57
N TYR C 157 -29.85 -10.26 -23.59
CA TYR C 157 -31.06 -9.48 -23.80
C TYR C 157 -30.99 -8.24 -22.92
N TRP C 158 -31.50 -7.13 -23.43
CA TRP C 158 -31.74 -5.99 -22.55
C TRP C 158 -32.77 -5.07 -23.17
N VAL C 159 -33.48 -4.39 -22.31
CA VAL C 159 -34.47 -3.42 -22.71
C VAL C 159 -33.81 -2.08 -22.90
N MET C 160 -34.42 -1.25 -23.74
CA MET C 160 -34.02 0.13 -23.91
C MET C 160 -35.30 0.94 -24.09
N THR C 161 -35.14 2.26 -24.08
CA THR C 161 -36.27 3.12 -24.33
C THR C 161 -35.78 4.39 -24.98
N ASP C 162 -36.70 5.07 -25.66
CA ASP C 162 -36.40 6.30 -26.35
C ASP C 162 -37.65 7.17 -26.32
N GLY C 163 -37.43 8.48 -26.32
CA GLY C 163 -38.53 9.42 -26.27
C GLY C 163 -38.64 10.11 -24.93
N PRO C 164 -39.72 10.84 -24.72
CA PRO C 164 -39.81 11.68 -23.52
C PRO C 164 -39.61 10.89 -22.24
N ALA C 165 -39.25 11.62 -21.17
CA ALA C 165 -39.03 11.00 -19.87
C ALA C 165 -40.34 10.81 -19.12
N ASN C 166 -41.04 11.90 -18.83
CA ASN C 166 -42.24 11.90 -18.00
C ASN C 166 -43.52 11.66 -18.79
N SER C 167 -43.42 11.18 -20.02
CA SER C 167 -44.62 10.97 -20.82
C SER C 167 -44.40 9.77 -21.74
N GLN C 168 -45.49 9.31 -22.34
CA GLN C 168 -45.48 8.07 -23.10
C GLN C 168 -44.44 8.13 -24.22
N ALA C 169 -43.77 7.01 -24.45
CA ALA C 169 -42.63 6.99 -25.35
C ALA C 169 -42.55 5.61 -26.00
N SER C 170 -41.40 5.31 -26.60
CA SER C 170 -41.17 4.05 -27.31
C SER C 170 -40.16 3.22 -26.52
N TYR C 171 -40.23 1.91 -26.67
CA TYR C 171 -39.42 0.98 -25.90
C TYR C 171 -39.09 -0.21 -26.79
N LYS C 172 -37.97 -0.87 -26.53
CA LYS C 172 -37.47 -1.91 -27.40
C LYS C 172 -36.82 -3.02 -26.61
N ILE C 173 -36.61 -4.14 -27.29
CA ILE C 173 -35.86 -5.27 -26.76
C ILE C 173 -34.78 -5.62 -27.76
N PHE C 174 -33.63 -6.07 -27.27
CA PHE C 174 -32.53 -6.48 -28.13
C PHE C 174 -32.11 -7.90 -27.81
N LYS C 175 -31.67 -8.60 -28.83
CA LYS C 175 -31.00 -9.89 -28.70
C LYS C 175 -29.63 -9.78 -29.34
N SER C 176 -28.60 -10.06 -28.56
CA SER C 176 -27.22 -9.86 -29.00
C SER C 176 -26.46 -11.17 -28.90
N HIS C 177 -25.44 -11.30 -29.75
CA HIS C 177 -24.75 -12.56 -29.94
C HIS C 177 -23.26 -12.30 -30.04
N LYS C 178 -22.49 -12.80 -29.06
CA LYS C 178 -21.04 -12.62 -29.04
C LYS C 178 -20.68 -11.17 -29.35
N GLY C 179 -21.39 -10.25 -28.72
CA GLY C 179 -21.14 -8.84 -28.94
C GLY C 179 -22.23 -8.15 -29.73
N MET C 180 -22.06 -8.09 -31.04
CA MET C 180 -22.93 -7.28 -31.90
C MET C 180 -24.38 -7.73 -31.89
N VAL C 181 -25.27 -6.83 -32.31
CA VAL C 181 -26.71 -7.08 -32.30
C VAL C 181 -27.08 -8.08 -33.38
N THR C 182 -28.21 -8.77 -33.20
CA THR C 182 -28.70 -9.69 -34.20
C THR C 182 -30.21 -9.59 -34.43
N ASN C 183 -30.96 -9.21 -33.40
CA ASN C 183 -32.42 -9.19 -33.54
C ASN C 183 -33.00 -8.11 -32.64
N GLU C 184 -34.25 -7.73 -32.92
CA GLU C 184 -34.79 -6.52 -32.34
C GLU C 184 -36.29 -6.46 -32.57
N ARG C 185 -37.05 -6.03 -31.57
CA ARG C 185 -38.49 -5.83 -31.68
C ARG C 185 -38.93 -4.69 -30.78
N GLU C 186 -40.08 -4.11 -31.09
CA GLU C 186 -40.55 -2.92 -30.41
C GLU C 186 -41.74 -3.25 -29.53
N VAL C 187 -41.86 -2.53 -28.41
CA VAL C 187 -42.87 -2.81 -27.40
C VAL C 187 -44.19 -2.17 -27.84
N SER C 188 -45.26 -2.96 -27.86
CA SER C 188 -46.59 -2.48 -28.22
C SER C 188 -47.33 -2.25 -26.91
N PHE C 189 -47.08 -1.09 -26.29
CA PHE C 189 -47.52 -0.81 -24.94
C PHE C 189 -48.12 0.58 -24.87
N GLN C 190 -49.04 0.89 -25.80
CA GLN C 190 -49.45 2.28 -25.97
C GLN C 190 -49.92 2.91 -24.67
N GLY C 191 -50.51 2.14 -23.78
CA GLY C 191 -51.08 2.69 -22.55
C GLY C 191 -50.11 2.90 -21.43
N GLY C 192 -48.85 2.47 -21.59
CA GLY C 192 -47.94 2.41 -20.48
C GLY C 192 -46.53 2.91 -20.77
N HIS C 193 -45.61 2.54 -19.89
CA HIS C 193 -44.28 3.14 -19.88
C HIS C 193 -43.31 2.20 -19.18
N ILE C 194 -42.15 2.02 -19.78
CA ILE C 194 -41.11 1.16 -19.24
C ILE C 194 -39.83 1.98 -19.29
N GLU C 195 -39.39 2.49 -18.14
CA GLU C 195 -38.18 3.30 -18.09
C GLU C 195 -36.95 2.44 -17.87
N GLU C 196 -36.95 1.64 -16.81
CA GLU C 196 -35.82 0.80 -16.46
C GLU C 196 -36.37 -0.44 -15.78
N CYS C 197 -35.51 -1.44 -15.61
CA CYS C 197 -35.98 -2.77 -15.25
C CYS C 197 -34.96 -3.50 -14.41
N SER C 198 -35.36 -4.67 -13.94
CA SER C 198 -34.49 -5.76 -13.56
C SER C 198 -34.99 -7.00 -14.28
N CYS C 199 -34.11 -7.95 -14.51
CA CYS C 199 -34.49 -9.13 -15.27
C CYS C 199 -33.73 -10.35 -14.76
N TYR C 200 -34.35 -11.52 -14.90
CA TYR C 200 -33.76 -12.79 -14.54
C TYR C 200 -34.38 -13.87 -15.40
N PRO C 201 -33.67 -14.97 -15.66
CA PRO C 201 -34.26 -16.08 -16.40
C PRO C 201 -35.15 -16.94 -15.51
N ASN C 202 -36.02 -17.72 -16.16
CA ASN C 202 -36.87 -18.64 -15.43
C ASN C 202 -37.43 -19.68 -16.38
N LEU C 203 -37.01 -20.94 -16.23
CA LEU C 203 -37.58 -22.05 -16.98
C LEU C 203 -37.52 -21.80 -18.49
N GLY C 204 -36.41 -21.25 -18.95
CA GLY C 204 -36.23 -20.90 -20.35
C GLY C 204 -36.87 -19.59 -20.75
N LYS C 205 -37.84 -19.10 -19.99
CA LYS C 205 -38.44 -17.79 -20.20
C LYS C 205 -37.51 -16.70 -19.68
N VAL C 206 -37.92 -15.46 -19.90
CA VAL C 206 -37.32 -14.31 -19.23
C VAL C 206 -38.43 -13.47 -18.64
N GLU C 207 -38.20 -12.93 -17.45
CA GLU C 207 -39.22 -12.18 -16.73
C GLU C 207 -38.58 -10.95 -16.10
N CYS C 208 -39.30 -9.83 -16.14
CA CYS C 208 -38.73 -8.56 -15.74
C CYS C 208 -39.77 -7.76 -14.98
N VAL C 209 -39.27 -6.81 -14.20
CA VAL C 209 -40.09 -5.84 -13.47
C VAL C 209 -39.44 -4.48 -13.67
N CYS C 210 -40.25 -3.46 -13.88
CA CYS C 210 -39.73 -2.19 -14.38
C CYS C 210 -40.42 -1.02 -13.70
N ARG C 211 -39.73 0.11 -13.72
CA ARG C 211 -40.24 1.37 -13.22
C ARG C 211 -41.22 1.98 -14.22
N ASP C 212 -42.23 2.67 -13.71
CA ASP C 212 -43.18 3.42 -14.53
C ASP C 212 -43.24 4.83 -14.00
N ASN C 213 -43.04 5.82 -14.89
CA ASN C 213 -42.91 7.21 -14.49
C ASN C 213 -44.02 8.12 -15.03
N TRP C 214 -45.10 7.57 -15.58
CA TRP C 214 -46.14 8.37 -16.21
C TRP C 214 -47.49 7.73 -15.94
N ASN C 215 -48.27 8.30 -15.01
CA ASN C 215 -49.59 7.78 -14.65
C ASN C 215 -49.44 6.48 -13.86
N GLY C 216 -48.21 6.04 -13.64
CA GLY C 216 -47.98 4.72 -13.09
C GLY C 216 -47.71 4.75 -11.59
N MET C 217 -48.41 3.90 -10.86
CA MET C 217 -48.06 3.55 -9.50
C MET C 217 -48.08 2.04 -9.34
N ASN C 218 -47.83 1.32 -10.43
CA ASN C 218 -47.85 -0.12 -10.44
C ASN C 218 -46.84 -0.63 -11.46
N ARG C 219 -46.13 -1.67 -11.10
CA ARG C 219 -45.04 -2.14 -11.94
C ARG C 219 -45.57 -2.81 -13.20
N PRO C 220 -44.94 -2.57 -14.36
CA PRO C 220 -45.21 -3.43 -15.53
C PRO C 220 -44.39 -4.71 -15.50
N VAL C 221 -44.94 -5.77 -16.09
CA VAL C 221 -44.32 -7.09 -16.13
C VAL C 221 -44.14 -7.51 -17.58
N LEU C 222 -42.93 -7.90 -17.94
CA LEU C 222 -42.59 -8.29 -19.30
C LEU C 222 -42.08 -9.72 -19.31
N THR C 223 -42.44 -10.47 -20.35
CA THR C 223 -42.00 -11.85 -20.50
C THR C 223 -41.76 -12.12 -21.98
N PHE C 224 -40.70 -12.86 -22.27
CA PHE C 224 -40.39 -13.25 -23.63
C PHE C 224 -39.40 -14.41 -23.59
N ASP C 225 -39.22 -15.05 -24.73
CA ASP C 225 -38.31 -16.18 -24.85
C ASP C 225 -37.58 -16.04 -26.18
N GLU C 226 -36.99 -17.13 -26.65
CA GLU C 226 -35.93 -17.07 -27.65
C GLU C 226 -36.08 -15.94 -28.66
N ASP C 227 -37.10 -16.01 -29.51
CA ASP C 227 -37.23 -15.09 -30.64
C ASP C 227 -38.25 -13.99 -30.39
N LEU C 228 -38.28 -13.47 -29.18
CA LEU C 228 -38.98 -12.21 -28.90
C LEU C 228 -40.46 -12.27 -29.25
N ASN C 229 -41.12 -13.37 -28.94
CA ASN C 229 -42.55 -13.33 -28.69
C ASN C 229 -42.76 -12.87 -27.26
N TYR C 230 -43.63 -11.88 -27.05
CA TYR C 230 -43.70 -11.23 -25.75
C TYR C 230 -45.08 -10.65 -25.52
N GLU C 231 -45.33 -10.27 -24.28
CA GLU C 231 -46.54 -9.56 -23.90
C GLU C 231 -46.25 -8.70 -22.70
N VAL C 232 -47.15 -7.77 -22.42
CA VAL C 232 -47.07 -6.91 -21.25
C VAL C 232 -48.31 -7.11 -20.41
N GLY C 233 -48.13 -7.20 -19.10
CA GLY C 233 -49.24 -7.15 -18.18
C GLY C 233 -48.86 -6.51 -16.86
N TYR C 234 -49.68 -5.58 -16.39
CA TYR C 234 -49.38 -4.91 -15.14
C TYR C 234 -49.44 -5.89 -13.99
N LEU C 235 -48.50 -5.76 -13.06
CA LEU C 235 -48.43 -6.63 -11.90
C LEU C 235 -49.76 -6.65 -11.18
N CYS C 236 -50.33 -7.84 -10.99
CA CYS C 236 -51.62 -7.97 -10.32
C CYS C 236 -51.50 -7.92 -8.81
N ALA C 237 -50.87 -6.89 -8.27
CA ALA C 237 -50.77 -6.72 -6.82
C ALA C 237 -51.93 -5.88 -6.33
N GLY C 238 -52.59 -6.33 -5.27
CA GLY C 238 -53.57 -5.51 -4.59
C GLY C 238 -52.88 -4.50 -3.70
N ILE C 239 -51.55 -4.44 -3.79
CA ILE C 239 -50.75 -3.59 -2.91
C ILE C 239 -49.87 -2.69 -3.78
N PRO C 240 -49.72 -1.42 -3.44
CA PRO C 240 -48.86 -0.53 -4.22
C PRO C 240 -47.40 -0.69 -3.86
N THR C 241 -46.54 -0.51 -4.84
CA THR C 241 -45.10 -0.78 -4.71
C THR C 241 -44.30 0.27 -5.44
N ASP C 242 -44.69 1.54 -5.31
CA ASP C 242 -43.95 2.65 -5.88
C ASP C 242 -43.84 3.76 -4.84
N THR C 243 -42.89 4.65 -5.05
CA THR C 243 -42.48 5.56 -3.99
C THR C 243 -43.60 6.53 -3.63
N PRO C 244 -43.99 7.47 -4.49
CA PRO C 244 -45.20 8.27 -4.16
C PRO C 244 -46.44 7.42 -4.29
N ARG C 245 -47.17 7.28 -3.19
CA ARG C 245 -48.32 6.39 -3.22
C ARG C 245 -49.25 6.72 -2.07
N VAL C 246 -50.51 6.31 -2.23
CA VAL C 246 -51.43 6.29 -1.11
C VAL C 246 -51.11 5.10 -0.21
N GLN C 247 -51.71 5.09 0.97
CA GLN C 247 -51.54 3.95 1.86
C GLN C 247 -52.23 2.71 1.30
N ASP C 248 -51.87 1.55 1.87
CA ASP C 248 -52.37 0.28 1.36
C ASP C 248 -53.90 0.20 1.42
N ASN C 249 -54.51 0.68 2.49
CA ASN C 249 -55.96 0.54 2.66
C ASN C 249 -56.71 1.18 1.50
N SER C 250 -56.17 2.26 0.93
CA SER C 250 -56.87 2.99 -0.10
C SER C 250 -56.70 2.38 -1.49
N PHE C 251 -55.57 1.73 -1.72
CA PHE C 251 -55.22 1.28 -3.06
C PHE C 251 -56.20 0.23 -3.56
N ILE C 252 -56.33 0.15 -4.88
CA ILE C 252 -57.34 -0.69 -5.50
C ILE C 252 -56.76 -1.76 -6.42
N GLY C 253 -55.59 -1.54 -7.01
CA GLY C 253 -54.94 -2.59 -7.78
C GLY C 253 -55.56 -2.83 -9.14
N SER C 254 -54.77 -3.39 -10.05
CA SER C 254 -55.23 -3.69 -11.40
C SER C 254 -54.24 -4.63 -12.05
N CYS C 255 -54.69 -5.27 -13.13
CA CYS C 255 -53.81 -6.08 -13.96
C CYS C 255 -53.57 -5.48 -15.34
N THR C 256 -54.27 -4.39 -15.68
CA THR C 256 -54.33 -3.94 -17.06
C THR C 256 -54.16 -2.44 -17.26
N ASN C 257 -54.19 -1.63 -16.21
CA ASN C 257 -54.07 -0.18 -16.35
C ASN C 257 -53.15 0.40 -15.30
N ALA C 258 -52.53 1.52 -15.65
CA ALA C 258 -51.77 2.30 -14.67
C ALA C 258 -52.75 2.93 -13.69
N VAL C 259 -52.66 2.57 -12.42
CA VAL C 259 -53.55 3.13 -11.40
C VAL C 259 -53.02 4.51 -11.02
N GLY C 260 -53.75 5.55 -11.40
CA GLY C 260 -53.37 6.89 -10.99
C GLY C 260 -53.64 7.13 -9.53
N GLY C 261 -53.03 8.18 -8.99
CA GLY C 261 -53.17 8.47 -7.60
C GLY C 261 -52.90 9.93 -7.30
N SER C 262 -52.80 10.24 -6.02
CA SER C 262 -52.62 11.62 -5.55
C SER C 262 -51.19 12.06 -5.79
N GLY C 263 -50.97 12.91 -6.79
CA GLY C 263 -49.65 13.44 -7.06
C GLY C 263 -48.62 12.41 -7.48
N THR C 264 -49.05 11.21 -7.88
CA THR C 264 -48.16 10.10 -8.20
C THR C 264 -47.87 9.93 -9.68
N ASN C 265 -48.52 10.71 -10.55
CA ASN C 265 -48.62 10.37 -11.97
C ASN C 265 -47.47 10.87 -12.84
N ASN C 266 -46.31 11.24 -12.26
CA ASN C 266 -45.19 11.63 -13.11
C ASN C 266 -43.82 11.23 -12.56
N TYR C 267 -43.76 10.27 -11.64
CA TYR C 267 -42.55 10.10 -10.86
C TYR C 267 -42.50 8.68 -10.31
N GLY C 268 -41.33 8.28 -9.86
CA GLY C 268 -41.17 6.97 -9.24
C GLY C 268 -39.72 6.56 -9.17
N VAL C 269 -39.52 5.32 -8.72
CA VAL C 269 -38.19 4.74 -8.56
C VAL C 269 -38.26 3.25 -8.93
N LYS C 270 -37.09 2.68 -9.19
CA LYS C 270 -37.00 1.31 -9.66
C LYS C 270 -37.46 0.32 -8.59
N GLY C 271 -37.45 -0.95 -8.96
CA GLY C 271 -37.78 -2.02 -8.03
C GLY C 271 -37.60 -3.36 -8.69
N PHE C 272 -37.99 -4.41 -7.98
CA PHE C 272 -37.85 -5.76 -8.49
C PHE C 272 -38.94 -6.66 -7.92
N GLY C 273 -39.14 -7.79 -8.57
CA GLY C 273 -40.05 -8.80 -8.04
C GLY C 273 -39.72 -10.16 -8.61
N PHE C 274 -39.99 -11.19 -7.82
CA PHE C 274 -39.79 -12.58 -8.24
C PHE C 274 -41.12 -13.31 -8.26
N ARG C 275 -41.37 -14.05 -9.32
CA ARG C 275 -42.49 -14.98 -9.30
C ARG C 275 -42.12 -16.24 -8.53
N GLN C 276 -43.09 -16.76 -7.80
CA GLN C 276 -42.96 -17.97 -6.97
C GLN C 276 -44.27 -18.74 -7.17
N GLY C 277 -44.25 -19.71 -8.05
CA GLY C 277 -45.52 -20.30 -8.45
C GLY C 277 -46.39 -19.20 -9.02
N ASN C 278 -47.54 -18.98 -8.41
CA ASN C 278 -48.39 -17.85 -8.76
C ASN C 278 -48.25 -16.68 -7.80
N SER C 279 -47.67 -16.90 -6.63
CA SER C 279 -47.37 -15.81 -5.70
C SER C 279 -46.14 -15.04 -6.17
N VAL C 280 -45.86 -13.92 -5.51
CA VAL C 280 -44.82 -13.01 -5.99
C VAL C 280 -44.16 -12.30 -4.81
N TRP C 281 -42.83 -12.23 -4.84
CA TRP C 281 -42.07 -11.35 -3.98
C TRP C 281 -42.00 -9.96 -4.60
N ALA C 282 -41.87 -8.94 -3.75
CA ALA C 282 -41.61 -7.60 -4.24
C ALA C 282 -41.04 -6.76 -3.12
N GLY C 283 -40.17 -5.83 -3.49
CA GLY C 283 -39.62 -4.87 -2.55
C GLY C 283 -40.29 -3.52 -2.71
N ARG C 284 -40.23 -2.71 -1.67
CA ARG C 284 -40.78 -1.37 -1.73
C ARG C 284 -40.27 -0.56 -0.56
N THR C 285 -40.41 0.75 -0.66
CA THR C 285 -40.01 1.64 0.43
C THR C 285 -40.97 1.53 1.61
N VAL C 286 -40.45 1.85 2.79
CA VAL C 286 -41.31 1.92 3.96
C VAL C 286 -42.16 3.18 3.94
N SER C 287 -41.52 4.33 3.71
CA SER C 287 -42.27 5.57 3.59
C SER C 287 -43.15 5.53 2.34
N ILE C 288 -44.24 6.30 2.39
CA ILE C 288 -45.12 6.43 1.24
C ILE C 288 -44.87 7.68 0.42
N SER C 289 -43.89 8.51 0.82
CA SER C 289 -43.64 9.76 0.14
C SER C 289 -42.15 10.06 -0.10
N SER C 290 -41.24 9.17 0.27
CA SER C 290 -39.83 9.40 0.01
C SER C 290 -39.06 8.09 0.06
N ARG C 291 -37.86 8.11 -0.52
CA ARG C 291 -36.98 6.95 -0.57
C ARG C 291 -36.32 6.76 0.78
N SER C 292 -37.08 6.17 1.71
CA SER C 292 -36.57 5.80 3.01
C SER C 292 -37.08 4.42 3.38
N GLY C 293 -36.21 3.62 3.99
CA GLY C 293 -36.60 2.31 4.46
C GLY C 293 -36.81 1.35 3.32
N PHE C 294 -36.95 0.06 3.63
CA PHE C 294 -37.16 -0.94 2.59
C PHE C 294 -37.81 -2.17 3.19
N GLU C 295 -39.05 -2.42 2.82
CA GLU C 295 -39.71 -3.68 3.11
C GLU C 295 -39.50 -4.66 1.97
N ILE C 296 -39.74 -5.92 2.28
CA ILE C 296 -39.88 -6.96 1.27
C ILE C 296 -41.12 -7.74 1.63
N LEU C 297 -41.94 -8.05 0.64
CA LEU C 297 -43.26 -8.62 0.86
C LEU C 297 -43.46 -9.83 -0.03
N LEU C 298 -44.11 -10.85 0.53
CA LEU C 298 -44.58 -11.98 -0.25
C LEU C 298 -46.10 -11.90 -0.32
N VAL C 299 -46.63 -11.86 -1.53
CA VAL C 299 -48.06 -11.70 -1.77
C VAL C 299 -48.56 -12.95 -2.46
N GLU C 300 -49.61 -13.55 -1.92
CA GLU C 300 -50.12 -14.79 -2.46
C GLU C 300 -50.81 -14.55 -3.79
N ASP C 301 -50.41 -15.28 -4.82
CA ASP C 301 -51.05 -15.17 -6.12
C ASP C 301 -51.03 -13.74 -6.63
N GLY C 302 -50.08 -12.94 -6.17
CA GLY C 302 -50.00 -11.55 -6.59
C GLY C 302 -49.65 -11.37 -8.05
N TRP C 303 -49.15 -12.42 -8.69
CA TRP C 303 -48.85 -12.36 -10.12
C TRP C 303 -50.11 -12.28 -10.97
N VAL C 304 -51.26 -12.73 -10.45
CA VAL C 304 -52.46 -12.87 -11.28
C VAL C 304 -53.73 -12.30 -10.65
N LYS C 305 -53.79 -12.17 -9.32
CA LYS C 305 -55.07 -12.16 -8.64
C LYS C 305 -55.38 -10.92 -7.82
N THR C 306 -54.52 -9.92 -7.79
CA THR C 306 -54.85 -8.64 -7.14
C THR C 306 -55.24 -8.81 -5.68
N SER C 307 -54.81 -9.88 -5.02
CA SER C 307 -55.16 -10.03 -3.60
C SER C 307 -54.33 -9.09 -2.75
N LYS C 308 -54.77 -8.89 -1.52
CA LYS C 308 -54.04 -8.11 -0.54
C LYS C 308 -53.43 -8.98 0.56
N ASN C 309 -53.38 -10.29 0.35
CA ASN C 309 -52.88 -11.21 1.38
C ASN C 309 -51.37 -11.15 1.48
N VAL C 310 -50.84 -10.38 2.42
CA VAL C 310 -49.40 -10.31 2.64
C VAL C 310 -49.02 -11.44 3.60
N VAL C 311 -48.49 -12.53 3.06
CA VAL C 311 -48.17 -13.68 3.88
C VAL C 311 -46.97 -13.39 4.78
N LYS C 312 -45.93 -12.75 4.25
CA LYS C 312 -44.72 -12.45 5.01
C LYS C 312 -44.27 -11.04 4.75
N LYS C 313 -43.79 -10.37 5.80
CA LYS C 313 -43.10 -9.09 5.68
C LYS C 313 -41.73 -9.21 6.34
N VAL C 314 -40.73 -8.61 5.70
CA VAL C 314 -39.38 -8.53 6.25
C VAL C 314 -38.87 -7.11 6.08
N GLU C 315 -38.18 -6.60 7.10
CA GLU C 315 -37.53 -5.30 7.03
C GLU C 315 -36.03 -5.48 6.99
N VAL C 316 -35.36 -4.68 6.18
CA VAL C 316 -33.91 -4.66 6.12
C VAL C 316 -33.41 -3.23 6.25
N LEU C 317 -34.32 -2.27 6.19
CA LEU C 317 -34.02 -0.88 6.51
C LEU C 317 -35.22 -0.28 7.22
N ASN C 318 -34.98 0.34 8.38
CA ASN C 318 -36.05 1.01 9.09
C ASN C 318 -36.21 2.43 8.56
N ASN C 319 -37.39 2.99 8.80
CA ASN C 319 -37.79 4.22 8.13
C ASN C 319 -36.84 5.38 8.37
N LYS C 320 -36.10 5.37 9.48
CA LYS C 320 -35.24 6.50 9.83
C LYS C 320 -33.99 6.62 8.97
N ASN C 321 -33.79 5.72 8.00
CA ASN C 321 -32.60 5.75 7.14
C ASN C 321 -33.03 5.75 5.68
N TRP C 322 -32.25 6.42 4.84
CA TRP C 322 -32.61 6.62 3.45
C TRP C 322 -32.35 5.36 2.63
N SER C 323 -32.92 5.35 1.43
CA SER C 323 -32.79 4.23 0.50
C SER C 323 -32.67 4.73 -0.93
N GLY C 324 -32.73 3.83 -1.91
CA GLY C 324 -32.65 4.27 -3.29
C GLY C 324 -33.01 3.14 -4.25
N TYR C 325 -32.37 3.18 -5.41
CA TYR C 325 -32.63 2.20 -6.47
C TYR C 325 -32.48 0.78 -5.93
N SER C 326 -33.25 -0.15 -6.51
CA SER C 326 -33.18 -1.55 -6.13
C SER C 326 -33.46 -2.41 -7.35
N GLY C 327 -32.67 -3.47 -7.50
CA GLY C 327 -32.84 -4.39 -8.62
C GLY C 327 -32.32 -5.76 -8.25
N ALA C 328 -32.42 -6.68 -9.20
CA ALA C 328 -32.24 -8.09 -8.89
C ALA C 328 -31.22 -8.73 -9.83
N PHE C 329 -30.88 -9.97 -9.52
CA PHE C 329 -30.03 -10.80 -10.36
C PHE C 329 -30.14 -12.23 -9.88
N THR C 330 -29.44 -13.13 -10.57
CA THR C 330 -29.46 -14.55 -10.25
C THR C 330 -28.05 -15.10 -10.20
N ILE C 331 -27.86 -16.11 -9.35
CA ILE C 331 -26.60 -16.84 -9.30
C ILE C 331 -26.69 -17.99 -10.30
N PRO C 332 -25.77 -18.11 -11.25
CA PRO C 332 -25.86 -19.22 -12.20
C PRO C 332 -25.65 -20.56 -11.51
N ILE C 333 -26.22 -21.61 -12.10
CA ILE C 333 -26.26 -22.92 -11.45
C ILE C 333 -24.87 -23.50 -11.26
N THR C 334 -24.01 -23.37 -12.28
CA THR C 334 -22.71 -24.04 -12.20
C THR C 334 -21.90 -23.59 -11.00
N MET C 335 -22.21 -22.42 -10.46
CA MET C 335 -21.47 -21.89 -9.33
C MET C 335 -22.07 -22.28 -7.99
N THR C 336 -23.33 -22.71 -7.97
CA THR C 336 -24.01 -23.06 -6.73
C THR C 336 -23.96 -24.56 -6.44
N SER C 337 -23.83 -25.39 -7.46
CA SER C 337 -23.90 -26.85 -7.34
C SER C 337 -25.29 -27.34 -6.98
N LYS C 338 -26.30 -26.47 -7.06
CA LYS C 338 -27.69 -26.88 -6.91
C LYS C 338 -28.21 -27.42 -8.24
N GLN C 339 -29.49 -27.77 -8.27
CA GLN C 339 -30.18 -28.15 -9.49
C GLN C 339 -31.20 -27.11 -9.93
N CYS C 340 -31.12 -25.89 -9.41
CA CYS C 340 -32.05 -24.85 -9.80
C CYS C 340 -31.46 -23.49 -9.47
N LEU C 341 -32.02 -22.45 -10.08
CA LEU C 341 -31.52 -21.11 -9.94
C LEU C 341 -31.84 -20.53 -8.56
N VAL C 342 -31.04 -19.55 -8.16
CA VAL C 342 -31.16 -18.91 -6.85
C VAL C 342 -31.32 -17.42 -7.07
N PRO C 343 -32.29 -16.77 -6.42
CA PRO C 343 -32.47 -15.32 -6.60
C PRO C 343 -31.68 -14.49 -5.59
N CYS C 344 -31.43 -13.24 -5.97
CA CYS C 344 -30.74 -12.27 -5.13
C CYS C 344 -31.16 -10.88 -5.59
N PHE C 345 -30.93 -9.88 -4.74
CA PHE C 345 -31.25 -8.50 -5.09
C PHE C 345 -30.32 -7.56 -4.35
N TRP C 346 -30.28 -6.31 -4.82
CA TRP C 346 -29.35 -5.30 -4.32
C TRP C 346 -30.12 -4.03 -4.00
N LEU C 347 -29.49 -3.16 -3.22
CA LEU C 347 -30.20 -2.02 -2.63
C LEU C 347 -29.20 -0.94 -2.28
N GLU C 348 -29.26 0.19 -2.98
CA GLU C 348 -28.36 1.31 -2.73
C GLU C 348 -28.98 2.29 -1.74
N MET C 349 -28.13 2.90 -0.91
CA MET C 349 -28.57 3.84 0.11
C MET C 349 -27.92 5.19 -0.15
N ILE C 350 -28.74 6.19 -0.47
CA ILE C 350 -28.22 7.51 -0.81
C ILE C 350 -27.90 8.29 0.45
N ARG C 351 -26.96 9.22 0.32
CA ARG C 351 -26.85 10.33 1.24
C ARG C 351 -26.39 11.54 0.45
N GLY C 352 -26.64 12.73 0.98
CA GLY C 352 -26.16 13.94 0.35
C GLY C 352 -27.23 14.76 -0.35
N LYS C 353 -26.84 15.48 -1.40
CA LYS C 353 -27.57 16.66 -1.85
C LYS C 353 -29.02 16.42 -2.26
N PRO C 354 -29.39 15.24 -2.75
CA PRO C 354 -30.77 15.05 -3.22
C PRO C 354 -31.83 15.54 -2.24
N GLU C 355 -31.59 15.47 -0.93
CA GLU C 355 -32.40 16.22 0.03
C GLU C 355 -31.56 16.92 1.09
N GLU C 356 -30.37 16.39 1.37
CA GLU C 356 -29.56 16.90 2.49
C GLU C 356 -28.92 18.22 2.08
N ARG C 357 -29.44 19.32 2.66
CA ARG C 357 -29.02 20.66 2.27
C ARG C 357 -27.61 21.02 2.73
N THR C 358 -26.99 20.22 3.59
CA THR C 358 -25.74 20.62 4.24
C THR C 358 -24.49 20.18 3.51
N SER C 359 -24.62 19.53 2.35
CA SER C 359 -23.48 19.00 1.61
C SER C 359 -23.58 19.37 0.15
N ILE C 360 -22.43 19.34 -0.54
CA ILE C 360 -22.34 19.75 -1.93
C ILE C 360 -22.23 18.58 -2.89
N TRP C 361 -22.39 17.35 -2.40
CA TRP C 361 -22.06 16.18 -3.20
C TRP C 361 -23.13 15.11 -3.02
N THR C 362 -23.09 14.14 -3.93
CA THR C 362 -24.09 13.08 -4.01
C THR C 362 -23.39 11.75 -4.17
N SER C 363 -23.79 10.75 -3.39
CA SER C 363 -23.15 9.44 -3.45
C SER C 363 -24.07 8.43 -2.77
N SER C 364 -23.68 7.16 -2.86
CA SER C 364 -24.51 6.08 -2.36
C SER C 364 -23.63 4.88 -2.03
N SER C 365 -24.19 3.94 -1.28
CA SER C 365 -23.50 2.72 -0.88
C SER C 365 -24.33 1.51 -1.26
N SER C 366 -23.68 0.38 -1.46
CA SER C 366 -24.33 -0.82 -1.97
C SER C 366 -24.57 -1.86 -0.87
N THR C 367 -25.53 -2.74 -1.12
CA THR C 367 -25.81 -3.89 -0.28
C THR C 367 -26.42 -4.96 -1.14
N VAL C 368 -26.26 -6.22 -0.73
CA VAL C 368 -26.74 -7.36 -1.50
C VAL C 368 -27.37 -8.37 -0.55
N PHE C 369 -28.47 -8.96 -0.98
CA PHE C 369 -29.12 -10.05 -0.27
C PHE C 369 -29.33 -11.21 -1.24
N CYS C 370 -29.50 -12.40 -0.67
CA CYS C 370 -29.81 -13.58 -1.47
C CYS C 370 -30.87 -14.41 -0.76
N GLY C 371 -31.60 -15.17 -1.55
CA GLY C 371 -32.65 -16.01 -1.00
C GLY C 371 -32.09 -17.21 -0.26
N VAL C 372 -32.99 -17.89 0.44
CA VAL C 372 -32.63 -19.02 1.28
C VAL C 372 -33.78 -20.02 1.26
N SER C 373 -33.45 -21.29 1.45
CA SER C 373 -34.50 -22.29 1.62
C SER C 373 -35.30 -22.06 2.90
N SER C 374 -34.61 -21.72 3.99
CA SER C 374 -35.27 -21.49 5.27
C SER C 374 -35.87 -20.08 5.31
N GLU C 375 -36.80 -19.91 6.25
CA GLU C 375 -37.27 -18.57 6.58
C GLU C 375 -36.25 -17.89 7.49
N VAL C 376 -36.10 -16.58 7.33
CA VAL C 376 -35.01 -15.88 8.01
C VAL C 376 -35.49 -14.56 8.60
N PRO C 377 -35.14 -14.24 9.84
CA PRO C 377 -35.50 -12.94 10.41
C PRO C 377 -34.60 -11.82 9.92
N GLY C 378 -35.07 -10.59 10.06
CA GLY C 378 -34.40 -9.43 9.53
C GLY C 378 -33.75 -8.57 10.59
N TRP C 379 -33.22 -7.44 10.12
CA TRP C 379 -32.60 -6.45 11.00
C TRP C 379 -32.62 -5.11 10.26
N SER C 380 -31.88 -4.13 10.75
CA SER C 380 -31.59 -2.92 9.98
C SER C 380 -30.12 -2.96 9.63
N TRP C 381 -29.83 -2.96 8.33
CA TRP C 381 -28.46 -3.00 7.83
C TRP C 381 -28.08 -1.68 7.20
N ASP C 382 -28.54 -0.61 7.84
CA ASP C 382 -28.34 0.73 7.32
C ASP C 382 -26.85 1.03 7.15
N ASP C 383 -26.55 1.88 6.18
CA ASP C 383 -25.16 2.23 5.90
C ASP C 383 -24.58 3.09 7.00
N GLY C 384 -25.29 4.14 7.42
CA GLY C 384 -24.98 4.80 8.67
C GLY C 384 -23.75 5.67 8.69
N ALA C 385 -23.23 6.11 7.54
CA ALA C 385 -22.07 6.99 7.56
C ALA C 385 -22.47 8.36 8.09
N ILE C 386 -21.60 8.95 8.90
CA ILE C 386 -21.83 10.29 9.43
C ILE C 386 -21.42 11.33 8.40
N LEU C 387 -22.25 12.36 8.28
CA LEU C 387 -22.00 13.53 7.45
C LEU C 387 -22.07 14.78 8.30
N PRO C 388 -21.55 15.92 7.82
CA PRO C 388 -20.84 16.15 6.55
C PRO C 388 -19.34 15.91 6.65
N PHE C 389 -18.65 15.91 5.51
CA PHE C 389 -17.20 15.80 5.47
C PHE C 389 -16.55 17.18 5.39
N ASP C 390 -15.22 17.18 5.39
CA ASP C 390 -14.47 18.43 5.41
C ASP C 390 -14.72 19.29 4.19
N ILE C 391 -15.03 18.68 3.04
CA ILE C 391 -15.18 19.45 1.81
C ILE C 391 -16.34 20.43 1.94
N ASP C 392 -17.26 20.19 2.87
CA ASP C 392 -18.50 20.94 2.94
C ASP C 392 -18.33 22.18 3.82
N LYS C 393 -17.08 22.62 3.99
CA LYS C 393 -16.76 23.70 4.90
C LYS C 393 -16.10 24.87 4.18
N LEU D 11 51.03 -1.20 48.66
CA LEU D 11 51.03 0.17 49.24
C LEU D 11 51.88 1.11 48.40
N VAL D 12 51.49 2.38 48.37
CA VAL D 12 52.20 3.41 47.62
C VAL D 12 52.33 4.65 48.49
N LYS D 13 53.52 5.23 48.51
CA LYS D 13 53.71 6.47 49.23
C LYS D 13 53.26 7.65 48.37
N PRO D 14 52.87 8.77 48.99
CA PRO D 14 52.41 9.92 48.21
C PRO D 14 53.48 10.41 47.24
N SER D 15 53.03 10.85 46.07
CA SER D 15 53.84 11.40 44.99
C SER D 15 54.60 10.34 44.21
N GLU D 16 54.51 9.07 44.59
CA GLU D 16 55.13 8.00 43.82
C GLU D 16 54.27 7.65 42.63
N THR D 17 54.67 6.62 41.89
CA THR D 17 53.94 6.16 40.71
C THR D 17 53.30 4.81 40.99
N LEU D 18 52.00 4.73 40.79
CA LEU D 18 51.23 3.51 40.98
C LEU D 18 51.29 2.66 39.72
N SER D 19 51.36 1.34 39.90
CA SER D 19 51.34 0.40 38.79
C SER D 19 50.50 -0.81 39.18
N LEU D 20 49.76 -1.34 38.21
CA LEU D 20 48.92 -2.50 38.43
C LEU D 20 48.94 -3.38 37.20
N THR D 21 48.62 -4.66 37.39
CA THR D 21 48.63 -5.63 36.32
C THR D 21 47.33 -6.43 36.35
N CYS D 22 46.85 -6.78 35.16
CA CYS D 22 45.64 -7.57 35.00
C CYS D 22 45.92 -8.65 33.95
N SER D 23 45.35 -9.83 34.15
CA SER D 23 45.65 -10.98 33.31
C SER D 23 44.37 -11.52 32.69
N VAL D 24 44.51 -12.20 31.56
CA VAL D 24 43.41 -12.80 30.83
C VAL D 24 43.68 -14.29 30.66
N SER D 25 42.65 -15.11 30.88
CA SER D 25 42.77 -16.55 30.75
C SER D 25 41.47 -17.09 30.17
N GLY D 26 41.56 -18.29 29.61
CA GLY D 26 40.45 -18.86 28.88
C GLY D 26 40.36 -18.23 27.51
N GLU D 27 40.08 -16.94 27.47
CA GLU D 27 40.25 -16.15 26.27
C GLU D 27 41.72 -15.78 26.08
N SER D 28 42.01 -15.15 24.95
CA SER D 28 43.33 -14.62 24.67
C SER D 28 43.19 -13.19 24.19
N ILE D 29 44.09 -12.33 24.64
CA ILE D 29 44.09 -10.96 24.13
C ILE D 29 44.23 -11.01 22.62
N SER D 30 43.51 -10.13 21.93
CA SER D 30 43.34 -10.13 20.48
C SER D 30 42.31 -11.15 20.03
N SER D 31 41.54 -11.74 20.94
CA SER D 31 40.44 -12.64 20.60
C SER D 31 39.14 -12.01 21.06
N GLY D 32 38.16 -11.96 20.16
CA GLY D 32 36.88 -11.38 20.48
C GLY D 32 36.78 -9.88 20.30
N GLY D 33 37.91 -9.20 20.10
CA GLY D 33 37.88 -7.77 19.85
C GLY D 33 37.27 -6.96 20.95
N TYR D 34 37.60 -7.26 22.20
CA TYR D 34 37.08 -6.53 23.34
C TYR D 34 37.94 -5.31 23.63
N TYR D 35 37.34 -4.31 24.28
CA TYR D 35 38.06 -3.20 24.87
C TYR D 35 38.28 -3.51 26.35
N TRP D 36 39.52 -3.44 26.81
CA TRP D 36 39.84 -3.71 28.21
C TRP D 36 39.84 -2.39 28.98
N THR D 37 39.15 -2.39 30.12
CA THR D 37 38.85 -1.16 30.86
C THR D 37 39.39 -1.27 32.28
N TRP D 38 39.72 -0.11 32.85
CA TRP D 38 40.06 0.02 34.26
C TRP D 38 39.01 0.89 34.93
N ILE D 39 38.51 0.43 36.08
CA ILE D 39 37.46 1.12 36.81
C ILE D 39 37.90 1.24 38.27
N ARG D 40 37.47 2.33 38.91
CA ARG D 40 37.93 2.68 40.24
C ARG D 40 36.73 2.90 41.15
N GLN D 41 36.95 2.71 42.45
CA GLN D 41 35.87 2.88 43.43
C GLN D 41 36.47 3.39 44.73
N HIS D 42 36.27 4.67 45.01
CA HIS D 42 36.73 5.22 46.28
C HIS D 42 35.92 4.63 47.42
N PRO D 43 36.47 4.64 48.63
CA PRO D 43 35.72 4.09 49.78
C PRO D 43 34.44 4.87 50.03
N GLY D 44 33.32 4.16 50.02
CA GLY D 44 32.04 4.76 50.31
C GLY D 44 31.42 5.54 49.17
N LYS D 45 32.06 5.58 48.01
CA LYS D 45 31.59 6.33 46.85
C LYS D 45 31.16 5.38 45.74
N GLY D 46 30.68 5.97 44.65
CA GLY D 46 30.32 5.21 43.47
C GLY D 46 31.53 4.91 42.60
N LEU D 47 31.25 4.28 41.47
CA LEU D 47 32.29 3.88 40.54
C LEU D 47 32.75 5.07 39.70
N GLU D 48 33.95 4.93 39.13
CA GLU D 48 34.54 5.92 38.27
C GLU D 48 35.26 5.21 37.13
N TRP D 49 35.32 5.85 35.98
CA TRP D 49 35.81 5.22 34.76
C TRP D 49 37.16 5.81 34.38
N ILE D 50 38.17 4.96 34.20
CA ILE D 50 39.54 5.42 33.96
C ILE D 50 39.83 5.47 32.47
N GLY D 51 39.80 4.33 31.79
CA GLY D 51 40.16 4.33 30.38
C GLY D 51 39.99 2.96 29.74
N ASN D 52 40.24 2.94 28.43
CA ASN D 52 40.09 1.76 27.60
C ASN D 52 41.32 1.55 26.74
N ILE D 53 41.57 0.29 26.38
CA ILE D 53 42.60 -0.07 25.42
C ILE D 53 42.04 -1.17 24.52
N PHE D 54 42.17 -0.98 23.22
CA PHE D 54 41.78 -1.99 22.25
C PHE D 54 42.91 -2.98 22.03
N ASP D 55 42.57 -4.12 21.42
CA ASP D 55 43.56 -5.16 21.21
C ASP D 55 44.76 -4.65 20.42
N THR D 56 44.56 -3.65 19.56
CA THR D 56 45.63 -3.13 18.72
C THR D 56 46.32 -1.91 19.29
N GLY D 57 45.96 -1.46 20.50
CA GLY D 57 46.68 -0.42 21.18
C GLY D 57 46.05 0.95 21.16
N SER D 58 44.99 1.15 20.39
CA SER D 58 44.28 2.43 20.43
C SER D 58 43.68 2.63 21.82
N THR D 59 43.82 3.84 22.35
CA THR D 59 43.53 4.11 23.75
C THR D 59 42.60 5.31 23.91
N HIS D 60 41.78 5.24 24.96
CA HIS D 60 40.98 6.37 25.40
C HIS D 60 41.26 6.61 26.88
N TYR D 61 41.18 7.87 27.30
CA TYR D 61 41.42 8.24 28.69
C TYR D 61 40.31 9.15 29.19
N SER D 62 40.02 9.06 30.47
CA SER D 62 39.15 10.03 31.11
C SER D 62 39.90 11.36 31.20
N PRO D 63 39.25 12.48 30.90
CA PRO D 63 39.99 13.74 30.78
C PRO D 63 40.73 14.14 32.04
N SER D 64 40.14 13.90 33.21
CA SER D 64 40.74 14.37 34.45
C SER D 64 42.03 13.66 34.79
N LEU D 65 42.22 12.43 34.31
CA LEU D 65 43.41 11.64 34.59
C LEU D 65 44.32 11.51 33.38
N LYS D 66 44.02 12.20 32.29
CA LYS D 66 44.77 11.99 31.06
C LYS D 66 46.24 12.37 31.22
N THR D 67 46.53 13.35 32.07
CA THR D 67 47.90 13.79 32.28
C THR D 67 48.73 12.82 33.10
N ARG D 68 48.08 11.94 33.86
CA ARG D 68 48.79 11.01 34.74
C ARG D 68 48.84 9.58 34.23
N LEU D 69 47.94 9.21 33.32
CA LEU D 69 47.71 7.81 32.99
C LEU D 69 48.65 7.32 31.89
N THR D 70 48.83 6.00 31.87
CA THR D 70 49.51 5.31 30.78
C THR D 70 49.06 3.86 30.81
N ILE D 71 48.41 3.41 29.73
CA ILE D 71 47.84 2.08 29.69
C ILE D 71 48.32 1.38 28.42
N SER D 72 48.71 0.13 28.55
CA SER D 72 49.32 -0.61 27.45
C SER D 72 48.93 -2.08 27.54
N ILE D 73 49.33 -2.83 26.52
CA ILE D 73 49.04 -4.25 26.43
C ILE D 73 50.31 -5.02 26.07
N ASP D 74 50.33 -6.29 26.45
CA ASP D 74 51.38 -7.23 26.08
C ASP D 74 50.69 -8.51 25.61
N THR D 75 50.50 -8.64 24.30
CA THR D 75 49.73 -9.76 23.77
C THR D 75 50.41 -11.10 24.01
N SER D 76 51.73 -11.13 24.17
CA SER D 76 52.41 -12.38 24.43
C SER D 76 52.13 -12.91 25.84
N LYS D 77 52.04 -12.02 26.82
CA LYS D 77 51.76 -12.40 28.19
C LYS D 77 50.26 -12.43 28.52
N ASN D 78 49.40 -12.03 27.59
CA ASN D 78 47.97 -11.94 27.85
C ASN D 78 47.70 -11.07 29.07
N GLN D 79 48.38 -9.93 29.13
CA GLN D 79 48.28 -9.00 30.24
C GLN D 79 48.13 -7.58 29.70
N PHE D 80 47.53 -6.72 30.52
CA PHE D 80 47.51 -5.29 30.25
C PHE D 80 47.70 -4.56 31.57
N TYR D 81 48.30 -3.38 31.49
CA TYR D 81 48.85 -2.70 32.65
C TYR D 81 48.30 -1.29 32.77
N LEU D 82 48.29 -0.80 34.00
CA LEU D 82 47.84 0.55 34.32
C LEU D 82 48.95 1.25 35.09
N ARG D 83 49.33 2.44 34.63
CA ARG D 83 50.32 3.26 35.29
C ARG D 83 49.72 4.63 35.58
N LEU D 84 49.83 5.08 36.83
CA LEU D 84 49.28 6.36 37.26
C LEU D 84 50.38 7.12 37.99
N ASN D 85 50.82 8.22 37.40
CA ASN D 85 51.92 8.99 37.96
C ASN D 85 51.40 9.99 38.99
N SER D 86 52.30 10.37 39.90
CA SER D 86 52.00 11.40 40.90
C SER D 86 50.73 11.07 41.67
N ALA D 87 50.72 9.86 42.24
CA ALA D 87 49.55 9.41 43.00
C ALA D 87 49.36 10.27 44.24
N THR D 88 48.15 10.77 44.43
CA THR D 88 47.81 11.52 45.63
C THR D 88 47.15 10.60 46.66
N ALA D 89 46.96 11.13 47.86
CA ALA D 89 46.25 10.37 48.88
C ALA D 89 44.83 10.07 48.46
N ALA D 90 44.20 10.98 47.71
CA ALA D 90 42.82 10.77 47.28
C ALA D 90 42.71 9.63 46.27
N ASP D 91 43.80 9.21 45.66
CA ASP D 91 43.75 8.12 44.70
C ASP D 91 43.50 6.77 45.35
N THR D 92 43.49 6.70 46.69
CA THR D 92 43.15 5.47 47.37
C THR D 92 41.77 4.99 46.90
N ALA D 93 41.72 3.73 46.47
CA ALA D 93 40.46 3.18 45.96
C ALA D 93 40.71 1.71 45.61
N VAL D 94 39.61 1.01 45.34
CA VAL D 94 39.66 -0.35 44.80
C VAL D 94 39.71 -0.25 43.27
N TYR D 95 40.63 -1.00 42.67
CA TYR D 95 40.82 -0.98 41.22
C TYR D 95 40.38 -2.30 40.62
N TYR D 96 39.47 -2.23 39.66
CA TYR D 96 38.98 -3.38 38.92
C TYR D 96 39.44 -3.29 37.47
N CYS D 97 39.61 -4.44 36.84
CA CYS D 97 39.84 -4.52 35.40
C CYS D 97 38.76 -5.39 34.77
N ALA D 98 38.21 -4.92 33.65
CA ALA D 98 37.06 -5.57 33.04
C ALA D 98 37.19 -5.54 31.53
N ARG D 99 36.26 -6.23 30.86
CA ARG D 99 36.21 -6.30 29.40
C ARG D 99 34.84 -5.86 28.93
N VAL D 100 34.81 -5.21 27.77
CA VAL D 100 33.55 -4.76 27.17
C VAL D 100 33.71 -4.77 25.66
N GLY D 101 32.82 -5.48 24.98
CA GLY D 101 32.88 -5.62 23.54
C GLY D 101 31.84 -4.74 22.86
N TYR D 102 32.32 -3.75 22.12
CA TYR D 102 31.41 -2.84 21.43
C TYR D 102 32.13 -2.27 20.21
N SER D 103 31.34 -1.76 19.26
CA SER D 103 31.89 -1.16 18.06
C SER D 103 30.85 -0.22 17.46
N LEU D 104 31.32 0.91 16.94
CA LEU D 104 30.44 1.95 16.42
C LEU D 104 30.63 2.24 14.94
N GLU D 105 31.69 1.72 14.31
CA GLU D 105 31.95 2.05 12.92
C GLU D 105 31.03 1.27 11.98
N THR D 106 30.93 -0.04 12.19
CA THR D 106 30.26 -0.91 11.23
C THR D 106 28.79 -0.53 11.08
N ASP D 107 28.16 -1.13 10.07
CA ASP D 107 26.75 -0.92 9.79
C ASP D 107 25.85 -1.78 10.65
N ARG D 108 26.41 -2.61 11.52
CA ARG D 108 25.65 -3.43 12.47
C ARG D 108 26.26 -3.26 13.85
N PRO D 109 26.10 -2.08 14.45
CA PRO D 109 26.75 -1.82 15.74
C PRO D 109 26.21 -2.74 16.82
N TYR D 110 27.00 -2.89 17.89
CA TYR D 110 26.60 -3.71 19.03
C TYR D 110 27.35 -3.23 20.26
N TYR D 111 26.83 -3.62 21.42
CA TYR D 111 27.42 -3.21 22.70
C TYR D 111 26.99 -4.20 23.76
N PHE D 112 27.97 -4.82 24.42
CA PHE D 112 27.74 -5.73 25.54
C PHE D 112 28.59 -5.19 26.69
N GLY D 113 27.99 -4.32 27.49
CA GLY D 113 28.75 -3.53 28.44
C GLY D 113 29.32 -4.37 29.57
N LEU D 114 30.64 -4.31 29.76
CA LEU D 114 31.30 -4.73 30.99
C LEU D 114 30.70 -6.03 31.54
N ASP D 115 30.74 -7.07 30.71
CA ASP D 115 30.12 -8.34 31.08
C ASP D 115 30.95 -9.15 32.07
N VAL D 116 32.25 -8.90 32.18
CA VAL D 116 33.13 -9.69 33.03
C VAL D 116 34.02 -8.75 33.83
N TRP D 117 34.14 -9.01 35.13
CA TRP D 117 34.95 -8.22 36.02
C TRP D 117 35.91 -9.12 36.78
N GLY D 118 37.13 -8.63 37.01
CA GLY D 118 38.06 -9.30 37.89
C GLY D 118 37.90 -8.85 39.33
N GLN D 119 38.53 -9.60 40.22
CA GLN D 119 38.48 -9.26 41.63
C GLN D 119 39.25 -7.97 41.89
N GLY D 120 38.73 -7.18 42.83
CA GLY D 120 39.28 -5.86 43.06
C GLY D 120 40.60 -5.90 43.81
N THR D 121 41.42 -4.89 43.55
CA THR D 121 42.71 -4.72 44.21
C THR D 121 42.68 -3.42 45.00
N THR D 122 42.92 -3.51 46.30
CA THR D 122 42.83 -2.35 47.17
C THR D 122 44.18 -1.63 47.18
N VAL D 123 44.17 -0.36 46.80
CA VAL D 123 45.38 0.46 46.75
C VAL D 123 45.24 1.57 47.78
N THR D 124 46.20 1.66 48.68
CA THR D 124 46.24 2.70 49.70
C THR D 124 47.47 3.57 49.47
N VAL D 125 47.24 4.87 49.27
CA VAL D 125 48.32 5.81 49.01
C VAL D 125 48.56 6.56 50.33
N SER D 126 49.50 6.04 51.13
CA SER D 126 49.84 6.66 52.39
C SER D 126 51.18 6.13 52.87
N SER D 127 51.80 6.87 53.77
CA SER D 127 53.07 6.48 54.37
C SER D 127 52.83 5.72 55.66
N LEU E 11 43.54 46.36 -41.20
CA LEU E 11 43.42 47.66 -40.50
C LEU E 11 42.24 48.46 -41.05
N VAL E 12 41.60 49.23 -40.18
CA VAL E 12 40.45 50.06 -40.55
C VAL E 12 40.63 51.44 -39.96
N LYS E 13 40.38 52.46 -40.76
CA LYS E 13 40.43 53.82 -40.25
C LYS E 13 39.12 54.18 -39.54
N PRO E 14 39.16 55.12 -38.61
CA PRO E 14 37.94 55.48 -37.89
C PRO E 14 36.84 55.95 -38.84
N SER E 15 35.60 55.60 -38.51
CA SER E 15 34.38 55.96 -39.23
C SER E 15 34.20 55.18 -40.53
N GLU E 16 35.12 54.28 -40.88
CA GLU E 16 34.95 53.42 -42.04
C GLU E 16 34.04 52.24 -41.68
N THR E 17 33.85 51.33 -42.64
CA THR E 17 33.00 50.16 -42.45
C THR E 17 33.86 48.91 -42.40
N LEU E 18 33.76 48.17 -41.29
CA LEU E 18 34.50 46.94 -41.09
C LEU E 18 33.80 45.78 -41.77
N SER E 19 34.58 44.86 -42.32
CA SER E 19 34.05 43.67 -42.95
C SER E 19 34.96 42.48 -42.63
N LEU E 20 34.35 41.32 -42.39
CA LEU E 20 35.09 40.11 -42.09
C LEU E 20 34.39 38.93 -42.74
N THR E 21 35.15 37.85 -42.93
CA THR E 21 34.63 36.65 -43.56
C THR E 21 35.03 35.44 -42.72
N CYS E 22 34.14 34.45 -42.71
CA CYS E 22 34.37 33.19 -42.02
C CYS E 22 33.96 32.06 -42.94
N SER E 23 34.71 30.96 -42.89
CA SER E 23 34.52 29.85 -43.80
C SER E 23 34.25 28.57 -43.03
N VAL E 24 33.55 27.64 -43.69
CA VAL E 24 33.20 26.35 -43.12
C VAL E 24 33.77 25.26 -43.99
N SER E 25 34.34 24.23 -43.37
CA SER E 25 34.90 23.11 -44.10
C SER E 25 34.65 21.82 -43.31
N GLY E 26 34.70 20.71 -44.02
CA GLY E 26 34.31 19.43 -43.44
C GLY E 26 32.80 19.33 -43.39
N GLU E 27 32.17 20.19 -42.59
CA GLU E 27 30.74 20.38 -42.67
C GLU E 27 30.40 21.27 -43.86
N SER E 28 29.10 21.43 -44.10
CA SER E 28 28.61 22.36 -45.11
C SER E 28 27.52 23.21 -44.50
N ILE E 29 27.49 24.49 -44.86
CA ILE E 29 26.40 25.34 -44.42
C ILE E 29 25.10 24.75 -44.91
N SER E 30 24.07 24.80 -44.05
CA SER E 30 22.79 24.13 -44.23
C SER E 30 22.86 22.66 -43.85
N SER E 31 23.95 22.22 -43.22
CA SER E 31 24.07 20.85 -42.70
C SER E 31 24.19 20.92 -41.20
N GLY E 32 23.36 20.14 -40.50
CA GLY E 32 23.38 20.11 -39.05
C GLY E 32 22.54 21.17 -38.37
N GLY E 33 22.03 22.14 -39.13
CA GLY E 33 21.13 23.13 -38.55
C GLY E 33 21.75 23.93 -37.42
N TYR E 34 22.99 24.37 -37.58
CA TYR E 34 23.64 25.18 -36.56
C TYR E 34 23.33 26.65 -36.77
N TYR E 35 23.43 27.40 -35.68
CA TYR E 35 23.44 28.86 -35.71
C TYR E 35 24.90 29.32 -35.69
N TRP E 36 25.26 30.16 -36.66
CA TRP E 36 26.61 30.69 -36.75
C TRP E 36 26.66 32.04 -36.04
N THR E 37 27.67 32.23 -35.20
CA THR E 37 27.74 33.35 -34.28
C THR E 37 29.05 34.09 -34.48
N TRP E 38 29.03 35.39 -34.18
CA TRP E 38 30.22 36.21 -34.14
C TRP E 38 30.42 36.70 -32.71
N ILE E 39 31.64 36.55 -32.21
CA ILE E 39 31.98 36.92 -30.83
C ILE E 39 33.19 37.82 -30.85
N ARG E 40 33.28 38.71 -29.87
CA ARG E 40 34.30 39.74 -29.84
C ARG E 40 35.01 39.71 -28.49
N GLN E 41 36.25 40.20 -28.47
CA GLN E 41 37.03 40.23 -27.24
C GLN E 41 37.95 41.44 -27.28
N HIS E 42 37.60 42.47 -26.52
CA HIS E 42 38.44 43.65 -26.44
C HIS E 42 39.73 43.31 -25.67
N PRO E 43 40.80 44.08 -25.90
CA PRO E 43 42.07 43.78 -25.22
C PRO E 43 41.93 43.92 -23.71
N GLY E 44 42.22 42.84 -23.00
CA GLY E 44 42.19 42.84 -21.56
C GLY E 44 40.80 42.70 -20.95
N LYS E 45 39.76 42.51 -21.77
CA LYS E 45 38.39 42.40 -21.31
C LYS E 45 37.87 40.99 -21.57
N GLY E 46 36.64 40.75 -21.13
CA GLY E 46 35.97 39.50 -21.38
C GLY E 46 35.33 39.47 -22.77
N LEU E 47 34.63 38.37 -23.04
CA LEU E 47 34.00 38.17 -24.33
C LEU E 47 32.72 38.99 -24.45
N GLU E 48 32.30 39.21 -25.69
CA GLU E 48 31.07 39.92 -26.00
C GLU E 48 30.40 39.21 -27.17
N TRP E 49 29.07 39.23 -27.17
CA TRP E 49 28.29 38.46 -28.14
C TRP E 49 27.67 39.41 -29.16
N ILE E 50 27.88 39.11 -30.45
CA ILE E 50 27.46 40.02 -31.52
C ILE E 50 26.11 39.61 -32.07
N GLY E 51 26.02 38.43 -32.68
CA GLY E 51 24.78 38.02 -33.30
C GLY E 51 24.85 36.60 -33.82
N ASN E 52 23.71 36.14 -34.35
CA ASN E 52 23.56 34.80 -34.88
C ASN E 52 22.89 34.86 -36.24
N ILE E 53 23.16 33.84 -37.05
CA ILE E 53 22.46 33.64 -38.31
C ILE E 53 22.17 32.16 -38.46
N PHE E 54 20.93 31.82 -38.77
CA PHE E 54 20.55 30.46 -39.06
C PHE E 54 20.83 30.13 -40.52
N ASP E 55 20.82 28.83 -40.83
CA ASP E 55 21.13 28.41 -42.20
C ASP E 55 20.20 29.06 -43.21
N THR E 56 18.96 29.36 -42.83
CA THR E 56 17.98 29.91 -43.75
C THR E 56 17.93 31.43 -43.72
N GLY E 57 18.80 32.09 -42.96
CA GLY E 57 18.95 33.53 -43.01
C GLY E 57 18.32 34.28 -41.86
N SER E 58 17.50 33.65 -41.03
CA SER E 58 16.94 34.34 -39.88
C SER E 58 18.06 34.78 -38.95
N THR E 59 17.96 36.02 -38.47
CA THR E 59 19.09 36.67 -37.81
C THR E 59 18.67 37.27 -36.47
N HIS E 60 19.61 37.22 -35.52
CA HIS E 60 19.47 37.90 -34.23
C HIS E 60 20.66 38.83 -34.04
N TYR E 61 20.42 39.95 -33.38
CA TYR E 61 21.46 40.94 -33.15
C TYR E 61 21.48 41.36 -31.68
N SER E 62 22.67 41.69 -31.19
CA SER E 62 22.77 42.33 -29.90
C SER E 62 22.21 43.75 -29.99
N PRO E 63 21.43 44.18 -29.01
CA PRO E 63 20.74 45.48 -29.15
C PRO E 63 21.67 46.66 -29.33
N SER E 64 22.83 46.65 -28.68
CA SER E 64 23.73 47.80 -28.75
C SER E 64 24.35 47.97 -30.11
N LEU E 65 24.47 46.90 -30.89
CA LEU E 65 25.08 46.94 -32.22
C LEU E 65 24.08 46.75 -33.34
N LYS E 66 22.79 46.73 -33.03
CA LYS E 66 21.79 46.42 -34.05
C LYS E 66 21.75 47.47 -35.15
N THR E 67 22.05 48.73 -34.82
CA THR E 67 22.02 49.80 -35.82
C THR E 67 23.22 49.74 -36.76
N ARG E 68 24.31 49.09 -36.37
CA ARG E 68 25.52 49.06 -37.17
C ARG E 68 25.71 47.74 -37.92
N LEU E 69 25.09 46.67 -37.47
CA LEU E 69 25.45 45.34 -37.93
C LEU E 69 24.71 44.93 -39.19
N THR E 70 25.30 43.98 -39.91
CA THR E 70 24.67 43.32 -41.05
C THR E 70 25.39 42.00 -41.26
N ILE E 71 24.68 40.89 -41.07
CA ILE E 71 25.26 39.57 -41.14
C ILE E 71 24.48 38.73 -42.14
N SER E 72 25.20 37.99 -42.97
CA SER E 72 24.57 37.25 -44.06
C SER E 72 25.34 35.97 -44.31
N ILE E 73 24.78 35.12 -45.16
CA ILE E 73 25.35 33.83 -45.51
C ILE E 73 25.39 33.69 -47.03
N ASP E 74 26.32 32.88 -47.49
CA ASP E 74 26.41 32.48 -48.90
C ASP E 74 26.59 30.96 -48.89
N THR E 75 25.49 30.23 -49.10
CA THR E 75 25.55 28.78 -49.00
C THR E 75 26.40 28.15 -50.09
N SER E 76 26.54 28.82 -51.23
CA SER E 76 27.36 28.26 -52.31
C SER E 76 28.84 28.32 -51.98
N LYS E 77 29.30 29.37 -51.30
CA LYS E 77 30.69 29.49 -50.91
C LYS E 77 30.98 28.92 -49.53
N ASN E 78 29.97 28.43 -48.83
CA ASN E 78 30.14 27.92 -47.46
C ASN E 78 30.81 28.98 -46.59
N GLN E 79 30.34 30.22 -46.73
CA GLN E 79 30.88 31.35 -45.99
C GLN E 79 29.74 32.17 -45.41
N PHE E 80 30.05 32.88 -44.33
CA PHE E 80 29.15 33.88 -43.77
C PHE E 80 29.98 35.08 -43.36
N TYR E 81 29.35 36.26 -43.39
CA TYR E 81 30.07 37.51 -43.35
C TYR E 81 29.51 38.41 -42.26
N LEU E 82 30.36 39.31 -41.77
CA LEU E 82 30.01 40.29 -40.77
C LEU E 82 30.37 41.67 -41.29
N ARG E 83 29.40 42.59 -41.25
CA ARG E 83 29.63 43.98 -41.63
C ARG E 83 29.24 44.88 -40.46
N LEU E 84 30.13 45.80 -40.12
CA LEU E 84 29.93 46.71 -39.00
C LEU E 84 30.20 48.12 -39.49
N ASN E 85 29.16 48.94 -39.58
CA ASN E 85 29.29 50.29 -40.10
C ASN E 85 29.71 51.26 -39.00
N SER E 86 30.35 52.34 -39.42
CA SER E 86 30.75 53.42 -38.51
C SER E 86 31.59 52.86 -37.36
N ALA E 87 32.64 52.14 -37.71
CA ALA E 87 33.53 51.57 -36.71
C ALA E 87 34.23 52.68 -35.92
N THR E 88 34.19 52.58 -34.60
CA THR E 88 34.90 53.51 -33.74
C THR E 88 36.23 52.91 -33.30
N ALA E 89 37.04 53.74 -32.65
CA ALA E 89 38.31 53.24 -32.11
C ALA E 89 38.07 52.17 -31.06
N ALA E 90 36.96 52.26 -30.31
CA ALA E 90 36.66 51.28 -29.28
C ALA E 90 36.30 49.92 -29.85
N ASP E 91 36.00 49.84 -31.15
CA ASP E 91 35.67 48.57 -31.76
C ASP E 91 36.88 47.66 -31.95
N THR E 92 38.09 48.16 -31.69
CA THR E 92 39.27 47.32 -31.75
C THR E 92 39.09 46.12 -30.84
N ALA E 93 39.27 44.92 -31.40
CA ALA E 93 39.08 43.69 -30.63
C ALA E 93 39.42 42.51 -31.52
N VAL E 94 39.54 41.34 -30.90
CA VAL E 94 39.70 40.08 -31.62
C VAL E 94 38.31 39.53 -31.93
N TYR E 95 38.10 39.14 -33.18
CA TYR E 95 36.81 38.67 -33.66
C TYR E 95 36.88 37.18 -33.94
N TYR E 96 36.00 36.41 -33.33
CA TYR E 96 35.89 34.98 -33.53
C TYR E 96 34.56 34.67 -34.21
N CYS E 97 34.56 33.61 -35.01
CA CYS E 97 33.33 33.04 -35.56
C CYS E 97 33.21 31.59 -35.12
N ALA E 98 32.01 31.20 -34.68
CA ALA E 98 31.79 29.90 -34.07
C ALA E 98 30.44 29.35 -34.52
N ARG E 99 30.16 28.12 -34.10
CA ARG E 99 28.89 27.46 -34.40
C ARG E 99 28.26 26.96 -33.11
N VAL E 100 26.93 26.98 -33.08
CA VAL E 100 26.18 26.52 -31.91
C VAL E 100 24.85 25.95 -32.38
N GLY E 101 24.59 24.70 -32.03
CA GLY E 101 23.38 24.02 -32.44
C GLY E 101 22.37 23.95 -31.30
N TYR E 102 21.24 24.63 -31.48
CA TYR E 102 20.20 24.65 -30.47
C TYR E 102 18.87 24.93 -31.12
N SER E 103 17.79 24.55 -30.43
CA SER E 103 16.45 24.78 -30.93
C SER E 103 15.48 24.76 -29.76
N LEU E 104 14.49 25.65 -29.80
CA LEU E 104 13.55 25.81 -28.71
C LEU E 104 12.11 25.51 -29.09
N GLU E 105 11.80 25.38 -30.38
CA GLU E 105 10.42 25.17 -30.79
C GLU E 105 9.95 23.76 -30.49
N THR E 106 10.75 22.76 -30.89
CA THR E 106 10.31 21.38 -30.86
C THR E 106 9.98 20.92 -29.43
N ASP E 107 9.38 19.74 -29.36
CA ASP E 107 9.04 19.10 -28.09
C ASP E 107 10.20 18.36 -27.46
N ARG E 108 11.36 18.35 -28.12
CA ARG E 108 12.59 17.76 -27.57
C ARG E 108 13.72 18.76 -27.74
N PRO E 109 13.68 19.87 -27.01
CA PRO E 109 14.69 20.91 -27.22
C PRO E 109 16.09 20.40 -26.90
N TYR E 110 17.09 21.10 -27.43
CA TYR E 110 18.48 20.77 -27.15
C TYR E 110 19.35 21.99 -27.33
N TYR E 111 20.56 21.91 -26.77
CA TYR E 111 21.50 23.03 -26.83
C TYR E 111 22.91 22.49 -26.62
N PHE E 112 23.77 22.70 -27.60
CA PHE E 112 25.19 22.34 -27.52
C PHE E 112 25.97 23.62 -27.81
N GLY E 113 26.24 24.38 -26.75
CA GLY E 113 26.72 25.74 -26.90
C GLY E 113 28.11 25.80 -27.52
N LEU E 114 28.25 26.57 -28.58
CA LEU E 114 29.55 27.05 -29.06
C LEU E 114 30.63 25.99 -28.94
N ASP E 115 30.36 24.86 -29.59
CA ASP E 115 31.29 23.74 -29.50
C ASP E 115 32.54 23.92 -30.33
N VAL E 116 32.50 24.74 -31.39
CA VAL E 116 33.63 24.90 -32.29
C VAL E 116 33.88 26.39 -32.51
N TRP E 117 35.14 26.78 -32.46
CA TRP E 117 35.57 28.16 -32.65
C TRP E 117 36.65 28.21 -33.73
N GLY E 118 36.63 29.28 -34.52
CA GLY E 118 37.72 29.55 -35.43
C GLY E 118 38.78 30.42 -34.80
N GLN E 119 39.95 30.45 -35.45
CA GLN E 119 41.04 31.26 -34.95
C GLN E 119 40.68 32.74 -35.01
N GLY E 120 41.19 33.50 -34.05
CA GLY E 120 40.81 34.90 -33.94
C GLY E 120 41.47 35.77 -34.98
N THR E 121 40.76 36.84 -35.34
CA THR E 121 41.27 37.86 -36.25
C THR E 121 41.35 39.18 -35.49
N THR E 122 42.53 39.79 -35.47
CA THR E 122 42.74 41.01 -34.71
C THR E 122 42.43 42.21 -35.60
N VAL E 123 41.48 43.03 -35.17
CA VAL E 123 41.04 44.21 -35.91
C VAL E 123 41.43 45.44 -35.11
N THR E 124 42.21 46.32 -35.72
CA THR E 124 42.63 47.57 -35.10
C THR E 124 42.01 48.73 -35.88
N VAL E 125 41.23 49.55 -35.18
CA VAL E 125 40.56 50.70 -35.80
C VAL E 125 41.38 51.92 -35.42
N SER E 126 42.34 52.28 -36.27
CA SER E 126 43.18 53.44 -36.05
C SER E 126 43.86 53.84 -37.34
N SER E 127 44.26 55.10 -37.40
CA SER E 127 44.97 55.63 -38.56
C SER E 127 46.48 55.46 -38.39
N ASP F 1 31.06 15.97 30.96
CA ASP F 1 30.54 14.58 31.10
C ASP F 1 29.04 14.58 31.36
N ILE F 2 28.42 13.42 31.20
CA ILE F 2 27.00 13.27 31.49
C ILE F 2 26.83 13.22 33.01
N VAL F 3 26.13 14.21 33.56
CA VAL F 3 25.82 14.21 34.98
C VAL F 3 24.66 13.26 35.21
N MET F 4 24.88 12.25 36.06
CA MET F 4 23.93 11.18 36.28
C MET F 4 23.37 11.26 37.69
N THR F 5 22.05 11.18 37.81
CA THR F 5 21.38 11.21 39.09
C THR F 5 20.47 10.01 39.22
N GLN F 6 20.27 9.55 40.45
CA GLN F 6 19.48 8.37 40.74
C GLN F 6 18.45 8.70 41.81
N SER F 7 17.22 8.21 41.63
CA SER F 7 16.09 8.74 42.39
C SER F 7 16.14 8.32 43.87
N PRO F 8 15.97 7.05 44.24
CA PRO F 8 16.14 6.71 45.66
C PRO F 8 17.61 6.64 46.04
N LEU F 9 17.95 7.24 47.17
CA LEU F 9 19.27 6.98 47.76
C LEU F 9 19.28 5.61 48.44
N SER F 10 18.22 5.30 49.19
CA SER F 10 18.03 3.98 49.77
C SER F 10 16.58 3.58 49.55
N LEU F 11 16.37 2.34 49.11
CA LEU F 11 15.04 1.84 48.78
C LEU F 11 14.66 0.72 49.72
N PRO F 12 13.77 0.96 50.70
CA PRO F 12 13.28 -0.18 51.49
C PRO F 12 12.37 -1.07 50.66
N VAL F 13 12.56 -2.37 50.80
CA VAL F 13 11.83 -3.38 50.04
C VAL F 13 11.60 -4.57 50.95
N THR F 14 10.76 -5.51 50.48
CA THR F 14 10.57 -6.76 51.18
C THR F 14 10.34 -7.86 50.16
N PRO F 15 10.69 -9.10 50.49
CA PRO F 15 10.55 -10.19 49.50
C PRO F 15 9.11 -10.34 49.04
N GLY F 16 8.95 -10.67 47.77
CA GLY F 16 7.65 -10.92 47.19
C GLY F 16 6.98 -9.72 46.56
N GLU F 17 7.41 -8.51 46.90
CA GLU F 17 6.76 -7.33 46.36
C GLU F 17 7.53 -6.80 45.15
N PRO F 18 6.85 -6.11 44.24
CA PRO F 18 7.57 -5.41 43.16
C PRO F 18 8.38 -4.25 43.72
N ALA F 19 9.40 -3.85 42.96
CA ALA F 19 10.25 -2.74 43.34
C ALA F 19 10.70 -2.01 42.09
N SER F 20 11.01 -0.72 42.24
CA SER F 20 11.38 0.10 41.11
C SER F 20 12.47 1.09 41.50
N ILE F 21 13.39 1.32 40.57
CA ILE F 21 14.46 2.29 40.70
C ILE F 21 14.50 3.07 39.41
N SER F 22 14.92 4.33 39.48
CA SER F 22 14.94 5.16 38.28
C SER F 22 16.18 6.03 38.24
N CYS F 23 16.52 6.45 37.02
CA CYS F 23 17.70 7.26 36.77
C CYS F 23 17.33 8.35 35.76
N ARG F 24 18.01 9.48 35.86
CA ARG F 24 17.88 10.56 34.90
C ARG F 24 19.26 11.08 34.55
N SER F 25 19.42 11.51 33.30
CA SER F 25 20.70 12.01 32.81
C SER F 25 20.54 13.43 32.31
N SER F 26 21.64 14.20 32.38
CA SER F 26 21.59 15.61 31.99
C SER F 26 21.41 15.81 30.49
N GLN F 27 21.80 14.84 29.68
CA GLN F 27 21.59 14.89 28.25
C GLN F 27 20.97 13.59 27.77
N SER F 28 20.14 13.68 26.74
CA SER F 28 19.55 12.50 26.14
C SER F 28 20.66 11.56 25.67
N LEU F 29 20.53 10.28 26.01
CA LEU F 29 21.54 9.29 25.70
C LEU F 29 21.31 8.63 24.35
N LEU F 30 20.38 9.15 23.55
CA LEU F 30 20.13 8.61 22.22
C LEU F 30 21.31 8.98 21.32
N HIS F 31 22.16 8.00 21.05
CA HIS F 31 23.33 8.24 20.21
C HIS F 31 22.90 8.49 18.77
N SER F 32 23.82 9.05 17.99
CA SER F 32 23.51 9.41 16.61
C SER F 32 23.17 8.20 15.76
N ASN F 33 23.71 7.03 16.10
CA ASN F 33 23.46 5.82 15.32
C ASN F 33 22.17 5.12 15.73
N GLY F 34 21.39 5.72 16.62
CA GLY F 34 20.05 5.26 16.91
C GLY F 34 19.91 4.45 18.19
N TYR F 35 21.00 3.89 18.70
CA TYR F 35 20.93 3.09 19.92
C TYR F 35 21.03 3.96 21.15
N THR F 36 20.51 3.45 22.26
CA THR F 36 20.51 4.14 23.54
C THR F 36 21.46 3.40 24.48
N TYR F 37 22.60 4.02 24.78
CA TYR F 37 23.67 3.37 25.54
C TYR F 37 23.51 3.70 27.02
N LEU F 38 22.74 2.87 27.72
CA LEU F 38 22.63 2.95 29.17
C LEU F 38 22.53 1.55 29.74
N ASP F 39 23.18 1.33 30.88
CA ASP F 39 23.27 0.01 31.49
C ASP F 39 22.87 0.09 32.96
N TRP F 40 22.66 -1.07 33.57
CA TRP F 40 22.43 -1.19 35.00
C TRP F 40 23.32 -2.28 35.55
N TYR F 41 23.95 -2.01 36.69
CA TYR F 41 24.92 -2.90 37.29
C TYR F 41 24.59 -3.09 38.76
N LEU F 42 24.90 -4.27 39.28
CA LEU F 42 24.54 -4.65 40.64
C LEU F 42 25.78 -5.11 41.39
N GLN F 43 26.00 -4.53 42.57
CA GLN F 43 27.16 -4.86 43.41
C GLN F 43 26.64 -5.38 44.74
N LYS F 44 26.75 -6.67 44.94
CA LYS F 44 26.37 -7.29 46.20
C LYS F 44 27.47 -7.12 47.23
N PRO F 45 27.13 -7.26 48.51
CA PRO F 45 28.15 -7.07 49.56
C PRO F 45 29.41 -7.90 49.32
N GLY F 46 30.56 -7.22 49.29
CA GLY F 46 31.83 -7.92 49.20
C GLY F 46 32.13 -8.53 47.85
N GLN F 47 31.60 -7.97 46.78
CA GLN F 47 31.87 -8.46 45.44
C GLN F 47 32.01 -7.30 44.48
N SER F 48 32.69 -7.55 43.38
CA SER F 48 32.74 -6.58 42.30
C SER F 48 31.42 -6.58 41.52
N PRO F 49 31.10 -5.48 40.84
CA PRO F 49 29.78 -5.38 40.20
C PRO F 49 29.47 -6.51 39.22
N GLN F 50 28.20 -6.60 38.83
CA GLN F 50 27.72 -7.58 37.88
C GLN F 50 26.82 -6.87 36.88
N LEU F 51 26.60 -7.51 35.72
CA LEU F 51 25.81 -6.91 34.66
C LEU F 51 24.37 -7.38 34.72
N LEU F 52 23.45 -6.43 34.80
CA LEU F 52 22.01 -6.70 34.75
C LEU F 52 21.41 -6.42 33.38
N ILE F 53 21.53 -5.18 32.91
CA ILE F 53 20.87 -4.72 31.69
C ILE F 53 21.87 -3.89 30.92
N TYR F 54 22.16 -4.28 29.68
CA TYR F 54 23.27 -3.68 28.94
C TYR F 54 22.83 -2.65 27.90
N LEU F 55 21.53 -2.50 27.66
CA LEU F 55 21.01 -1.35 26.93
C LEU F 55 19.75 -0.89 27.64
N ALA F 56 18.98 -0.02 26.99
CA ALA F 56 17.79 0.52 27.65
C ALA F 56 16.89 -0.59 28.17
N SER F 57 16.82 -1.72 27.46
CA SER F 57 15.88 -2.79 27.82
C SER F 57 16.48 -4.19 27.79
N ASN F 58 17.59 -4.41 27.10
CA ASN F 58 18.10 -5.76 26.91
C ASN F 58 18.67 -6.33 28.21
N ARG F 59 18.23 -7.54 28.56
CA ARG F 59 18.82 -8.26 29.69
C ARG F 59 20.07 -9.01 29.26
N ALA F 60 21.02 -9.11 30.19
CA ALA F 60 22.26 -9.83 29.94
C ALA F 60 22.06 -11.33 30.14
N SER F 61 23.01 -12.11 29.61
CA SER F 61 22.94 -13.54 29.76
C SER F 61 23.20 -13.95 31.21
N GLY F 62 22.44 -14.93 31.69
CA GLY F 62 22.57 -15.43 33.04
C GLY F 62 21.82 -14.66 34.09
N VAL F 63 21.34 -13.46 33.79
CA VAL F 63 20.60 -12.69 34.79
C VAL F 63 19.25 -13.37 35.04
N PRO F 64 18.72 -13.36 36.26
CA PRO F 64 17.41 -13.96 36.50
C PRO F 64 16.34 -13.28 35.66
N ASP F 65 15.31 -14.06 35.31
CA ASP F 65 14.22 -13.58 34.48
C ASP F 65 13.38 -12.51 35.15
N ARG F 66 13.64 -12.19 36.41
CA ARG F 66 12.79 -11.28 37.17
C ARG F 66 13.05 -9.81 36.87
N PHE F 67 14.14 -9.48 36.20
CA PHE F 67 14.48 -8.09 35.93
C PHE F 67 13.90 -7.63 34.62
N SER F 68 13.74 -6.31 34.51
CA SER F 68 13.27 -5.67 33.28
C SER F 68 13.74 -4.23 33.28
N GLY F 69 13.65 -3.59 32.13
CA GLY F 69 14.03 -2.20 32.01
C GLY F 69 13.22 -1.52 30.92
N SER F 70 13.13 -0.20 31.02
CA SER F 70 12.40 0.59 30.04
C SER F 70 12.85 2.03 30.16
N GLY F 71 12.48 2.82 29.14
CA GLY F 71 12.78 4.23 29.17
C GLY F 71 13.46 4.72 27.90
N SER F 72 13.42 6.03 27.67
CA SER F 72 14.03 6.60 26.47
C SER F 72 14.35 8.07 26.74
N GLY F 73 15.24 8.61 25.93
CA GLY F 73 15.66 9.97 26.10
C GLY F 73 16.53 10.16 27.32
N THR F 74 15.99 10.82 28.34
CA THR F 74 16.74 11.14 29.54
C THR F 74 16.35 10.28 30.74
N TYR F 75 15.15 9.72 30.74
CA TYR F 75 14.59 9.04 31.89
C TYR F 75 14.52 7.55 31.62
N PHE F 76 15.05 6.76 32.55
CA PHE F 76 15.08 5.31 32.43
C PHE F 76 14.67 4.69 33.76
N THR F 77 14.27 3.43 33.70
CA THR F 77 13.74 2.77 34.89
C THR F 77 14.11 1.30 34.89
N LEU F 78 14.47 0.80 36.06
CA LEU F 78 14.73 -0.61 36.30
C LEU F 78 13.57 -1.18 37.11
N LYS F 79 13.05 -2.33 36.69
CA LYS F 79 11.89 -2.95 37.30
C LYS F 79 12.27 -4.31 37.86
N ILE F 80 11.90 -4.56 39.11
CA ILE F 80 12.02 -5.87 39.73
C ILE F 80 10.61 -6.40 39.94
N SER F 81 10.24 -7.44 39.19
CA SER F 81 8.88 -7.96 39.27
C SER F 81 8.62 -8.66 40.60
N ARG F 82 9.59 -9.43 41.08
CA ARG F 82 9.45 -10.18 42.33
C ARG F 82 10.77 -10.14 43.06
N VAL F 83 10.86 -9.29 44.08
CA VAL F 83 12.10 -9.17 44.84
C VAL F 83 12.33 -10.44 45.63
N GLU F 84 13.59 -10.85 45.73
CA GLU F 84 13.99 -12.01 46.50
C GLU F 84 15.19 -11.66 47.36
N ALA F 85 15.52 -12.57 48.28
CA ALA F 85 16.55 -12.29 49.28
C ALA F 85 17.92 -12.04 48.68
N GLU F 86 18.15 -12.49 47.45
CA GLU F 86 19.46 -12.38 46.81
C GLU F 86 19.67 -11.03 46.13
N ASP F 87 18.69 -10.14 46.17
CA ASP F 87 18.75 -8.88 45.46
C ASP F 87 19.29 -7.73 46.31
N VAL F 88 19.72 -8.01 47.55
CA VAL F 88 20.28 -6.95 48.39
C VAL F 88 21.60 -6.49 47.79
N GLY F 89 21.75 -5.18 47.64
CA GLY F 89 22.97 -4.66 47.06
C GLY F 89 22.80 -3.22 46.63
N VAL F 90 23.80 -2.72 45.91
CA VAL F 90 23.85 -1.35 45.42
C VAL F 90 23.73 -1.38 43.90
N TYR F 91 22.81 -0.60 43.37
CA TYR F 91 22.52 -0.56 41.94
C TYR F 91 23.09 0.72 41.34
N TYR F 92 23.91 0.57 40.31
CA TYR F 92 24.53 1.70 39.63
C TYR F 92 24.06 1.74 38.17
N CYS F 93 23.69 2.92 37.70
CA CYS F 93 23.40 3.13 36.29
C CYS F 93 24.61 3.74 35.59
N MET F 94 24.76 3.42 34.32
CA MET F 94 25.92 3.84 33.54
C MET F 94 25.48 4.28 32.16
N GLN F 95 26.27 5.13 31.54
CA GLN F 95 26.04 5.57 30.18
C GLN F 95 27.34 5.47 29.38
N ALA F 96 27.24 5.02 28.14
CA ALA F 96 28.41 4.80 27.30
C ALA F 96 28.34 5.64 26.03
N VAL F 97 27.64 6.77 26.09
CA VAL F 97 27.48 7.62 24.92
C VAL F 97 28.75 8.41 24.65
N GLN F 98 29.21 9.16 25.64
CA GLN F 98 30.36 10.02 25.47
C GLN F 98 31.65 9.27 25.78
N THR F 99 32.78 9.92 25.48
CA THR F 99 34.08 9.29 25.73
C THR F 99 34.27 8.97 27.19
N PRO F 100 34.05 9.88 28.14
CA PRO F 100 34.15 9.52 29.56
C PRO F 100 32.85 8.89 30.04
N TRP F 101 32.89 7.60 30.35
CA TRP F 101 31.72 6.93 30.90
C TRP F 101 31.55 7.34 32.36
N THR F 102 30.30 7.52 32.77
CA THR F 102 30.00 7.95 34.13
C THR F 102 28.97 7.02 34.74
N PHE F 103 29.07 6.80 36.04
CA PHE F 103 28.14 5.97 36.78
C PHE F 103 27.24 6.83 37.64
N GLY F 104 26.17 6.21 38.14
CA GLY F 104 25.22 6.89 38.98
C GLY F 104 25.67 6.97 40.42
N GLN F 105 24.85 7.64 41.23
CA GLN F 105 25.17 7.82 42.64
C GLN F 105 25.11 6.51 43.40
N GLY F 106 24.21 5.61 43.00
CA GLY F 106 24.11 4.32 43.65
C GLY F 106 22.93 4.22 44.58
N THR F 107 21.92 3.44 44.19
CA THR F 107 20.75 3.19 45.02
C THR F 107 20.97 1.90 45.81
N LYS F 108 20.97 2.00 47.14
CA LYS F 108 21.11 0.83 47.98
C LYS F 108 19.73 0.24 48.27
N VAL F 109 19.63 -1.09 48.18
CA VAL F 109 18.38 -1.80 48.42
C VAL F 109 18.51 -2.53 49.75
N GLU F 110 17.64 -2.18 50.69
CA GLU F 110 17.64 -2.77 52.02
C GLU F 110 16.33 -3.50 52.24
N ILE F 111 16.41 -4.75 52.68
CA ILE F 111 15.21 -5.54 52.95
C ILE F 111 14.65 -5.16 54.32
N LYS F 112 13.33 -5.18 54.43
CA LYS F 112 12.64 -4.69 55.60
C LYS F 112 11.73 -5.75 56.21
N ASP G 1 19.88 43.02 -20.35
CA ASP G 1 20.67 41.76 -20.42
C ASP G 1 20.86 41.18 -19.03
N ILE G 2 21.28 39.92 -18.97
CA ILE G 2 21.59 39.29 -17.70
C ILE G 2 22.95 39.79 -17.22
N VAL G 3 22.97 40.47 -16.08
CA VAL G 3 24.22 40.93 -15.49
C VAL G 3 24.89 39.74 -14.82
N MET G 4 26.09 39.40 -15.25
CA MET G 4 26.79 38.20 -14.82
C MET G 4 27.99 38.58 -13.99
N THR G 5 28.12 37.95 -12.83
CA THR G 5 29.25 38.19 -11.93
C THR G 5 29.92 36.88 -11.59
N GLN G 6 31.23 36.93 -11.36
CA GLN G 6 32.04 35.75 -11.09
C GLN G 6 32.83 35.97 -9.82
N SER G 7 32.89 34.95 -8.97
CA SER G 7 33.32 35.14 -7.59
C SER G 7 34.82 35.45 -7.49
N PRO G 8 35.74 34.53 -7.81
CA PRO G 8 37.16 34.92 -7.79
C PRO G 8 37.54 35.71 -9.03
N LEU G 9 38.26 36.82 -8.83
CA LEU G 9 38.90 37.47 -9.97
C LEU G 9 40.16 36.71 -10.38
N SER G 10 40.96 36.28 -9.41
CA SER G 10 42.10 35.40 -9.65
C SER G 10 42.10 34.32 -8.58
N LEU G 11 42.29 33.08 -9.01
CA LEU G 11 42.21 31.93 -8.11
C LEU G 11 43.57 31.25 -8.02
N PRO G 12 44.32 31.41 -6.94
CA PRO G 12 45.55 30.64 -6.79
C PRO G 12 45.24 29.17 -6.54
N VAL G 13 45.97 28.30 -7.22
CA VAL G 13 45.78 26.86 -7.15
C VAL G 13 47.13 26.20 -7.25
N THR G 14 47.17 24.89 -6.98
CA THR G 14 48.38 24.11 -7.17
C THR G 14 47.98 22.72 -7.65
N PRO G 15 48.85 22.05 -8.41
CA PRO G 15 48.48 20.73 -8.94
C PRO G 15 48.15 19.75 -7.82
N GLY G 16 47.18 18.88 -8.09
CA GLY G 16 46.80 17.83 -7.17
C GLY G 16 45.67 18.21 -6.22
N GLU G 17 45.41 19.50 -6.02
CA GLU G 17 44.38 19.90 -5.09
C GLU G 17 43.06 20.19 -5.80
N PRO G 18 41.93 20.02 -5.12
CA PRO G 18 40.65 20.46 -5.70
C PRO G 18 40.60 21.97 -5.83
N ALA G 19 39.73 22.44 -6.70
CA ALA G 19 39.54 23.87 -6.92
C ALA G 19 38.08 24.11 -7.27
N SER G 20 37.62 25.32 -7.01
CA SER G 20 36.22 25.66 -7.25
C SER G 20 36.10 27.11 -7.72
N ILE G 21 35.19 27.32 -8.67
CA ILE G 21 34.84 28.64 -9.18
C ILE G 21 33.32 28.72 -9.17
N SER G 22 32.79 29.91 -9.01
CA SER G 22 31.34 30.07 -8.94
C SER G 22 30.89 31.30 -9.72
N CYS G 23 29.64 31.26 -10.13
CA CYS G 23 29.03 32.34 -10.89
C CYS G 23 27.62 32.61 -10.34
N ARG G 24 27.21 33.87 -10.41
CA ARG G 24 25.86 34.26 -10.04
C ARG G 24 25.30 35.17 -11.13
N SER G 25 24.00 35.08 -11.35
CA SER G 25 23.33 35.87 -12.38
C SER G 25 22.21 36.70 -11.75
N SER G 26 21.95 37.85 -12.36
CA SER G 26 20.96 38.79 -11.82
C SER G 26 19.54 38.23 -11.89
N GLN G 27 19.27 37.32 -12.82
CA GLN G 27 17.97 36.68 -12.94
C GLN G 27 18.15 35.19 -13.03
N SER G 28 17.18 34.44 -12.50
CA SER G 28 17.21 32.99 -12.61
C SER G 28 17.23 32.59 -14.07
N LEU G 29 18.14 31.67 -14.41
CA LEU G 29 18.32 31.25 -15.78
C LEU G 29 17.41 30.08 -16.16
N LEU G 30 16.48 29.71 -15.29
CA LEU G 30 15.55 28.62 -15.58
C LEU G 30 14.59 29.09 -16.67
N HIS G 31 14.82 28.63 -17.89
CA HIS G 31 13.98 29.01 -19.01
C HIS G 31 12.59 28.41 -18.87
N SER G 32 11.64 28.97 -19.62
CA SER G 32 10.24 28.55 -19.50
C SER G 32 10.05 27.09 -19.88
N ASN G 33 10.91 26.56 -20.74
CA ASN G 33 10.77 25.18 -21.20
C ASN G 33 11.43 24.18 -20.25
N GLY G 34 11.97 24.65 -19.12
CA GLY G 34 12.44 23.78 -18.06
C GLY G 34 13.94 23.60 -18.00
N TYR G 35 14.67 23.91 -19.07
CA TYR G 35 16.11 23.74 -19.07
C TYR G 35 16.80 24.99 -18.55
N THR G 36 18.02 24.81 -18.06
CA THR G 36 18.83 25.88 -17.49
C THR G 36 20.01 26.13 -18.42
N TYR G 37 19.98 27.25 -19.14
CA TYR G 37 20.95 27.53 -20.19
C TYR G 37 22.13 28.30 -19.61
N LEU G 38 23.11 27.58 -19.09
CA LEU G 38 24.35 28.19 -18.61
C LEU G 38 25.52 27.31 -18.98
N ASP G 39 26.63 27.93 -19.39
CA ASP G 39 27.80 27.22 -19.89
C ASP G 39 29.05 27.69 -19.15
N TRP G 40 30.13 26.92 -19.34
CA TRP G 40 31.46 27.30 -18.86
C TRP G 40 32.44 27.10 -20.01
N TYR G 41 33.33 28.07 -20.19
CA TYR G 41 34.28 28.08 -21.29
C TYR G 41 35.66 28.39 -20.74
N LEU G 42 36.68 27.86 -21.41
CA LEU G 42 38.06 27.99 -20.95
C LEU G 42 38.93 28.52 -22.08
N GLN G 43 39.72 29.54 -21.78
CA GLN G 43 40.60 30.16 -22.75
C GLN G 43 42.03 30.05 -22.24
N LYS G 44 42.80 29.18 -22.83
CA LYS G 44 44.20 29.01 -22.47
C LYS G 44 45.05 30.06 -23.15
N PRO G 45 46.25 30.33 -22.63
CA PRO G 45 47.09 31.38 -23.21
C PRO G 45 47.25 31.25 -24.72
N GLY G 46 46.90 32.31 -25.46
CA GLY G 46 47.14 32.32 -26.89
C GLY G 46 46.23 31.42 -27.70
N GLN G 47 45.02 31.17 -27.22
CA GLN G 47 44.07 30.35 -27.96
C GLN G 47 42.68 30.93 -27.81
N SER G 48 41.82 30.57 -28.75
CA SER G 48 40.40 30.91 -28.63
C SER G 48 39.74 29.98 -27.62
N PRO G 49 38.64 30.41 -27.01
CA PRO G 49 38.02 29.61 -25.94
C PRO G 49 37.67 28.19 -26.37
N GLN G 50 37.38 27.36 -25.37
CA GLN G 50 36.99 25.97 -25.54
C GLN G 50 35.77 25.71 -24.69
N LEU G 51 35.03 24.67 -25.04
CA LEU G 51 33.80 24.34 -24.32
C LEU G 51 34.11 23.32 -23.21
N LEU G 52 33.72 23.66 -21.99
CA LEU G 52 33.82 22.75 -20.85
C LEU G 52 32.48 22.13 -20.51
N ILE G 53 31.48 22.96 -20.20
CA ILE G 53 30.18 22.51 -19.71
C ILE G 53 29.11 23.30 -20.43
N TYR G 54 28.20 22.61 -21.12
CA TYR G 54 27.26 23.27 -22.01
C TYR G 54 25.86 23.43 -21.42
N LEU G 55 25.58 22.83 -20.26
CA LEU G 55 24.39 23.17 -19.48
C LEU G 55 24.81 23.24 -18.03
N ALA G 56 23.83 23.31 -17.13
CA ALA G 56 24.15 23.47 -15.72
C ALA G 56 25.12 22.40 -15.24
N SER G 57 25.02 21.19 -15.78
CA SER G 57 25.87 20.08 -15.33
C SER G 57 26.52 19.28 -16.45
N ASN G 58 25.99 19.30 -17.66
CA ASN G 58 26.45 18.40 -18.71
C ASN G 58 27.86 18.77 -19.15
N ARG G 59 28.74 17.77 -19.19
CA ARG G 59 30.07 17.96 -19.75
C ARG G 59 30.03 17.80 -21.27
N ALA G 60 30.91 18.54 -21.95
CA ALA G 60 31.03 18.46 -23.39
C ALA G 60 31.91 17.29 -23.79
N SER G 61 31.79 16.87 -25.05
CA SER G 61 32.59 15.77 -25.55
C SER G 61 34.06 16.17 -25.63
N GLY G 62 34.94 15.22 -25.28
CA GLY G 62 36.36 15.45 -25.33
C GLY G 62 36.95 16.14 -24.12
N VAL G 63 36.12 16.71 -23.24
CA VAL G 63 36.64 17.38 -22.05
C VAL G 63 37.18 16.33 -21.09
N PRO G 64 38.26 16.61 -20.35
CA PRO G 64 38.75 15.62 -19.39
C PRO G 64 37.69 15.30 -18.33
N ASP G 65 37.75 14.07 -17.82
CA ASP G 65 36.78 13.58 -16.84
C ASP G 65 36.87 14.30 -15.50
N ARG G 66 37.85 15.19 -15.33
CA ARG G 66 38.09 15.82 -14.04
C ARG G 66 37.14 16.97 -13.73
N PHE G 67 36.40 17.46 -14.71
CA PHE G 67 35.52 18.59 -14.52
C PHE G 67 34.13 18.13 -14.09
N SER G 68 33.42 19.03 -13.41
CA SER G 68 32.04 18.79 -12.99
C SER G 68 31.36 20.13 -12.79
N GLY G 69 30.04 20.11 -12.73
CA GLY G 69 29.27 21.32 -12.52
C GLY G 69 27.98 21.04 -11.79
N SER G 70 27.47 22.07 -11.14
CA SER G 70 26.24 21.94 -10.37
C SER G 70 25.67 23.34 -10.13
N GLY G 71 24.41 23.37 -9.70
CA GLY G 71 23.77 24.62 -9.37
C GLY G 71 22.41 24.77 -10.01
N SER G 72 21.61 25.70 -9.50
CA SER G 72 20.28 25.95 -10.06
C SER G 72 19.85 27.37 -9.72
N GLY G 73 18.85 27.85 -10.46
CA GLY G 73 18.35 29.18 -10.26
C GLY G 73 19.34 30.25 -10.69
N THR G 74 19.92 30.94 -9.71
CA THR G 74 20.85 32.03 -9.97
C THR G 74 22.30 31.67 -9.72
N TYR G 75 22.55 30.67 -8.88
CA TYR G 75 23.89 30.34 -8.40
C TYR G 75 24.33 29.03 -9.03
N PHE G 76 25.54 29.03 -9.60
CA PHE G 76 26.11 27.87 -10.25
C PHE G 76 27.56 27.75 -9.83
N THR G 77 28.13 26.57 -10.02
CA THR G 77 29.49 26.31 -9.57
C THR G 77 30.19 25.33 -10.50
N LEU G 78 31.46 25.61 -10.78
CA LEU G 78 32.33 24.73 -11.55
C LEU G 78 33.32 24.08 -10.59
N LYS G 79 33.47 22.76 -10.70
CA LYS G 79 34.30 21.97 -9.80
C LYS G 79 35.41 21.30 -10.59
N ILE G 80 36.64 21.44 -10.11
CA ILE G 80 37.80 20.73 -10.64
C ILE G 80 38.25 19.76 -9.56
N SER G 81 38.05 18.47 -9.80
CA SER G 81 38.36 17.47 -8.77
C SER G 81 39.86 17.37 -8.54
N ARG G 82 40.66 17.40 -9.61
CA ARG G 82 42.10 17.25 -9.51
C ARG G 82 42.75 18.19 -10.50
N VAL G 83 43.26 19.32 -10.01
CA VAL G 83 43.88 20.29 -10.89
C VAL G 83 45.19 19.73 -11.45
N GLU G 84 45.46 20.04 -12.70
CA GLU G 84 46.69 19.63 -13.36
C GLU G 84 47.29 20.81 -14.11
N ALA G 85 48.52 20.62 -14.59
CA ALA G 85 49.27 21.74 -15.17
C ALA G 85 48.60 22.32 -16.40
N GLU G 86 47.71 21.57 -17.06
CA GLU G 86 47.10 22.02 -18.30
C GLU G 86 45.86 22.89 -18.08
N ASP G 87 45.50 23.16 -16.83
CA ASP G 87 44.28 23.90 -16.54
C ASP G 87 44.50 25.40 -16.40
N VAL G 88 45.72 25.88 -16.60
CA VAL G 88 45.97 27.32 -16.49
C VAL G 88 45.23 28.04 -17.60
N GLY G 89 44.48 29.08 -17.24
CA GLY G 89 43.72 29.80 -18.23
C GLY G 89 42.69 30.70 -17.56
N VAL G 90 41.80 31.25 -18.39
CA VAL G 90 40.73 32.13 -17.94
C VAL G 90 39.40 31.44 -18.19
N TYR G 91 38.55 31.42 -17.18
CA TYR G 91 37.27 30.71 -17.22
C TYR G 91 36.14 31.73 -17.33
N TYR G 92 35.30 31.57 -18.34
CA TYR G 92 34.16 32.44 -18.58
C TYR G 92 32.87 31.65 -18.48
N CYS G 93 31.91 32.18 -17.72
CA CYS G 93 30.56 31.63 -17.71
C CYS G 93 29.70 32.39 -18.72
N MET G 94 28.67 31.72 -19.23
CA MET G 94 27.80 32.29 -20.23
C MET G 94 26.37 31.86 -19.96
N GLN G 95 25.42 32.64 -20.44
CA GLN G 95 24.01 32.31 -20.35
C GLN G 95 23.37 32.49 -21.73
N ALA G 96 22.49 31.56 -22.09
CA ALA G 96 21.84 31.57 -23.40
C ALA G 96 20.33 31.65 -23.24
N VAL G 97 19.86 32.28 -22.18
CA VAL G 97 18.43 32.39 -21.93
C VAL G 97 17.82 33.50 -22.78
N GLN G 98 18.35 34.72 -22.66
CA GLN G 98 17.79 35.85 -23.36
C GLN G 98 18.43 36.01 -24.74
N THR G 99 17.82 36.89 -25.54
CA THR G 99 18.32 37.11 -26.89
C THR G 99 19.78 37.55 -26.91
N PRO G 100 20.20 38.55 -26.13
CA PRO G 100 21.63 38.86 -26.05
C PRO G 100 22.32 37.95 -25.06
N TRP G 101 23.27 37.14 -25.54
CA TRP G 101 24.05 36.29 -24.66
C TRP G 101 25.18 37.12 -24.03
N THR G 102 25.42 36.87 -22.74
CA THR G 102 26.43 37.60 -21.99
C THR G 102 27.39 36.63 -21.34
N PHE G 103 28.65 37.06 -21.21
CA PHE G 103 29.69 36.29 -20.56
C PHE G 103 30.04 36.90 -19.20
N GLY G 104 30.75 36.12 -18.40
CA GLY G 104 31.17 36.56 -17.09
C GLY G 104 32.40 37.43 -17.15
N GLN G 105 32.81 37.90 -15.98
CA GLN G 105 33.98 38.76 -15.89
C GLN G 105 35.25 38.01 -16.25
N GLY G 106 35.32 36.73 -15.91
CA GLY G 106 36.48 35.92 -16.25
C GLY G 106 37.39 35.66 -15.08
N THR G 107 37.39 34.43 -14.57
CA THR G 107 38.26 34.04 -13.46
C THR G 107 39.55 33.45 -14.00
N LYS G 108 40.68 34.09 -13.70
CA LYS G 108 41.98 33.58 -14.10
C LYS G 108 42.48 32.60 -13.04
N VAL G 109 43.05 31.49 -13.50
CA VAL G 109 43.59 30.46 -12.61
C VAL G 109 45.11 30.51 -12.72
N GLU G 110 45.77 30.78 -11.59
CA GLU G 110 47.22 30.89 -11.54
C GLU G 110 47.77 29.81 -10.62
N ILE G 111 48.70 29.02 -11.13
CA ILE G 111 49.33 27.96 -10.35
C ILE G 111 50.36 28.57 -9.41
N LYS G 112 50.50 27.97 -8.23
CA LYS G 112 51.29 28.54 -7.17
C LYS G 112 52.35 27.55 -6.67
N GLU H 1 -9.15 -32.02 -5.08
CA GLU H 1 -9.59 -33.08 -4.14
C GLU H 1 -9.57 -32.57 -2.71
N PHE H 2 -10.45 -33.13 -1.88
CA PHE H 2 -10.60 -32.63 -0.52
C PHE H 2 -9.32 -32.81 0.27
N LEU H 3 -9.14 -31.96 1.27
CA LEU H 3 -7.92 -31.91 2.05
C LEU H 3 -8.00 -32.87 3.23
N ASN H 4 -7.13 -33.86 3.25
CA ASN H 4 -7.03 -34.76 4.40
C ASN H 4 -6.49 -34.02 5.61
N ASN H 5 -6.90 -34.48 6.79
CA ASN H 5 -6.19 -34.09 8.00
C ASN H 5 -6.16 -35.21 9.04
N THR H 6 -6.29 -36.47 8.61
CA THR H 6 -6.28 -37.61 9.52
C THR H 6 -4.84 -38.07 9.76
N GLU H 7 -4.01 -37.15 10.23
CA GLU H 7 -2.61 -37.42 10.49
C GLU H 7 -2.19 -36.78 11.80
N PRO H 8 -1.20 -37.34 12.49
CA PRO H 8 -0.89 -36.88 13.84
C PRO H 8 -0.26 -35.50 13.86
N LEU H 9 -0.43 -34.82 14.99
CA LEU H 9 0.21 -33.53 15.20
C LEU H 9 1.70 -33.73 15.44
N CYS H 10 2.50 -32.80 14.93
CA CYS H 10 3.95 -32.96 14.96
C CYS H 10 4.51 -32.51 16.29
N ASN H 11 5.46 -33.29 16.81
CA ASN H 11 6.15 -32.91 18.03
C ASN H 11 7.13 -31.78 17.75
N VAL H 12 7.07 -30.74 18.56
CA VAL H 12 7.87 -29.54 18.36
C VAL H 12 8.59 -29.22 19.66
N SER H 13 9.72 -28.51 19.54
CA SER H 13 10.52 -28.12 20.69
C SER H 13 10.53 -26.63 20.95
N GLY H 14 10.22 -25.82 19.96
CA GLY H 14 10.22 -24.38 20.13
C GLY H 14 9.57 -23.69 18.96
N PHE H 15 9.00 -22.52 19.24
CA PHE H 15 8.23 -21.77 18.25
C PHE H 15 9.05 -20.61 17.72
N ALA H 16 9.13 -20.52 16.40
CA ALA H 16 9.87 -19.47 15.72
C ALA H 16 8.91 -18.54 14.99
N ILE H 17 9.17 -17.24 15.06
CA ILE H 17 8.26 -16.27 14.48
C ILE H 17 8.20 -16.43 12.98
N VAL H 18 7.02 -16.19 12.41
CA VAL H 18 6.76 -16.37 10.99
C VAL H 18 6.46 -15.05 10.30
N SER H 19 5.59 -14.22 10.89
CA SER H 19 5.17 -13.00 10.24
C SER H 19 4.65 -12.03 11.30
N LYS H 20 4.60 -10.76 10.91
CA LYS H 20 4.12 -9.72 11.81
C LYS H 20 3.46 -8.64 10.97
N ASP H 21 2.28 -8.21 11.40
CA ASP H 21 1.46 -7.33 10.57
C ASP H 21 2.04 -5.93 10.49
N ASN H 22 2.48 -5.37 11.62
CA ASN H 22 2.80 -3.94 11.70
C ASN H 22 1.59 -3.10 11.33
N GLY H 23 0.39 -3.62 11.61
CA GLY H 23 -0.81 -2.95 11.13
C GLY H 23 -0.95 -1.54 11.67
N ILE H 24 -0.87 -1.39 12.98
CA ILE H 24 -1.07 -0.08 13.60
C ILE H 24 0.07 0.85 13.23
N ARG H 25 1.30 0.35 13.24
CA ARG H 25 2.45 1.21 12.96
C ARG H 25 2.37 1.77 11.55
N ILE H 26 2.03 0.93 10.58
CA ILE H 26 1.85 1.41 9.21
C ILE H 26 0.61 2.29 9.12
N GLY H 27 -0.43 1.98 9.89
CA GLY H 27 -1.70 2.66 9.74
C GLY H 27 -1.66 4.14 10.06
N SER H 28 -0.57 4.62 10.68
CA SER H 28 -0.52 6.03 11.04
C SER H 28 -0.67 6.93 9.83
N ARG H 29 -0.26 6.45 8.65
CA ARG H 29 -0.43 7.21 7.43
C ARG H 29 -1.10 6.38 6.35
N GLY H 30 -0.80 5.09 6.31
CA GLY H 30 -1.44 4.22 5.35
C GLY H 30 -2.90 3.95 5.69
N HIS H 31 -3.64 3.56 4.66
CA HIS H 31 -5.07 3.31 4.78
C HIS H 31 -5.26 1.87 5.23
N VAL H 32 -5.60 1.69 6.50
CA VAL H 32 -5.66 0.37 7.12
C VAL H 32 -6.96 0.25 7.90
N PHE H 33 -7.56 -0.92 7.86
CA PHE H 33 -8.81 -1.15 8.58
C PHE H 33 -8.59 -1.21 10.08
N VAL H 34 -9.59 -0.77 10.82
CA VAL H 34 -9.61 -0.90 12.28
C VAL H 34 -10.11 -2.29 12.60
N ILE H 35 -9.27 -3.10 13.23
CA ILE H 35 -9.61 -4.47 13.56
C ILE H 35 -9.91 -4.56 15.05
N ARG H 36 -10.56 -5.64 15.47
CA ARG H 36 -10.61 -5.98 16.88
C ARG H 36 -9.99 -7.34 17.18
N GLU H 37 -10.34 -8.37 16.43
CA GLU H 37 -9.71 -9.68 16.67
C GLU H 37 -9.41 -10.38 15.35
N PRO H 38 -8.13 -10.61 15.04
CA PRO H 38 -7.79 -11.39 13.84
C PRO H 38 -7.60 -12.86 14.13
N PHE H 39 -7.41 -13.65 13.07
CA PHE H 39 -7.04 -15.05 13.19
C PHE H 39 -6.53 -15.51 11.83
N VAL H 40 -5.92 -16.68 11.79
CA VAL H 40 -5.25 -17.17 10.60
C VAL H 40 -5.74 -18.57 10.25
N ALA H 41 -5.95 -18.80 8.96
CA ALA H 41 -6.34 -20.10 8.44
C ALA H 41 -5.49 -20.39 7.22
N CYS H 42 -5.15 -21.67 7.02
CA CYS H 42 -4.24 -22.07 5.96
C CYS H 42 -4.94 -23.00 4.98
N GLY H 43 -4.90 -22.62 3.70
CA GLY H 43 -5.35 -23.48 2.63
C GLY H 43 -4.20 -24.27 2.05
N PRO H 44 -4.47 -25.03 0.98
CA PRO H 44 -3.39 -25.84 0.39
C PRO H 44 -2.32 -25.02 -0.30
N THR H 45 -2.63 -23.79 -0.72
CA THR H 45 -1.69 -22.97 -1.48
C THR H 45 -1.05 -21.88 -0.64
N GLU H 46 -1.84 -21.20 0.20
CA GLU H 46 -1.33 -20.09 0.97
C GLU H 46 -2.14 -19.97 2.27
N CYS H 47 -1.54 -19.32 3.25
CA CYS H 47 -2.23 -18.97 4.49
C CYS H 47 -2.68 -17.53 4.42
N ARG H 48 -3.82 -17.24 5.06
CA ARG H 48 -4.43 -15.92 5.00
C ARG H 48 -4.82 -15.46 6.40
N THR H 49 -4.70 -14.15 6.61
CA THR H 49 -5.08 -13.51 7.87
C THR H 49 -6.49 -12.93 7.71
N PHE H 50 -7.46 -13.56 8.36
CA PHE H 50 -8.81 -13.02 8.43
C PHE H 50 -8.90 -12.03 9.57
N PHE H 51 -9.86 -11.11 9.47
CA PHE H 51 -10.07 -10.16 10.54
C PHE H 51 -11.42 -9.49 10.38
N LEU H 52 -12.02 -9.16 11.52
CA LEU H 52 -13.34 -8.53 11.56
C LEU H 52 -13.14 -7.02 11.56
N THR H 53 -13.16 -6.43 10.36
CA THR H 53 -13.04 -4.98 10.26
C THR H 53 -14.23 -4.31 10.94
N GLN H 54 -14.01 -3.09 11.40
CA GLN H 54 -15.06 -2.28 11.99
C GLN H 54 -15.60 -1.24 11.02
N GLY H 55 -15.30 -1.38 9.74
CA GLY H 55 -15.90 -0.50 8.75
C GLY H 55 -15.35 0.90 8.73
N ALA H 56 -14.17 1.13 9.29
CA ALA H 56 -13.55 2.46 9.25
C ALA H 56 -12.04 2.30 9.23
N LEU H 57 -11.37 3.33 8.75
CA LEU H 57 -9.92 3.34 8.70
C LEU H 57 -9.34 4.05 9.92
N LEU H 58 -8.11 3.70 10.25
CA LEU H 58 -7.40 4.40 11.31
C LEU H 58 -7.26 5.87 10.96
N ASN H 59 -7.34 6.72 11.96
CA ASN H 59 -7.29 8.18 11.83
C ASN H 59 -8.55 8.75 11.17
N ASP H 60 -9.46 7.91 10.71
CA ASP H 60 -10.73 8.38 10.20
C ASP H 60 -11.66 8.72 11.36
N LYS H 61 -12.44 9.79 11.22
CA LYS H 61 -13.32 10.20 12.31
C LYS H 61 -14.43 9.18 12.56
N HIS H 62 -14.68 8.28 11.59
CA HIS H 62 -15.66 7.22 11.83
C HIS H 62 -15.18 6.22 12.87
N SER H 63 -13.89 6.26 13.24
CA SER H 63 -13.37 5.36 14.24
C SER H 63 -13.86 5.70 15.64
N ASN H 64 -14.52 6.84 15.81
CA ASN H 64 -15.21 7.16 17.05
C ASN H 64 -15.85 5.92 17.64
N ASN H 65 -15.58 5.67 18.93
CA ASN H 65 -16.35 4.69 19.68
C ASN H 65 -16.31 3.30 19.03
N THR H 66 -15.15 2.91 18.50
CA THR H 66 -15.01 1.57 17.95
C THR H 66 -14.91 0.51 19.03
N VAL H 67 -14.96 0.88 20.31
CA VAL H 67 -15.00 -0.14 21.36
C VAL H 67 -16.25 -0.98 21.22
N LYS H 68 -17.33 -0.39 20.71
CA LYS H 68 -18.56 -1.13 20.47
C LYS H 68 -18.27 -2.30 19.55
N ASP H 69 -18.41 -3.52 20.07
CA ASP H 69 -17.95 -4.71 19.41
C ASP H 69 -19.05 -5.44 18.63
N ARG H 70 -20.25 -4.88 18.56
CA ARG H 70 -21.31 -5.43 17.71
C ARG H 70 -22.16 -4.28 17.17
N SER H 71 -22.04 -4.04 15.87
CA SER H 71 -22.78 -2.98 15.20
C SER H 71 -22.95 -3.39 13.74
N PRO H 72 -23.91 -2.78 13.04
CA PRO H 72 -24.20 -3.21 11.67
C PRO H 72 -23.24 -2.61 10.64
N TYR H 73 -21.93 -2.73 10.89
CA TYR H 73 -20.93 -2.33 9.91
C TYR H 73 -19.70 -3.23 9.91
N ARG H 74 -19.65 -4.25 10.77
CA ARG H 74 -18.50 -5.14 10.82
C ARG H 74 -18.54 -6.13 9.66
N ALA H 75 -17.35 -6.50 9.17
CA ALA H 75 -17.28 -7.45 8.08
C ALA H 75 -15.99 -8.24 8.19
N LEU H 76 -16.09 -9.52 7.87
CA LEU H 76 -14.96 -10.43 7.84
C LEU H 76 -14.24 -10.26 6.50
N MET H 77 -13.02 -9.74 6.53
CA MET H 77 -12.20 -9.58 5.34
C MET H 77 -10.98 -10.50 5.43
N SER H 78 -10.19 -10.51 4.35
CA SER H 78 -9.11 -11.49 4.22
C SER H 78 -7.95 -10.88 3.46
N VAL H 79 -6.75 -11.19 3.92
CA VAL H 79 -5.50 -10.69 3.35
C VAL H 79 -4.50 -11.84 3.37
N PRO H 80 -3.56 -11.94 2.44
CA PRO H 80 -2.53 -12.98 2.55
C PRO H 80 -1.64 -12.77 3.77
N LEU H 81 -1.14 -13.88 4.30
CA LEU H 81 -0.39 -13.87 5.56
C LEU H 81 0.76 -12.88 5.53
N GLY H 82 0.79 -12.00 6.52
CA GLY H 82 1.87 -11.05 6.71
C GLY H 82 1.56 -9.64 6.25
N SER H 83 0.82 -9.50 5.15
CA SER H 83 0.49 -8.17 4.66
C SER H 83 -0.41 -7.46 5.67
N SER H 84 -0.22 -6.15 5.78
CA SER H 84 -1.03 -5.36 6.69
C SER H 84 -2.50 -5.40 6.24
N PRO H 85 -3.44 -5.19 7.15
CA PRO H 85 -4.85 -5.12 6.74
C PRO H 85 -5.19 -3.79 6.08
N ASN H 86 -4.63 -3.55 4.90
CA ASN H 86 -4.83 -2.29 4.19
C ASN H 86 -6.14 -2.33 3.39
N ALA H 87 -6.58 -1.15 2.93
CA ALA H 87 -7.91 -1.01 2.35
C ALA H 87 -8.05 -1.60 0.95
N TYR H 88 -6.94 -1.94 0.28
CA TYR H 88 -6.94 -2.18 -1.16
C TYR H 88 -6.52 -3.57 -1.57
N GLN H 89 -5.81 -4.31 -0.71
CA GLN H 89 -5.60 -5.72 -0.94
C GLN H 89 -6.73 -6.57 -0.38
N ALA H 90 -7.49 -6.03 0.57
CA ALA H 90 -8.42 -6.82 1.36
C ALA H 90 -9.55 -7.40 0.52
N LYS H 91 -9.58 -8.72 0.40
CA LYS H 91 -10.74 -9.38 -0.17
C LYS H 91 -11.88 -9.40 0.83
N PHE H 92 -13.11 -9.35 0.32
CA PHE H 92 -14.29 -9.38 1.16
C PHE H 92 -14.83 -10.80 1.25
N GLU H 93 -15.09 -11.27 2.46
CA GLU H 93 -15.53 -12.63 2.72
C GLU H 93 -16.99 -12.75 3.14
N SER H 94 -17.42 -11.94 4.10
CA SER H 94 -18.78 -12.05 4.61
C SER H 94 -19.04 -10.91 5.57
N VAL H 95 -20.32 -10.63 5.80
CA VAL H 95 -20.73 -9.73 6.88
C VAL H 95 -20.80 -10.54 8.18
N ALA H 96 -20.28 -9.97 9.26
CA ALA H 96 -20.31 -10.65 10.55
C ALA H 96 -19.78 -9.73 11.64
N TRP H 97 -20.17 -10.01 12.88
CA TRP H 97 -19.41 -9.59 14.05
C TRP H 97 -18.88 -10.78 14.84
N SER H 98 -19.03 -12.00 14.33
CA SER H 98 -18.38 -13.17 14.90
C SER H 98 -18.31 -14.23 13.80
N ALA H 99 -17.12 -14.78 13.57
CA ALA H 99 -16.91 -15.56 12.37
C ALA H 99 -15.85 -16.62 12.58
N THR H 100 -15.82 -17.55 11.64
CA THR H 100 -14.79 -18.58 11.56
C THR H 100 -14.60 -18.94 10.10
N ALA H 101 -13.40 -19.37 9.74
CA ALA H 101 -13.14 -19.73 8.36
C ALA H 101 -12.12 -20.86 8.31
N CYS H 102 -12.18 -21.64 7.24
CA CYS H 102 -11.24 -22.73 7.03
C CYS H 102 -11.34 -23.17 5.58
N HIS H 103 -10.29 -23.83 5.11
CA HIS H 103 -10.22 -24.32 3.73
C HIS H 103 -10.34 -25.84 3.75
N ASP H 104 -11.33 -26.36 3.04
CA ASP H 104 -11.62 -27.78 3.04
C ASP H 104 -10.93 -28.52 1.89
N GLY H 105 -10.12 -27.83 1.09
CA GLY H 105 -9.40 -28.40 -0.02
C GLY H 105 -9.87 -27.91 -1.37
N LYS H 106 -11.13 -27.52 -1.48
CA LYS H 106 -11.68 -27.01 -2.73
C LYS H 106 -11.86 -25.50 -2.70
N ARG H 107 -12.53 -24.97 -1.69
CA ARG H 107 -12.76 -23.53 -1.58
C ARG H 107 -12.96 -23.14 -0.13
N TRP H 108 -12.77 -21.85 0.16
CA TRP H 108 -12.91 -21.35 1.52
C TRP H 108 -14.35 -21.45 2.00
N LEU H 109 -14.53 -21.97 3.21
CA LEU H 109 -15.79 -21.87 3.93
C LEU H 109 -15.66 -20.80 4.99
N ALA H 110 -16.69 -19.96 5.12
CA ALA H 110 -16.64 -18.87 6.09
C ALA H 110 -18.02 -18.67 6.68
N VAL H 111 -18.09 -18.55 8.01
CA VAL H 111 -19.34 -18.40 8.74
C VAL H 111 -19.37 -17.00 9.31
N GLY H 112 -20.48 -16.29 9.08
CA GLY H 112 -20.62 -14.94 9.57
C GLY H 112 -21.92 -14.70 10.31
N ILE H 113 -21.83 -14.41 11.60
CA ILE H 113 -22.99 -14.14 12.42
C ILE H 113 -23.33 -12.66 12.35
N SER H 114 -24.61 -12.35 12.23
CA SER H 114 -25.07 -10.98 12.12
C SER H 114 -26.49 -10.89 12.63
N GLY H 115 -26.96 -9.67 12.83
CA GLY H 115 -28.32 -9.40 13.26
C GLY H 115 -28.37 -8.62 14.54
N ALA H 116 -29.59 -8.50 15.08
CA ALA H 116 -29.76 -7.85 16.37
C ALA H 116 -29.27 -8.79 17.48
N ASP H 117 -29.21 -8.25 18.69
CA ASP H 117 -28.64 -9.02 19.80
C ASP H 117 -29.46 -10.27 20.10
N ASP H 118 -30.78 -10.13 20.20
CA ASP H 118 -31.62 -11.23 20.64
C ASP H 118 -32.14 -12.11 19.50
N ASP H 119 -31.93 -11.73 18.24
CA ASP H 119 -32.42 -12.53 17.12
C ASP H 119 -31.34 -12.68 16.05
N ALA H 120 -30.10 -12.94 16.47
CA ALA H 120 -29.04 -13.09 15.49
C ALA H 120 -29.15 -14.42 14.77
N TYR H 121 -28.43 -14.52 13.65
CA TYR H 121 -28.36 -15.75 12.88
C TYR H 121 -27.04 -15.77 12.14
N ALA H 122 -26.71 -16.92 11.57
CA ALA H 122 -25.42 -17.16 10.95
C ALA H 122 -25.59 -17.49 9.48
N VAL H 123 -24.73 -16.94 8.65
CA VAL H 123 -24.68 -17.21 7.22
C VAL H 123 -23.45 -18.04 6.93
N ILE H 124 -23.60 -19.11 6.17
CA ILE H 124 -22.49 -20.00 5.87
C ILE H 124 -22.13 -19.80 4.40
N HIS H 125 -21.11 -18.98 4.15
CA HIS H 125 -20.59 -18.81 2.81
C HIS H 125 -19.71 -19.98 2.43
N TYR H 126 -19.70 -20.31 1.14
CA TYR H 126 -18.86 -21.37 0.61
C TYR H 126 -18.48 -20.99 -0.81
N GLY H 127 -17.23 -20.56 -1.00
CA GLY H 127 -16.79 -20.17 -2.33
C GLY H 127 -17.35 -18.87 -2.83
N GLY H 128 -17.67 -17.94 -1.93
CA GLY H 128 -18.11 -16.61 -2.30
C GLY H 128 -19.60 -16.41 -2.42
N MET H 129 -20.41 -17.38 -2.01
CA MET H 129 -21.86 -17.26 -2.05
C MET H 129 -22.46 -17.97 -0.84
N PRO H 130 -23.63 -17.55 -0.39
CA PRO H 130 -24.30 -18.25 0.70
C PRO H 130 -24.91 -19.57 0.24
N THR H 131 -25.02 -20.50 1.18
CA THR H 131 -25.77 -21.73 0.93
C THR H 131 -26.73 -22.11 2.06
N ASP H 132 -26.48 -21.70 3.29
CA ASP H 132 -27.29 -22.17 4.40
C ASP H 132 -27.27 -21.15 5.51
N VAL H 133 -28.31 -21.19 6.35
CA VAL H 133 -28.48 -20.26 7.46
C VAL H 133 -28.84 -21.05 8.70
N VAL H 134 -28.26 -20.65 9.84
CA VAL H 134 -28.48 -21.29 11.12
C VAL H 134 -28.98 -20.22 12.08
N ARG H 135 -30.14 -20.45 12.68
CA ARG H 135 -30.70 -19.47 13.59
C ARG H 135 -30.40 -19.81 15.04
N SER H 136 -30.48 -18.79 15.88
CA SER H 136 -30.34 -18.98 17.31
C SER H 136 -31.45 -19.88 17.83
N TRP H 137 -31.20 -20.47 18.99
CA TRP H 137 -32.20 -21.37 19.58
C TRP H 137 -32.55 -20.93 21.00
N ARG H 138 -31.62 -20.31 21.72
CA ARG H 138 -31.93 -19.69 23.00
C ARG H 138 -32.09 -18.18 22.88
N LYS H 139 -32.00 -17.63 21.67
CA LYS H 139 -32.37 -16.24 21.40
C LYS H 139 -31.51 -15.25 22.18
N GLN H 140 -30.28 -15.61 22.50
CA GLN H 140 -29.31 -14.67 23.02
C GLN H 140 -28.11 -14.65 22.06
N ILE H 141 -27.09 -13.88 22.43
CA ILE H 141 -26.00 -13.63 21.49
C ILE H 141 -25.47 -14.96 20.97
N LEU H 142 -25.57 -15.15 19.67
CA LEU H 142 -25.02 -16.32 19.02
C LEU H 142 -23.55 -16.08 18.69
N ARG H 143 -22.72 -17.08 18.96
CA ARG H 143 -21.27 -16.92 18.86
C ARG H 143 -20.64 -18.15 18.23
N THR H 144 -19.65 -17.91 17.39
CA THR H 144 -18.76 -18.95 16.89
C THR H 144 -17.39 -18.79 17.52
N GLN H 145 -16.57 -19.83 17.35
CA GLN H 145 -15.17 -19.74 17.74
C GLN H 145 -14.46 -18.72 16.87
N GLU H 146 -13.76 -17.79 17.50
CA GLU H 146 -13.11 -16.72 16.74
C GLU H 146 -11.75 -17.19 16.23
N SER H 147 -11.73 -18.33 15.55
CA SER H 147 -10.50 -18.86 14.96
C SER H 147 -10.88 -19.94 13.96
N SER H 148 -9.88 -20.43 13.23
CA SER H 148 -10.15 -21.28 12.07
C SER H 148 -10.89 -22.54 12.47
N CYS H 149 -11.78 -22.98 11.59
CA CYS H 149 -12.49 -24.24 11.78
C CYS H 149 -11.61 -25.40 11.33
N VAL H 150 -12.04 -26.62 11.65
CA VAL H 150 -11.25 -27.82 11.43
C VAL H 150 -11.96 -28.68 10.39
N CYS H 151 -11.31 -28.92 9.26
CA CYS H 151 -11.87 -29.71 8.17
C CYS H 151 -11.12 -31.02 8.05
N MET H 152 -11.86 -32.13 8.02
CA MET H 152 -11.29 -33.46 7.90
C MET H 152 -12.13 -34.26 6.90
N LYS H 153 -11.46 -34.85 5.91
CA LYS H 153 -12.13 -35.65 4.88
C LYS H 153 -13.24 -34.87 4.18
N GLY H 154 -13.11 -33.55 4.11
CA GLY H 154 -14.06 -32.71 3.42
C GLY H 154 -15.15 -32.14 4.31
N ASN H 155 -15.30 -32.63 5.53
CA ASN H 155 -16.30 -32.13 6.46
C ASN H 155 -15.66 -31.13 7.41
N CYS H 156 -16.25 -29.95 7.52
CA CYS H 156 -15.71 -28.89 8.36
C CYS H 156 -16.56 -28.74 9.61
N TYR H 157 -15.90 -28.62 10.76
CA TYR H 157 -16.53 -28.58 12.06
C TYR H 157 -16.27 -27.24 12.72
N TRP H 158 -17.19 -26.84 13.59
CA TRP H 158 -16.97 -25.67 14.43
C TRP H 158 -17.94 -25.71 15.58
N VAL H 159 -17.64 -24.93 16.61
CA VAL H 159 -18.44 -24.89 17.83
C VAL H 159 -19.10 -23.53 17.95
N MET H 160 -20.39 -23.55 18.29
CA MET H 160 -21.17 -22.34 18.48
C MET H 160 -21.82 -22.40 19.87
N THR H 161 -22.05 -21.24 20.45
CA THR H 161 -22.68 -21.14 21.75
C THR H 161 -23.75 -20.06 21.73
N ASP H 162 -24.84 -20.31 22.44
CA ASP H 162 -25.90 -19.33 22.62
C ASP H 162 -26.34 -19.36 24.07
N GLY H 163 -26.46 -18.19 24.68
CA GLY H 163 -26.92 -18.09 26.05
C GLY H 163 -26.22 -16.99 26.81
N PRO H 164 -26.40 -16.98 28.13
CA PRO H 164 -25.75 -15.95 28.94
C PRO H 164 -24.24 -16.06 28.89
N ALA H 165 -23.57 -14.95 29.23
CA ALA H 165 -22.12 -14.91 29.27
C ALA H 165 -21.58 -15.37 30.62
N ASN H 166 -22.14 -14.84 31.71
CA ASN H 166 -21.68 -15.18 33.05
C ASN H 166 -22.52 -16.28 33.69
N SER H 167 -23.15 -17.13 32.89
CA SER H 167 -23.95 -18.23 33.43
C SER H 167 -24.00 -19.35 32.41
N GLN H 168 -24.50 -20.50 32.85
CA GLN H 168 -24.51 -21.68 32.01
C GLN H 168 -25.22 -21.40 30.70
N ALA H 169 -24.52 -21.62 29.59
CA ALA H 169 -25.07 -21.43 28.25
C ALA H 169 -25.39 -22.78 27.63
N SER H 170 -25.79 -22.75 26.36
CA SER H 170 -26.05 -23.94 25.56
C SER H 170 -25.05 -23.97 24.42
N TYR H 171 -24.29 -25.06 24.32
CA TYR H 171 -23.24 -25.20 23.33
C TYR H 171 -23.60 -26.31 22.36
N LYS H 172 -23.23 -26.13 21.09
CA LYS H 172 -23.53 -27.10 20.06
C LYS H 172 -22.33 -27.25 19.13
N ILE H 173 -22.23 -28.44 18.53
CA ILE H 173 -21.17 -28.78 17.60
C ILE H 173 -21.81 -28.97 16.23
N PHE H 174 -21.26 -28.30 15.22
CA PHE H 174 -21.80 -28.34 13.88
C PHE H 174 -20.86 -29.08 12.95
N LYS H 175 -21.43 -29.62 11.88
CA LYS H 175 -20.69 -30.36 10.87
C LYS H 175 -21.29 -30.04 9.52
N SER H 176 -20.44 -29.73 8.54
CA SER H 176 -20.89 -29.26 7.25
C SER H 176 -20.14 -29.95 6.13
N HIS H 177 -20.79 -29.99 4.96
CA HIS H 177 -20.22 -30.58 3.77
C HIS H 177 -20.62 -29.70 2.59
N LYS H 178 -19.63 -29.15 1.90
CA LYS H 178 -19.88 -28.27 0.75
C LYS H 178 -20.86 -27.17 1.12
N GLY H 179 -20.56 -26.48 2.22
CA GLY H 179 -21.33 -25.32 2.62
C GLY H 179 -22.47 -25.60 3.58
N MET H 180 -23.40 -26.48 3.20
CA MET H 180 -24.62 -26.65 3.98
C MET H 180 -24.40 -27.61 5.14
N VAL H 181 -25.14 -27.36 6.22
CA VAL H 181 -24.99 -28.16 7.43
C VAL H 181 -25.62 -29.53 7.23
N THR H 182 -25.08 -30.52 7.95
CA THR H 182 -25.56 -31.89 7.85
C THR H 182 -25.78 -32.57 9.20
N ASN H 183 -25.19 -32.08 10.28
CA ASN H 183 -25.35 -32.71 11.57
C ASN H 183 -25.12 -31.70 12.68
N GLU H 184 -25.63 -32.01 13.86
CA GLU H 184 -25.63 -31.05 14.97
C GLU H 184 -25.95 -31.79 16.25
N ARG H 185 -25.08 -31.64 17.26
CA ARG H 185 -25.27 -32.24 18.56
C ARG H 185 -24.97 -31.20 19.64
N GLU H 186 -25.65 -31.33 20.78
CA GLU H 186 -25.48 -30.39 21.87
C GLU H 186 -24.56 -30.97 22.93
N VAL H 187 -23.73 -30.11 23.52
CA VAL H 187 -22.78 -30.51 24.55
C VAL H 187 -23.49 -30.35 25.89
N SER H 188 -23.68 -31.46 26.60
CA SER H 188 -24.34 -31.43 27.91
C SER H 188 -23.31 -31.24 29.03
N PHE H 189 -22.65 -30.09 28.99
CA PHE H 189 -21.58 -29.76 29.92
C PHE H 189 -22.17 -28.89 31.02
N GLN H 190 -22.65 -29.52 32.09
CA GLN H 190 -23.42 -28.80 33.10
C GLN H 190 -22.54 -27.91 33.96
N GLY H 191 -21.34 -28.36 34.29
CA GLY H 191 -20.54 -27.72 35.31
C GLY H 191 -19.62 -26.61 34.86
N GLY H 192 -19.67 -26.19 33.59
CA GLY H 192 -18.73 -25.19 33.13
C GLY H 192 -19.21 -24.33 31.97
N HIS H 193 -18.30 -23.60 31.34
CA HIS H 193 -18.64 -22.69 30.26
C HIS H 193 -17.63 -22.84 29.14
N ILE H 194 -18.12 -22.93 27.90
CA ILE H 194 -17.30 -23.17 26.72
C ILE H 194 -17.72 -22.15 25.68
N GLU H 195 -16.95 -21.06 25.54
CA GLU H 195 -17.36 -19.93 24.71
C GLU H 195 -16.60 -19.84 23.40
N GLU H 196 -15.28 -19.73 23.46
CA GLU H 196 -14.48 -19.23 22.33
C GLU H 196 -13.37 -20.21 21.98
N CYS H 197 -13.75 -21.46 21.76
CA CYS H 197 -12.79 -22.54 21.54
C CYS H 197 -11.76 -22.19 20.48
N SER H 198 -10.58 -22.79 20.62
CA SER H 198 -9.57 -22.84 19.57
C SER H 198 -9.35 -24.31 19.26
N CYS H 199 -9.49 -24.69 17.99
CA CYS H 199 -9.52 -26.09 17.60
C CYS H 199 -8.40 -26.39 16.60
N TYR H 200 -7.97 -27.64 16.59
CA TYR H 200 -7.02 -28.15 15.62
C TYR H 200 -7.24 -29.64 15.47
N PRO H 201 -6.99 -30.22 14.31
CA PRO H 201 -7.14 -31.66 14.15
C PRO H 201 -5.93 -32.41 14.68
N ASN H 202 -6.16 -33.66 15.08
CA ASN H 202 -5.08 -34.50 15.60
C ASN H 202 -5.46 -35.96 15.37
N LEU H 203 -4.92 -36.54 14.29
CA LEU H 203 -5.08 -37.96 14.01
C LEU H 203 -6.55 -38.37 13.99
N GLY H 204 -7.38 -37.55 13.36
CA GLY H 204 -8.78 -37.87 13.17
C GLY H 204 -9.70 -37.40 14.27
N LYS H 205 -9.16 -36.90 15.38
CA LYS H 205 -9.95 -36.34 16.46
C LYS H 205 -9.73 -34.84 16.52
N VAL H 206 -10.82 -34.08 16.41
CA VAL H 206 -10.76 -32.64 16.58
C VAL H 206 -10.66 -32.36 18.07
N GLU H 207 -9.67 -31.54 18.45
CA GLU H 207 -9.44 -31.16 19.84
C GLU H 207 -9.54 -29.65 19.95
N CYS H 208 -10.17 -29.17 21.00
CA CYS H 208 -10.36 -27.74 21.21
C CYS H 208 -10.07 -27.40 22.66
N VAL H 209 -9.31 -26.32 22.87
CA VAL H 209 -9.06 -25.76 24.19
C VAL H 209 -9.75 -24.40 24.21
N CYS H 210 -10.67 -24.22 25.16
CA CYS H 210 -11.66 -23.16 25.07
C CYS H 210 -11.52 -22.20 26.25
N ARG H 211 -12.46 -21.25 26.32
CA ARG H 211 -12.44 -20.18 27.29
C ARG H 211 -13.55 -20.38 28.31
N ASP H 212 -13.21 -20.34 29.59
CA ASP H 212 -14.15 -20.51 30.69
C ASP H 212 -14.43 -19.15 31.31
N ASN H 213 -15.69 -18.73 31.26
CA ASN H 213 -16.09 -17.40 31.69
C ASN H 213 -16.94 -17.42 32.96
N TRP H 214 -17.06 -18.56 33.61
CA TRP H 214 -17.99 -18.73 34.72
C TRP H 214 -17.37 -19.68 35.72
N ASN H 215 -16.94 -19.15 36.87
CA ASN H 215 -16.37 -19.95 37.93
C ASN H 215 -15.26 -20.86 37.39
N GLY H 216 -14.36 -20.28 36.60
CA GLY H 216 -13.26 -21.05 36.07
C GLY H 216 -11.98 -20.29 35.79
N MET H 217 -10.88 -20.78 36.36
CA MET H 217 -9.53 -20.37 35.98
C MET H 217 -8.91 -21.29 34.96
N ASN H 218 -9.59 -22.38 34.60
CA ASN H 218 -8.99 -23.50 33.89
C ASN H 218 -9.58 -23.63 32.51
N ARG H 219 -8.77 -24.14 31.59
CA ARG H 219 -9.19 -24.26 30.19
C ARG H 219 -10.11 -25.46 30.01
N PRO H 220 -11.32 -25.28 29.48
CA PRO H 220 -12.12 -26.45 29.11
C PRO H 220 -11.56 -27.15 27.88
N VAL H 221 -11.83 -28.45 27.79
CA VAL H 221 -11.36 -29.28 26.70
C VAL H 221 -12.54 -29.99 26.06
N LEU H 222 -12.60 -29.95 24.73
CA LEU H 222 -13.62 -30.65 23.97
C LEU H 222 -12.94 -31.49 22.90
N THR H 223 -13.29 -32.76 22.83
CA THR H 223 -12.76 -33.67 21.83
C THR H 223 -13.90 -34.41 21.16
N PHE H 224 -13.96 -34.33 19.84
CA PHE H 224 -15.00 -35.01 19.08
C PHE H 224 -14.40 -35.48 17.75
N ASP H 225 -15.14 -36.36 17.08
CA ASP H 225 -14.63 -37.03 15.89
C ASP H 225 -15.68 -37.04 14.80
N GLU H 226 -15.51 -37.92 13.80
CA GLU H 226 -16.34 -37.89 12.60
C GLU H 226 -17.82 -37.68 12.88
N ASP H 227 -18.43 -38.54 13.68
CA ASP H 227 -19.88 -38.50 13.91
C ASP H 227 -20.25 -37.80 15.21
N LEU H 228 -19.40 -36.89 15.68
CA LEU H 228 -19.72 -35.96 16.75
C LEU H 228 -19.97 -36.63 18.10
N ASN H 229 -19.39 -37.81 18.34
CA ASN H 229 -19.29 -38.30 19.71
C ASN H 229 -18.17 -37.56 20.42
N TYR H 230 -18.44 -37.07 21.63
CA TYR H 230 -17.56 -36.13 22.28
C TYR H 230 -17.27 -36.52 23.72
N GLU H 231 -16.15 -35.99 24.21
CA GLU H 231 -15.78 -36.03 25.62
C GLU H 231 -15.47 -34.60 26.05
N VAL H 232 -15.90 -34.25 27.25
CA VAL H 232 -15.77 -32.89 27.76
C VAL H 232 -15.04 -32.94 29.10
N GLY H 233 -14.21 -31.96 29.35
CA GLY H 233 -13.45 -31.94 30.58
C GLY H 233 -12.72 -30.64 30.77
N TYR H 234 -11.64 -30.70 31.52
CA TYR H 234 -10.78 -29.55 31.79
C TYR H 234 -9.33 -29.95 31.59
N LEU H 235 -8.51 -28.96 31.25
CA LEU H 235 -7.08 -29.17 31.11
C LEU H 235 -6.48 -29.46 32.48
N CYS H 236 -6.02 -30.71 32.67
CA CYS H 236 -5.59 -31.15 33.99
C CYS H 236 -4.45 -30.31 34.56
N ALA H 237 -3.69 -29.63 33.71
CA ALA H 237 -2.45 -28.99 34.13
C ALA H 237 -2.63 -28.26 35.44
N GLY H 238 -1.65 -28.41 36.33
CA GLY H 238 -1.66 -27.71 37.58
C GLY H 238 -1.28 -26.25 37.48
N ILE H 239 -0.91 -25.78 36.30
CA ILE H 239 -0.55 -24.38 36.08
C ILE H 239 -1.75 -23.69 35.45
N PRO H 240 -2.44 -22.80 36.15
CA PRO H 240 -3.59 -22.12 35.55
C PRO H 240 -3.14 -21.22 34.40
N THR H 241 -4.02 -21.09 33.40
CA THR H 241 -3.65 -20.41 32.16
C THR H 241 -4.70 -19.41 31.69
N ASP H 242 -5.75 -19.17 32.47
CA ASP H 242 -6.65 -18.08 32.15
C ASP H 242 -6.07 -16.76 32.67
N THR H 243 -6.56 -15.64 32.14
CA THR H 243 -5.99 -14.35 32.53
C THR H 243 -6.19 -14.08 34.01
N PRO H 244 -7.42 -13.95 34.52
CA PRO H 244 -7.59 -13.90 35.98
C PRO H 244 -7.26 -15.25 36.59
N ARG H 245 -6.24 -15.28 37.44
CA ARG H 245 -5.83 -16.53 38.06
C ARG H 245 -4.98 -16.22 39.27
N VAL H 246 -5.00 -17.12 40.24
CA VAL H 246 -4.07 -17.03 41.35
C VAL H 246 -2.71 -17.55 40.92
N GLN H 247 -1.68 -17.19 41.67
CA GLN H 247 -0.33 -17.58 41.31
C GLN H 247 -0.21 -19.10 41.32
N ASP H 248 0.81 -19.59 40.59
CA ASP H 248 0.90 -21.01 40.29
C ASP H 248 1.02 -21.86 41.55
N ASN H 249 1.65 -21.33 42.60
CA ASN H 249 1.87 -22.11 43.81
C ASN H 249 0.61 -22.26 44.66
N SER H 250 -0.42 -21.45 44.42
CA SER H 250 -1.66 -21.56 45.15
C SER H 250 -2.68 -22.46 44.46
N PHE H 251 -2.57 -22.59 43.15
CA PHE H 251 -3.52 -23.38 42.37
C PHE H 251 -3.31 -24.88 42.62
N ILE H 252 -4.38 -25.65 42.43
CA ILE H 252 -4.36 -27.09 42.62
C ILE H 252 -4.75 -27.83 41.36
N GLY H 253 -5.82 -27.43 40.70
CA GLY H 253 -6.16 -28.01 39.42
C GLY H 253 -6.99 -29.28 39.55
N SER H 254 -7.77 -29.55 38.50
CA SER H 254 -8.62 -30.72 38.45
C SER H 254 -8.90 -31.06 37.00
N CYS H 255 -9.10 -32.34 36.72
CA CYS H 255 -9.33 -32.78 35.35
C CYS H 255 -10.79 -32.63 34.93
N THR H 256 -11.73 -32.74 35.88
CA THR H 256 -13.15 -32.75 35.56
C THR H 256 -13.95 -31.63 36.20
N ASN H 257 -13.48 -31.06 37.31
CA ASN H 257 -14.21 -30.01 38.00
C ASN H 257 -13.67 -28.64 37.61
N ALA H 258 -14.57 -27.66 37.57
CA ALA H 258 -14.15 -26.28 37.42
C ALA H 258 -13.53 -25.80 38.72
N VAL H 259 -12.59 -24.87 38.61
CA VAL H 259 -11.85 -24.38 39.76
C VAL H 259 -11.91 -22.86 39.73
N GLY H 260 -12.70 -22.27 40.62
CA GLY H 260 -12.79 -20.84 40.72
C GLY H 260 -11.63 -20.25 41.50
N GLY H 261 -11.76 -18.98 41.83
CA GLY H 261 -10.72 -18.30 42.56
C GLY H 261 -11.24 -17.01 43.16
N SER H 262 -10.30 -16.23 43.69
CA SER H 262 -10.62 -14.97 44.34
C SER H 262 -10.79 -13.89 43.27
N GLY H 263 -12.03 -13.61 42.89
CA GLY H 263 -12.30 -12.58 41.91
C GLY H 263 -12.01 -12.96 40.49
N THR H 264 -11.76 -14.24 40.21
CA THR H 264 -11.43 -14.72 38.88
C THR H 264 -12.56 -15.51 38.24
N ASN H 265 -13.80 -15.30 38.69
CA ASN H 265 -14.90 -16.17 38.29
C ASN H 265 -15.59 -15.73 37.01
N ASN H 266 -15.71 -14.43 36.76
CA ASN H 266 -16.55 -13.92 35.69
C ASN H 266 -15.74 -13.21 34.62
N TYR H 267 -14.61 -13.77 34.23
CA TYR H 267 -13.79 -13.13 33.21
C TYR H 267 -12.77 -14.12 32.68
N GLY H 268 -12.20 -13.79 31.54
CA GLY H 268 -11.24 -14.67 30.92
C GLY H 268 -10.78 -14.11 29.59
N VAL H 269 -10.02 -14.93 28.86
CA VAL H 269 -9.47 -14.54 27.58
C VAL H 269 -9.29 -15.79 26.74
N LYS H 270 -9.45 -15.63 25.44
CA LYS H 270 -9.25 -16.73 24.50
C LYS H 270 -7.80 -17.20 24.56
N GLY H 271 -7.60 -18.51 24.48
CA GLY H 271 -6.27 -19.08 24.53
C GLY H 271 -6.15 -20.35 23.70
N PHE H 272 -5.05 -21.09 23.85
CA PHE H 272 -4.85 -22.27 23.05
C PHE H 272 -3.91 -23.23 23.76
N GLY H 273 -3.96 -24.50 23.34
CA GLY H 273 -3.06 -25.51 23.84
C GLY H 273 -2.90 -26.67 22.88
N PHE H 274 -1.66 -27.08 22.64
CA PHE H 274 -1.36 -28.21 21.75
C PHE H 274 -0.97 -29.42 22.58
N ARG H 275 -1.64 -30.54 22.36
CA ARG H 275 -1.24 -31.77 23.03
C ARG H 275 -0.03 -32.38 22.34
N GLN H 276 0.94 -32.80 23.14
CA GLN H 276 2.15 -33.46 22.67
C GLN H 276 2.30 -34.72 23.53
N GLY H 277 1.75 -35.82 23.06
CA GLY H 277 1.72 -37.01 23.88
C GLY H 277 0.82 -36.77 25.08
N ASN H 278 1.43 -36.62 26.26
CA ASN H 278 0.70 -36.26 27.46
C ASN H 278 1.06 -34.86 27.98
N SER H 279 2.06 -34.22 27.39
CA SER H 279 2.38 -32.83 27.74
C SER H 279 1.48 -31.87 26.95
N VAL H 280 1.56 -30.59 27.28
CA VAL H 280 0.76 -29.57 26.61
C VAL H 280 1.60 -28.31 26.46
N TRP H 281 1.49 -27.66 25.30
CA TRP H 281 2.12 -26.37 25.05
C TRP H 281 1.12 -25.26 25.36
N ALA H 282 0.76 -25.17 26.64
CA ALA H 282 -0.25 -24.20 27.05
C ALA H 282 0.31 -22.79 26.95
N GLY H 283 -0.44 -21.91 26.30
CA GLY H 283 -0.07 -20.51 26.20
C GLY H 283 -0.90 -19.67 27.16
N ARG H 284 -0.27 -18.66 27.75
CA ARG H 284 -0.94 -17.82 28.72
C ARG H 284 -0.24 -16.47 28.80
N THR H 285 -0.97 -15.47 29.28
CA THR H 285 -0.38 -14.15 29.49
C THR H 285 0.58 -14.19 30.67
N VAL H 286 1.53 -13.25 30.67
CA VAL H 286 2.51 -13.19 31.74
C VAL H 286 1.88 -12.71 33.04
N SER H 287 1.10 -11.64 32.97
CA SER H 287 0.46 -11.10 34.15
C SER H 287 -0.71 -11.98 34.58
N ILE H 288 -1.02 -11.92 35.87
CA ILE H 288 -2.09 -12.76 36.42
C ILE H 288 -3.42 -12.03 36.53
N SER H 289 -3.46 -10.73 36.20
CA SER H 289 -4.71 -9.97 36.30
C SER H 289 -4.92 -9.03 35.12
N SER H 290 -4.11 -9.11 34.07
CA SER H 290 -4.28 -8.24 32.92
C SER H 290 -3.74 -8.91 31.67
N ARG H 291 -4.20 -8.41 30.52
CA ARG H 291 -3.77 -8.94 29.23
C ARG H 291 -2.47 -8.23 28.84
N SER H 292 -1.38 -8.71 29.40
CA SER H 292 -0.05 -8.20 29.07
C SER H 292 0.92 -9.37 29.05
N GLY H 293 1.92 -9.27 28.17
CA GLY H 293 2.91 -10.31 28.04
C GLY H 293 2.31 -11.59 27.51
N PHE H 294 3.19 -12.55 27.25
CA PHE H 294 2.75 -13.84 26.72
C PHE H 294 3.86 -14.85 26.93
N GLU H 295 3.47 -16.09 27.23
CA GLU H 295 4.39 -17.18 27.50
C GLU H 295 3.89 -18.43 26.79
N ILE H 296 4.80 -19.38 26.62
CA ILE H 296 4.44 -20.71 26.14
C ILE H 296 5.11 -21.71 27.05
N LEU H 297 4.32 -22.56 27.71
CA LEU H 297 4.81 -23.47 28.73
C LEU H 297 4.57 -24.90 28.27
N LEU H 298 5.63 -25.70 28.26
CA LEU H 298 5.54 -27.12 27.96
C LEU H 298 5.45 -27.85 29.30
N VAL H 299 4.24 -28.21 29.69
CA VAL H 299 3.98 -28.85 30.97
C VAL H 299 4.02 -30.35 30.78
N GLU H 300 4.94 -31.02 31.48
CA GLU H 300 5.03 -32.46 31.36
C GLU H 300 3.78 -33.10 31.96
N ASP H 301 3.14 -33.97 31.17
CA ASP H 301 1.94 -34.68 31.60
C ASP H 301 0.83 -33.73 32.01
N GLY H 302 0.89 -32.46 31.58
CA GLY H 302 -0.10 -31.50 32.01
C GLY H 302 -1.48 -31.78 31.47
N TRP H 303 -1.59 -32.60 30.43
CA TRP H 303 -2.87 -32.90 29.82
C TRP H 303 -3.71 -33.87 30.64
N VAL H 304 -3.08 -34.69 31.48
CA VAL H 304 -3.82 -35.76 32.16
C VAL H 304 -3.46 -35.92 33.63
N LYS H 305 -2.37 -35.34 34.14
CA LYS H 305 -1.87 -35.73 35.46
C LYS H 305 -1.66 -34.57 36.42
N THR H 306 -2.31 -33.42 36.23
CA THR H 306 -2.27 -32.34 37.21
C THR H 306 -0.85 -31.92 37.56
N SER H 307 0.12 -32.18 36.68
CA SER H 307 1.50 -31.89 36.99
C SER H 307 1.78 -30.39 36.92
N LYS H 308 2.82 -29.97 37.62
CA LYS H 308 3.27 -28.58 37.60
C LYS H 308 4.66 -28.42 37.00
N ASN H 309 5.31 -29.50 36.60
CA ASN H 309 6.69 -29.46 36.15
C ASN H 309 6.76 -28.80 34.77
N VAL H 310 7.17 -27.54 34.75
CA VAL H 310 7.39 -26.81 33.50
C VAL H 310 8.75 -27.21 32.93
N VAL H 311 8.75 -27.90 31.80
CA VAL H 311 10.00 -28.34 31.21
C VAL H 311 10.66 -27.22 30.42
N LYS H 312 9.89 -26.45 29.68
CA LYS H 312 10.43 -25.37 28.86
C LYS H 312 9.50 -24.17 28.93
N LYS H 313 10.11 -22.99 28.85
CA LYS H 313 9.35 -21.75 28.81
C LYS H 313 9.93 -20.83 27.75
N VAL H 314 9.04 -20.12 27.06
CA VAL H 314 9.40 -19.16 26.02
C VAL H 314 8.56 -17.92 26.24
N GLU H 315 9.18 -16.75 26.08
CA GLU H 315 8.46 -15.49 26.14
C GLU H 315 8.53 -14.81 24.78
N VAL H 316 7.38 -14.35 24.30
CA VAL H 316 7.31 -13.61 23.05
C VAL H 316 6.87 -12.17 23.26
N LEU H 317 6.34 -11.82 24.43
CA LEU H 317 6.06 -10.44 24.79
C LEU H 317 6.44 -10.24 26.24
N ASN H 318 7.27 -9.24 26.51
CA ASN H 318 7.59 -8.93 27.88
C ASN H 318 6.40 -8.24 28.55
N ASN H 319 6.43 -8.19 29.88
CA ASN H 319 5.24 -7.88 30.66
C ASN H 319 4.74 -6.45 30.43
N LYS H 320 5.53 -5.58 29.82
CA LYS H 320 5.16 -4.18 29.67
C LYS H 320 4.37 -3.88 28.40
N ASN H 321 4.12 -4.88 27.55
CA ASN H 321 3.38 -4.68 26.32
C ASN H 321 2.03 -5.38 26.39
N TRP H 322 1.00 -4.72 25.83
CA TRP H 322 -0.34 -5.27 25.89
C TRP H 322 -0.48 -6.46 24.94
N SER H 323 -1.32 -7.41 25.34
CA SER H 323 -1.59 -8.60 24.54
C SER H 323 -3.10 -8.83 24.43
N GLY H 324 -3.50 -9.96 23.87
CA GLY H 324 -4.91 -10.25 23.74
C GLY H 324 -5.20 -11.69 23.39
N TYR H 325 -6.15 -11.91 22.50
CA TYR H 325 -6.55 -13.26 22.12
C TYR H 325 -5.37 -14.04 21.56
N SER H 326 -5.53 -15.36 21.54
CA SER H 326 -4.54 -16.23 20.95
C SER H 326 -5.23 -17.52 20.53
N GLY H 327 -4.86 -18.02 19.35
CA GLY H 327 -5.53 -19.18 18.78
C GLY H 327 -4.58 -20.06 18.02
N ALA H 328 -5.06 -21.26 17.68
CA ALA H 328 -4.25 -22.30 17.07
C ALA H 328 -4.69 -22.56 15.65
N PHE H 329 -3.75 -23.05 14.86
CA PHE H 329 -4.03 -23.53 13.51
C PHE H 329 -2.85 -24.37 13.06
N THR H 330 -3.08 -25.21 12.06
CA THR H 330 -2.07 -26.17 11.61
C THR H 330 -1.86 -26.03 10.12
N ILE H 331 -0.60 -26.16 9.70
CA ILE H 331 -0.23 -26.11 8.29
C ILE H 331 -0.29 -27.54 7.75
N PRO H 332 -1.06 -27.81 6.71
CA PRO H 332 -1.33 -29.19 6.31
C PRO H 332 -0.17 -29.80 5.53
N ILE H 333 -0.35 -31.06 5.14
CA ILE H 333 0.68 -31.80 4.42
C ILE H 333 0.92 -31.19 3.04
N THR H 334 -0.14 -30.74 2.38
CA THR H 334 0.00 -30.29 1.00
C THR H 334 0.98 -29.16 0.87
N MET H 335 1.24 -28.43 1.95
CA MET H 335 2.08 -27.25 1.94
C MET H 335 3.44 -27.47 2.59
N THR H 336 3.66 -28.61 3.25
CA THR H 336 4.93 -28.89 3.90
C THR H 336 5.68 -30.07 3.28
N SER H 337 4.98 -31.05 2.70
CA SER H 337 5.49 -32.36 2.29
C SER H 337 5.84 -33.24 3.49
N LYS H 338 5.59 -32.78 4.72
CA LYS H 338 5.76 -33.63 5.88
C LYS H 338 4.66 -34.69 5.95
N GLN H 339 4.92 -35.75 6.71
CA GLN H 339 3.90 -36.74 7.03
C GLN H 339 3.20 -36.45 8.36
N CYS H 340 3.21 -35.20 8.81
CA CYS H 340 2.49 -34.81 10.01
C CYS H 340 2.19 -33.32 9.93
N LEU H 341 1.21 -32.90 10.72
CA LEU H 341 0.77 -31.52 10.72
C LEU H 341 1.68 -30.68 11.62
N VAL H 342 2.00 -29.48 11.18
CA VAL H 342 2.89 -28.59 11.90
C VAL H 342 2.04 -27.61 12.70
N PRO H 343 2.12 -27.61 14.04
CA PRO H 343 1.31 -26.67 14.81
C PRO H 343 1.82 -25.25 14.68
N CYS H 344 0.90 -24.30 14.82
CA CYS H 344 1.21 -22.87 14.81
C CYS H 344 0.18 -22.16 15.68
N PHE H 345 0.51 -20.94 16.10
CA PHE H 345 -0.42 -20.17 16.90
C PHE H 345 -0.22 -18.69 16.61
N TRP H 346 -1.29 -17.92 16.80
CA TRP H 346 -1.27 -16.48 16.52
C TRP H 346 -1.64 -15.71 17.77
N LEU H 347 -1.12 -14.49 17.85
CA LEU H 347 -1.21 -13.67 19.05
C LEU H 347 -1.49 -12.24 18.64
N GLU H 348 -2.62 -11.69 19.07
CA GLU H 348 -2.97 -10.31 18.79
C GLU H 348 -2.49 -9.42 19.92
N MET H 349 -2.39 -8.13 19.62
CA MET H 349 -1.89 -7.14 20.57
C MET H 349 -2.81 -5.93 20.53
N ILE H 350 -3.69 -5.80 21.52
CA ILE H 350 -4.71 -4.77 21.51
C ILE H 350 -4.10 -3.46 21.96
N ARG H 351 -4.54 -2.38 21.34
CA ARG H 351 -4.17 -1.03 21.73
C ARG H 351 -5.36 -0.11 21.48
N GLY H 352 -5.65 0.76 22.44
CA GLY H 352 -6.80 1.62 22.29
C GLY H 352 -7.46 2.01 23.59
N LYS H 353 -8.74 2.34 23.54
CA LYS H 353 -9.46 2.89 24.69
C LYS H 353 -9.60 1.91 25.85
N PRO H 354 -9.65 0.59 25.62
CA PRO H 354 -9.85 -0.33 26.75
C PRO H 354 -8.83 -0.16 27.88
N GLU H 355 -7.58 0.20 27.56
CA GLU H 355 -6.57 0.36 28.60
C GLU H 355 -5.84 1.69 28.46
N GLU H 356 -5.77 2.23 27.24
CA GLU H 356 -5.19 3.54 26.98
C GLU H 356 -6.34 4.52 26.81
N ARG H 357 -6.66 5.25 27.87
CA ARG H 357 -7.94 5.94 27.95
C ARG H 357 -8.06 7.02 26.89
N THR H 358 -6.98 7.73 26.59
CA THR H 358 -7.06 8.95 25.80
C THR H 358 -7.41 8.70 24.34
N SER H 359 -7.14 7.50 23.82
CA SER H 359 -7.45 7.23 22.42
C SER H 359 -8.93 6.93 22.24
N ILE H 360 -9.47 7.37 21.09
CA ILE H 360 -10.89 7.18 20.80
C ILE H 360 -11.17 5.86 20.08
N TRP H 361 -10.14 5.19 19.59
CA TRP H 361 -10.30 4.02 18.74
C TRP H 361 -9.70 2.79 19.42
N THR H 362 -9.83 1.65 18.76
CA THR H 362 -9.36 0.38 19.31
C THR H 362 -9.00 -0.53 18.15
N SER H 363 -7.74 -0.94 18.08
CA SER H 363 -7.28 -1.84 17.03
C SER H 363 -6.30 -2.82 17.63
N SER H 364 -5.92 -3.81 16.82
CA SER H 364 -4.98 -4.83 17.26
C SER H 364 -4.10 -5.23 16.09
N SER H 365 -2.94 -5.77 16.41
CA SER H 365 -1.97 -6.21 15.43
C SER H 365 -1.64 -7.67 15.69
N SER H 366 -1.50 -8.45 14.63
CA SER H 366 -1.33 -9.89 14.74
C SER H 366 0.14 -10.28 14.60
N THR H 367 0.52 -11.34 15.30
CA THR H 367 1.83 -11.95 15.18
C THR H 367 1.63 -13.45 15.10
N VAL H 368 2.41 -14.11 14.25
CA VAL H 368 2.22 -15.53 13.96
C VAL H 368 3.53 -16.25 14.24
N PHE H 369 3.42 -17.41 14.88
CA PHE H 369 4.57 -18.28 15.15
C PHE H 369 4.22 -19.69 14.68
N CYS H 370 5.26 -20.47 14.40
CA CYS H 370 5.07 -21.86 14.03
C CYS H 370 6.11 -22.73 14.71
N GLY H 371 5.72 -23.97 14.98
CA GLY H 371 6.59 -24.88 15.69
C GLY H 371 7.77 -25.30 14.84
N VAL H 372 8.88 -25.59 15.51
CA VAL H 372 10.12 -26.02 14.87
C VAL H 372 10.72 -27.12 15.71
N SER H 373 11.25 -28.16 15.07
CA SER H 373 11.82 -29.27 15.82
C SER H 373 13.01 -28.82 16.67
N SER H 374 13.82 -27.91 16.14
CA SER H 374 14.97 -27.40 16.88
C SER H 374 14.51 -26.38 17.95
N GLU H 375 15.24 -26.34 19.05
CA GLU H 375 14.92 -25.40 20.12
C GLU H 375 15.21 -23.97 19.67
N VAL H 376 14.36 -23.03 20.12
CA VAL H 376 14.42 -21.65 19.64
C VAL H 376 14.26 -20.69 20.82
N PRO H 377 15.05 -19.62 20.90
CA PRO H 377 14.88 -18.65 21.99
C PRO H 377 13.74 -17.69 21.69
N GLY H 378 13.44 -16.84 22.67
CA GLY H 378 12.36 -15.90 22.58
C GLY H 378 12.83 -14.45 22.58
N TRP H 379 11.90 -13.55 22.28
CA TRP H 379 12.20 -12.13 22.24
C TRP H 379 10.88 -11.36 22.26
N SER H 380 10.96 -10.08 22.61
CA SER H 380 9.76 -9.24 22.77
C SER H 380 9.42 -8.60 21.44
N TRP H 381 8.62 -9.32 20.63
CA TRP H 381 8.16 -8.79 19.34
C TRP H 381 6.88 -7.97 19.56
N ASP H 382 7.06 -6.83 20.23
CA ASP H 382 5.92 -5.99 20.56
C ASP H 382 5.44 -5.22 19.33
N ASP H 383 4.24 -4.65 19.45
CA ASP H 383 3.63 -3.96 18.32
C ASP H 383 4.41 -2.69 17.96
N GLY H 384 4.76 -1.89 18.97
CA GLY H 384 5.59 -0.73 18.72
C GLY H 384 4.88 0.48 18.17
N ALA H 385 3.56 0.56 18.30
CA ALA H 385 2.85 1.76 17.90
C ALA H 385 3.17 2.90 18.86
N ILE H 386 2.97 4.12 18.39
CA ILE H 386 3.27 5.32 19.17
C ILE H 386 1.99 6.14 19.25
N LEU H 387 1.19 5.90 20.26
CA LEU H 387 -0.01 6.69 20.49
C LEU H 387 0.31 7.91 21.33
N PRO H 388 -0.56 8.93 21.32
CA PRO H 388 -1.81 9.04 20.58
C PRO H 388 -1.62 9.36 19.10
N PHE H 389 -2.55 8.91 18.24
CA PHE H 389 -2.49 9.23 16.83
C PHE H 389 -3.04 10.63 16.57
N ASP H 390 -2.92 11.07 15.32
CA ASP H 390 -3.31 12.42 14.94
C ASP H 390 -4.80 12.67 15.15
N ILE H 391 -5.63 11.63 15.10
CA ILE H 391 -7.07 11.83 15.28
C ILE H 391 -7.45 11.94 16.74
N ASP H 392 -6.63 11.41 17.64
CA ASP H 392 -6.90 11.51 19.07
C ASP H 392 -6.55 12.88 19.64
N LYS H 393 -5.82 13.70 18.89
CA LYS H 393 -5.43 15.03 19.36
C LYS H 393 -6.55 16.03 19.14
N LEU I 11 -50.62 -4.67 55.32
CA LEU I 11 -50.49 -3.36 56.00
C LEU I 11 -49.30 -3.37 56.96
N VAL I 12 -48.66 -2.21 57.12
CA VAL I 12 -47.52 -2.07 58.00
C VAL I 12 -47.71 -0.80 58.82
N LYS I 13 -47.46 -0.90 60.12
CA LYS I 13 -47.51 0.28 60.96
C LYS I 13 -46.20 1.05 60.87
N PRO I 14 -46.24 2.37 61.12
CA PRO I 14 -45.01 3.15 61.01
C PRO I 14 -43.92 2.63 61.94
N SER I 15 -42.68 2.72 61.47
CA SER I 15 -41.47 2.32 62.17
C SER I 15 -41.29 0.81 62.26
N GLU I 16 -42.21 0.02 61.70
CA GLU I 16 -42.04 -1.42 61.65
C GLU I 16 -41.14 -1.79 60.45
N THR I 17 -40.95 -3.09 60.26
CA THR I 17 -40.11 -3.59 59.18
C THR I 17 -40.98 -4.24 58.11
N LEU I 18 -40.87 -3.76 56.88
CA LEU I 18 -41.62 -4.29 55.75
C LEU I 18 -40.91 -5.51 55.18
N SER I 19 -41.69 -6.49 54.74
CA SER I 19 -41.16 -7.68 54.09
C SER I 19 -42.06 -8.07 52.94
N LEU I 20 -41.44 -8.53 51.85
CA LEU I 20 -42.17 -8.96 50.67
C LEU I 20 -41.47 -10.16 50.06
N THR I 21 -42.24 -10.92 49.27
CA THR I 21 -41.74 -12.12 48.63
C THR I 21 -42.14 -12.11 47.16
N CYS I 22 -41.26 -12.66 46.33
CA CYS I 22 -41.50 -12.79 44.90
C CYS I 22 -41.08 -14.18 44.47
N SER I 23 -41.82 -14.76 43.52
CA SER I 23 -41.61 -16.14 43.12
C SER I 23 -41.32 -16.22 41.63
N VAL I 24 -40.64 -17.31 41.24
CA VAL I 24 -40.27 -17.57 39.85
C VAL I 24 -40.83 -18.92 39.45
N SER I 25 -41.41 -18.98 38.25
CA SER I 25 -41.97 -20.23 37.75
C SER I 25 -41.72 -20.29 36.24
N GLY I 26 -41.77 -21.51 35.71
CA GLY I 26 -41.38 -21.74 34.34
C GLY I 26 -39.87 -21.76 34.25
N GLU I 27 -39.25 -20.60 34.49
CA GLU I 27 -37.82 -20.53 34.70
C GLU I 27 -37.48 -21.00 36.11
N SER I 28 -36.18 -21.15 36.37
CA SER I 28 -35.68 -21.48 37.69
C SER I 28 -34.58 -20.49 38.03
N ILE I 29 -34.57 -20.04 39.28
CA ILE I 29 -33.49 -19.18 39.74
C ILE I 29 -32.17 -19.90 39.51
N SER I 30 -31.15 -19.15 39.11
CA SER I 30 -29.86 -19.66 38.66
C SER I 30 -29.91 -20.16 37.22
N SER I 31 -31.01 -19.93 36.51
CA SER I 31 -31.12 -20.28 35.10
C SER I 31 -31.25 -19.00 34.30
N GLY I 32 -30.43 -18.87 33.25
CA GLY I 32 -30.45 -17.70 32.41
C GLY I 32 -29.61 -16.54 32.92
N GLY I 33 -29.12 -16.62 34.15
CA GLY I 33 -28.23 -15.58 34.66
C GLY I 33 -28.86 -14.20 34.71
N TYR I 34 -30.09 -14.10 35.17
CA TYR I 34 -30.76 -12.80 35.25
C TYR I 34 -30.48 -12.13 36.60
N TYR I 35 -30.52 -10.80 36.58
CA TYR I 35 -30.51 -9.99 37.78
C TYR I 35 -31.96 -9.68 38.15
N TRP I 36 -32.34 -10.05 39.37
CA TRP I 36 -33.70 -9.83 39.86
C TRP I 36 -33.77 -8.49 40.57
N THR I 37 -34.80 -7.71 40.26
CA THR I 37 -34.88 -6.31 40.66
C THR I 37 -36.18 -6.06 41.41
N TRP I 38 -36.14 -5.07 42.30
CA TRP I 38 -37.33 -4.55 42.98
C TRP I 38 -37.52 -3.10 42.58
N ILE I 39 -38.74 -2.76 42.19
CA ILE I 39 -39.07 -1.42 41.69
C ILE I 39 -40.31 -0.93 42.42
N ARG I 40 -40.37 0.38 42.64
CA ARG I 40 -41.39 0.98 43.48
C ARG I 40 -42.06 2.13 42.73
N GLN I 41 -43.33 2.39 43.08
CA GLN I 41 -44.09 3.43 42.42
C GLN I 41 -45.02 4.07 43.45
N HIS I 42 -44.67 5.27 43.89
CA HIS I 42 -45.52 6.00 44.81
C HIS I 42 -46.80 6.44 44.09
N PRO I 43 -47.88 6.65 44.84
CA PRO I 43 -49.15 7.04 44.20
C PRO I 43 -48.99 8.37 43.47
N GLY I 44 -49.31 8.35 42.17
CA GLY I 44 -49.27 9.55 41.37
C GLY I 44 -47.89 9.97 40.90
N LYS I 45 -46.86 9.20 41.21
CA LYS I 45 -45.48 9.51 40.85
C LYS I 45 -44.97 8.51 39.82
N GLY I 46 -43.73 8.73 39.38
CA GLY I 46 -43.06 7.81 38.49
C GLY I 46 -42.43 6.65 39.24
N LEU I 47 -41.71 5.83 38.49
CA LEU I 47 -41.08 4.66 39.06
C LEU I 47 -39.79 5.03 39.79
N GLU I 48 -39.35 4.11 40.66
CA GLU I 48 -38.12 4.25 41.41
C GLU I 48 -37.44 2.88 41.47
N TRP I 49 -36.12 2.88 41.52
CA TRP I 49 -35.35 1.65 41.44
C TRP I 49 -34.74 1.34 42.79
N ILE I 50 -34.95 0.10 43.27
CA ILE I 50 -34.54 -0.27 44.63
C ILE I 50 -33.19 -0.96 44.60
N GLY I 51 -33.09 -2.11 43.94
CA GLY I 51 -31.84 -2.85 43.97
C GLY I 51 -31.92 -4.09 43.09
N ASN I 52 -30.80 -4.80 43.06
CA ASN I 52 -30.63 -5.98 42.23
C ASN I 52 -29.98 -7.10 43.03
N ILE I 53 -30.25 -8.33 42.64
CA ILE I 53 -29.57 -9.50 43.18
C ILE I 53 -29.29 -10.47 42.05
N PHE I 54 -28.05 -10.92 41.94
CA PHE I 54 -27.66 -11.92 40.97
C PHE I 54 -27.94 -13.32 41.53
N ASP I 55 -27.92 -14.31 40.64
CA ASP I 55 -28.20 -15.68 41.06
C ASP I 55 -27.28 -16.12 42.18
N THR I 56 -26.05 -15.62 42.21
CA THR I 56 -25.06 -16.07 43.19
C THR I 56 -25.00 -15.20 44.44
N GLY I 57 -25.85 -14.19 44.55
CA GLY I 57 -25.99 -13.42 45.77
C GLY I 57 -25.32 -12.06 45.77
N SER I 58 -24.52 -11.73 44.75
CA SER I 58 -23.97 -10.39 44.66
C SER I 58 -25.08 -9.36 44.51
N THR I 59 -24.99 -8.26 45.26
CA THR I 59 -26.10 -7.34 45.41
C THR I 59 -25.69 -5.92 45.10
N HIS I 60 -26.65 -5.14 44.60
CA HIS I 60 -26.52 -3.70 44.46
C HIS I 60 -27.71 -3.03 45.14
N TYR I 61 -27.49 -1.84 45.67
CA TYR I 61 -28.55 -1.08 46.32
C TYR I 61 -28.55 0.36 45.84
N SER I 62 -29.74 0.95 45.82
CA SER I 62 -29.84 2.38 45.60
C SER I 62 -29.30 3.11 46.83
N PRO I 63 -28.51 4.17 46.64
CA PRO I 63 -27.82 4.76 47.80
C PRO I 63 -28.76 5.25 48.88
N SER I 64 -29.91 5.80 48.51
CA SER I 64 -30.80 6.41 49.50
C SER I 64 -31.43 5.38 50.42
N LEU I 65 -31.56 4.13 49.98
CA LEU I 65 -32.16 3.08 50.78
C LEU I 65 -31.15 2.06 51.27
N LYS I 66 -29.86 2.30 51.07
CA LYS I 66 -28.86 1.28 51.38
C LYS I 66 -28.81 0.96 52.87
N THR I 67 -29.14 1.93 53.73
CA THR I 67 -29.10 1.70 55.16
C THR I 67 -30.29 0.90 55.67
N ARG I 68 -31.37 0.82 54.89
CA ARG I 68 -32.59 0.13 55.32
C ARG I 68 -32.79 -1.22 54.65
N LEU I 69 -32.18 -1.46 53.49
CA LEU I 69 -32.55 -2.58 52.65
C LEU I 69 -31.81 -3.87 53.02
N THR I 70 -32.41 -4.98 52.63
CA THR I 70 -31.77 -6.29 52.71
C THR I 70 -32.47 -7.20 51.72
N ILE I 71 -31.75 -7.69 50.73
CA ILE I 71 -32.32 -8.50 49.66
C ILE I 71 -31.52 -9.78 49.53
N SER I 72 -32.23 -10.89 49.39
CA SER I 72 -31.59 -12.21 49.39
C SER I 72 -32.36 -13.13 48.47
N ILE I 73 -31.81 -14.32 48.27
CA ILE I 73 -32.39 -15.33 47.39
C ILE I 73 -32.45 -16.66 48.12
N ASP I 74 -33.39 -17.49 47.70
CA ASP I 74 -33.49 -18.89 48.15
C ASP I 74 -33.67 -19.73 46.90
N THR I 75 -32.58 -20.33 46.44
CA THR I 75 -32.61 -21.07 45.18
C THR I 75 -33.47 -22.32 45.27
N SER I 76 -33.63 -22.89 46.46
CA SER I 76 -34.45 -24.09 46.61
C SER I 76 -35.93 -23.80 46.44
N LYS I 77 -36.39 -22.65 46.93
CA LYS I 77 -37.79 -22.26 46.82
C LYS I 77 -38.08 -21.44 45.57
N ASN I 78 -37.07 -21.12 44.77
CA ASN I 78 -37.25 -20.26 43.60
C ASN I 78 -37.94 -18.96 43.98
N GLN I 79 -37.45 -18.35 45.06
CA GLN I 79 -37.99 -17.11 45.59
C GLN I 79 -36.85 -16.18 45.94
N PHE I 80 -37.16 -14.88 45.93
CA PHE I 80 -36.25 -13.88 46.46
C PHE I 80 -37.08 -12.85 47.22
N TYR I 81 -36.45 -12.22 48.20
CA TYR I 81 -37.18 -11.47 49.22
C TYR I 81 -36.62 -10.07 49.35
N LEU I 82 -37.47 -9.16 49.82
CA LEU I 82 -37.11 -7.78 50.06
C LEU I 82 -37.46 -7.43 51.50
N ARG I 83 -36.50 -6.88 52.24
CA ARG I 83 -36.72 -6.42 53.60
C ARG I 83 -36.32 -4.96 53.70
N LEU I 84 -37.22 -4.14 54.24
CA LEU I 84 -37.02 -2.71 54.38
C LEU I 84 -37.30 -2.34 55.83
N ASN I 85 -36.25 -1.93 56.55
CA ASN I 85 -36.38 -1.61 57.96
C ASN I 85 -36.81 -0.15 58.14
N SER I 86 -37.44 0.11 59.28
CA SER I 86 -37.84 1.47 59.66
C SER I 86 -38.67 2.12 58.56
N ALA I 87 -39.74 1.42 58.16
CA ALA I 87 -40.62 1.94 57.12
C ALA I 87 -41.31 3.21 57.60
N THR I 88 -41.27 4.24 56.77
CA THR I 88 -41.97 5.49 57.04
C THR I 88 -43.31 5.51 56.31
N ALA I 89 -44.11 6.52 56.62
CA ALA I 89 -45.38 6.68 55.91
C ALA I 89 -45.14 6.93 54.42
N ALA I 90 -44.04 7.60 54.07
CA ALA I 90 -43.76 7.89 52.68
C ALA I 90 -43.40 6.66 51.88
N ASP I 91 -43.08 5.55 52.54
CA ASP I 91 -42.75 4.32 51.82
C ASP I 91 -43.96 3.68 51.17
N THR I 92 -45.17 4.18 51.44
CA THR I 92 -46.36 3.65 50.79
C THR I 92 -46.20 3.73 49.29
N ALA I 93 -46.40 2.59 48.61
CA ALA I 93 -46.21 2.53 47.17
C ALA I 93 -46.58 1.13 46.69
N VAL I 94 -46.64 0.98 45.38
CA VAL I 94 -46.79 -0.32 44.74
C VAL I 94 -45.39 -0.90 44.49
N TYR I 95 -45.20 -2.16 44.84
CA TYR I 95 -43.92 -2.84 44.72
C TYR I 95 -44.01 -3.91 43.64
N TYR I 96 -43.14 -3.83 42.64
CA TYR I 96 -43.03 -4.81 41.58
C TYR I 96 -41.70 -5.53 41.71
N CYS I 97 -41.67 -6.79 41.29
CA CYS I 97 -40.43 -7.53 41.13
C CYS I 97 -40.30 -7.96 39.67
N ALA I 98 -39.10 -7.80 39.12
CA ALA I 98 -38.87 -8.03 37.70
C ALA I 98 -37.52 -8.71 37.51
N ARG I 99 -37.24 -9.07 36.26
CA ARG I 99 -35.98 -9.70 35.88
C ARG I 99 -35.34 -8.90 34.75
N VAL I 100 -34.01 -8.87 34.74
CA VAL I 100 -33.26 -8.17 33.71
C VAL I 100 -31.92 -8.87 33.52
N GLY I 101 -31.66 -9.30 32.29
CA GLY I 101 -30.46 -10.03 31.97
C GLY I 101 -29.45 -9.14 31.28
N TYR I 102 -28.31 -8.93 31.94
CA TYR I 102 -27.26 -8.10 31.35
C TYR I 102 -25.93 -8.49 31.97
N SER I 103 -24.85 -8.10 31.28
CA SER I 103 -23.50 -8.37 31.74
C SER I 103 -22.55 -7.40 31.07
N LEU I 104 -21.55 -6.93 31.84
CA LEU I 104 -20.62 -5.94 31.36
C LEU I 104 -19.17 -6.40 31.34
N GLU I 105 -18.87 -7.58 31.89
CA GLU I 105 -17.49 -8.03 31.97
C GLU I 105 -17.02 -8.62 30.65
N THR I 106 -17.83 -9.49 30.06
CA THR I 106 -17.40 -10.25 28.89
C THR I 106 -17.07 -9.32 27.72
N ASP I 107 -16.47 -9.91 26.68
CA ASP I 107 -16.13 -9.21 25.46
C ASP I 107 -17.29 -9.10 24.49
N ARG I 108 -18.45 -9.66 24.84
CA ARG I 108 -19.67 -9.55 24.03
C ARG I 108 -20.80 -9.11 24.96
N PRO I 109 -20.77 -7.87 25.42
CA PRO I 109 -21.79 -7.42 26.38
C PRO I 109 -23.19 -7.45 25.78
N TYR I 110 -24.19 -7.51 26.65
CA TYR I 110 -25.57 -7.48 26.20
C TYR I 110 -26.45 -6.92 27.32
N TYR I 111 -27.66 -6.53 26.94
CA TYR I 111 -28.60 -5.95 27.90
C TYR I 111 -30.01 -6.08 27.35
N PHE I 112 -30.89 -6.75 28.09
CA PHE I 112 -32.29 -6.90 27.75
C PHE I 112 -33.08 -6.39 28.96
N GLY I 113 -33.34 -5.08 28.97
CA GLY I 113 -33.79 -4.41 30.18
C GLY I 113 -35.19 -4.85 30.59
N LEU I 114 -35.33 -5.37 31.80
CA LEU I 114 -36.61 -5.51 32.49
C LEU I 114 -37.69 -6.02 31.54
N ASP I 115 -37.47 -7.21 31.00
CA ASP I 115 -38.37 -7.77 30.01
C ASP I 115 -39.63 -8.38 30.63
N VAL I 116 -39.61 -8.75 31.89
CA VAL I 116 -40.74 -9.42 32.54
C VAL I 116 -41.01 -8.75 33.89
N TRP I 117 -42.29 -8.49 34.16
CA TRP I 117 -42.72 -7.89 35.41
C TRP I 117 -43.81 -8.74 36.03
N GLY I 118 -43.78 -8.85 37.36
CA GLY I 118 -44.90 -9.44 38.08
C GLY I 118 -45.98 -8.43 38.40
N GLN I 119 -47.09 -8.93 38.92
CA GLN I 119 -48.16 -8.05 39.33
C GLN I 119 -47.78 -7.28 40.58
N GLY I 120 -48.24 -6.04 40.66
CA GLY I 120 -47.84 -5.16 41.75
C GLY I 120 -48.52 -5.52 43.06
N THR I 121 -47.83 -5.21 44.15
CA THR I 121 -48.35 -5.40 45.50
C THR I 121 -48.44 -4.03 46.17
N THR I 122 -49.61 -3.69 46.67
CA THR I 122 -49.83 -2.38 47.26
C THR I 122 -49.51 -2.45 48.75
N VAL I 123 -48.56 -1.62 49.19
CA VAL I 123 -48.13 -1.57 50.58
C VAL I 123 -48.52 -0.21 51.14
N THR I 124 -49.29 -0.21 52.22
CA THR I 124 -49.70 1.01 52.89
C THR I 124 -49.10 1.02 54.30
N VAL I 125 -48.31 2.06 54.58
CA VAL I 125 -47.64 2.19 55.88
C VAL I 125 -48.47 3.19 56.68
N SER I 126 -49.41 2.68 57.46
CA SER I 126 -50.25 3.52 58.30
C SER I 126 -50.93 2.67 59.36
N SER I 127 -51.35 3.34 60.44
CA SER I 127 -52.05 2.68 61.52
C SER I 127 -53.56 2.74 61.30
N ASP J 1 -26.94 10.71 40.87
CA ASP J 1 -27.73 9.93 39.88
C ASP J 1 -27.93 10.73 38.60
N ILE J 2 -28.36 10.06 37.54
CA ILE J 2 -28.66 10.75 36.30
C ILE J 2 -30.02 11.42 36.44
N VAL J 3 -30.05 12.75 36.32
CA VAL J 3 -31.30 13.48 36.38
C VAL J 3 -31.98 13.37 35.01
N MET J 4 -33.18 12.81 35.00
CA MET J 4 -33.88 12.48 33.75
C MET J 4 -35.11 13.37 33.61
N THR J 5 -35.22 14.03 32.47
CA THR J 5 -36.34 14.92 32.18
C THR J 5 -37.01 14.47 30.88
N GLN J 6 -38.31 14.72 30.80
CA GLN J 6 -39.11 14.27 29.66
C GLN J 6 -39.91 15.46 29.12
N SER J 7 -39.97 15.55 27.79
CA SER J 7 -40.40 16.79 27.15
C SER J 7 -41.89 17.07 27.34
N PRO J 8 -42.82 16.31 26.75
CA PRO J 8 -44.24 16.57 27.07
C PRO J 8 -44.61 15.97 28.42
N LEU J 9 -45.34 16.74 29.21
CA LEU J 9 -45.99 16.17 30.39
C LEU J 9 -47.23 15.37 29.99
N SER J 10 -48.04 15.92 29.10
CA SER J 10 -49.18 15.23 28.52
C SER J 10 -49.21 15.50 27.02
N LEU J 11 -49.37 14.43 26.23
CA LEU J 11 -49.30 14.53 24.79
C LEU J 11 -50.65 14.22 24.18
N PRO J 12 -51.41 15.21 23.70
CA PRO J 12 -52.64 14.90 22.96
C PRO J 12 -52.31 14.28 21.62
N VAL J 13 -53.06 13.23 21.27
CA VAL J 13 -52.86 12.48 20.04
C VAL J 13 -54.21 12.02 19.54
N THR J 14 -54.23 11.49 18.32
CA THR J 14 -55.44 10.90 17.79
C THR J 14 -55.07 9.71 16.91
N PRO J 15 -55.94 8.72 16.76
CA PRO J 15 -55.58 7.54 15.96
C PRO J 15 -55.25 7.91 14.52
N GLY J 16 -54.28 7.20 13.96
CA GLY J 16 -53.88 7.38 12.59
C GLY J 16 -52.75 8.37 12.36
N GLU J 17 -52.49 9.25 13.33
CA GLU J 17 -51.46 10.25 13.13
C GLU J 17 -50.13 9.80 13.75
N PRO J 18 -49.00 10.30 13.25
CA PRO J 18 -47.73 10.07 13.93
C PRO J 18 -47.67 10.83 15.25
N ALA J 19 -46.80 10.35 16.13
CA ALA J 19 -46.61 10.98 17.43
C ALA J 19 -45.14 10.84 17.84
N SER J 20 -44.68 11.75 18.69
CA SER J 20 -43.29 11.75 19.11
C SER J 20 -43.18 12.17 20.57
N ILE J 21 -42.27 11.52 21.28
CA ILE J 21 -41.92 11.84 22.65
C ILE J 21 -40.41 11.87 22.73
N SER J 22 -39.87 12.69 23.64
CA SER J 22 -38.42 12.83 23.73
C SER J 22 -37.99 12.90 25.18
N CYS J 23 -36.73 12.54 25.40
CA CYS J 23 -36.12 12.51 26.72
C CYS J 23 -34.72 13.09 26.63
N ARG J 24 -34.30 13.76 27.71
CA ARG J 24 -32.95 14.28 27.83
C ARG J 24 -32.39 13.89 29.19
N SER J 25 -31.09 13.64 29.24
CA SER J 25 -30.43 13.23 30.47
C SER J 25 -29.32 14.21 30.81
N SER J 26 -29.03 14.33 32.10
CA SER J 26 -28.04 15.30 32.56
C SER J 26 -26.63 14.92 32.13
N GLN J 27 -26.37 13.64 31.89
CA GLN J 27 -25.06 13.19 31.43
C GLN J 27 -25.25 12.27 30.23
N SER J 28 -24.29 12.32 29.33
CA SER J 28 -24.30 11.42 28.18
C SER J 28 -24.33 9.97 28.68
N LEU J 29 -25.21 9.18 28.11
CA LEU J 29 -25.41 7.81 28.53
C LEU J 29 -24.49 6.83 27.80
N LEU J 30 -23.56 7.34 26.99
CA LEU J 30 -22.63 6.49 26.26
C LEU J 30 -21.67 5.86 27.26
N HIS J 31 -21.89 4.59 27.58
CA HIS J 31 -21.04 3.89 28.53
C HIS J 31 -19.65 3.67 27.93
N SER J 32 -18.71 3.32 28.81
CA SER J 32 -17.32 3.19 28.39
C SER J 32 -17.13 2.05 27.39
N ASN J 33 -17.97 1.03 27.43
CA ASN J 33 -17.82 -0.11 26.53
C ASN J 33 -18.48 0.11 25.17
N GLY J 34 -19.05 1.29 24.94
CA GLY J 34 -19.52 1.69 23.64
C GLY J 34 -21.02 1.62 23.44
N TYR J 35 -21.74 0.91 24.29
CA TYR J 35 -23.19 0.82 24.16
C TYR J 35 -23.86 1.99 24.86
N THR J 36 -25.08 2.28 24.44
CA THR J 36 -25.88 3.36 25.02
C THR J 36 -27.06 2.73 25.74
N TYR J 37 -27.03 2.79 27.08
CA TYR J 37 -28.02 2.12 27.91
C TYR J 37 -29.15 3.08 28.21
N LEU J 38 -30.20 3.05 27.38
CA LEU J 38 -31.42 3.77 27.64
C LEU J 38 -32.59 2.96 27.12
N ASP J 39 -33.70 2.96 27.88
CA ASP J 39 -34.85 2.14 27.57
C ASP J 39 -36.12 3.01 27.55
N TRP J 40 -37.19 2.43 27.01
CA TRP J 40 -38.52 3.03 27.05
C TRP J 40 -39.51 1.98 27.54
N TYR J 41 -40.40 2.39 28.43
CA TYR J 41 -41.35 1.49 29.05
C TYR J 41 -42.74 2.12 29.00
N LEU J 42 -43.75 1.26 28.91
CA LEU J 42 -45.13 1.70 28.74
C LEU J 42 -46.00 1.05 29.80
N GLN J 43 -46.80 1.88 30.47
CA GLN J 43 -47.69 1.42 31.54
C GLN J 43 -49.12 1.79 31.14
N LYS J 44 -49.89 0.79 30.78
CA LYS J 44 -51.28 1.02 30.44
C LYS J 44 -52.13 1.06 31.71
N PRO J 45 -53.33 1.65 31.62
CA PRO J 45 -54.17 1.75 32.82
C PRO J 45 -54.36 0.43 33.55
N GLY J 46 -54.02 0.40 34.84
CA GLY J 46 -54.25 -0.78 35.65
C GLY J 46 -53.34 -1.93 35.35
N GLN J 47 -52.12 -1.68 34.89
CA GLN J 47 -51.17 -2.73 34.63
C GLN J 47 -49.77 -2.28 35.02
N SER J 48 -48.92 -3.25 35.26
CA SER J 48 -47.52 -2.96 35.46
C SER J 48 -46.86 -2.62 34.12
N PRO J 49 -45.76 -1.88 34.14
CA PRO J 49 -45.14 -1.45 32.87
C PRO J 49 -44.81 -2.60 31.93
N GLN J 50 -44.47 -2.24 30.70
CA GLN J 50 -44.08 -3.17 29.66
C GLN J 50 -42.86 -2.62 28.94
N LEU J 51 -42.11 -3.49 28.29
CA LEU J 51 -40.90 -3.09 27.61
C LEU J 51 -41.20 -2.76 26.15
N LEU J 52 -40.79 -1.57 25.71
CA LEU J 52 -40.90 -1.16 24.32
C LEU J 52 -39.56 -1.26 23.59
N ILE J 53 -38.55 -0.58 24.11
CA ILE J 53 -37.25 -0.45 23.45
C ILE J 53 -36.17 -0.57 24.52
N TYR J 54 -35.27 -1.54 24.36
CA TYR J 54 -34.34 -1.88 25.42
C TYR J 54 -32.96 -1.28 25.23
N LEU J 55 -32.67 -0.67 24.09
CA LEU J 55 -31.48 0.17 23.93
C LEU J 55 -31.90 1.40 23.13
N ALA J 56 -30.92 2.18 22.66
CA ALA J 56 -31.25 3.43 21.99
C ALA J 56 -32.21 3.22 20.83
N SER J 57 -32.19 2.04 20.21
CA SER J 57 -32.94 1.78 18.98
C SER J 57 -33.84 0.55 19.04
N ASN J 58 -33.33 -0.58 19.51
CA ASN J 58 -33.92 -1.87 19.20
C ASN J 58 -35.32 -2.03 19.80
N ARG J 59 -36.23 -2.58 19.00
CA ARG J 59 -37.51 -3.02 19.51
C ARG J 59 -37.36 -4.33 20.27
N ALA J 60 -38.04 -4.42 21.41
CA ALA J 60 -38.08 -5.69 22.13
C ALA J 60 -38.98 -6.68 21.41
N SER J 61 -38.86 -7.95 21.81
CA SER J 61 -39.67 -8.99 21.21
C SER J 61 -41.13 -8.81 21.59
N GLY J 62 -42.03 -9.07 20.63
CA GLY J 62 -43.46 -8.98 20.85
C GLY J 62 -44.04 -7.60 20.74
N VAL J 63 -43.21 -6.57 20.72
CA VAL J 63 -43.74 -5.20 20.60
C VAL J 63 -44.28 -4.99 19.19
N PRO J 64 -45.37 -4.24 19.01
CA PRO J 64 -45.85 -3.98 17.65
C PRO J 64 -44.79 -3.29 16.81
N ASP J 65 -44.87 -3.53 15.50
CA ASP J 65 -43.88 -3.02 14.56
C ASP J 65 -43.93 -1.51 14.40
N ARG J 66 -44.85 -0.83 15.07
CA ARG J 66 -45.08 0.60 14.84
C ARG J 66 -44.12 1.48 15.62
N PHE J 67 -43.37 0.92 16.57
CA PHE J 67 -42.48 1.70 17.41
C PHE J 67 -41.08 1.75 16.83
N SER J 68 -40.35 2.80 17.22
CA SER J 68 -38.95 2.93 16.88
C SER J 68 -38.34 3.98 17.79
N GLY J 69 -37.03 3.96 17.88
CA GLY J 69 -36.30 4.93 18.68
C GLY J 69 -35.08 5.44 17.94
N SER J 70 -34.59 6.59 18.40
CA SER J 70 -33.44 7.22 17.77
C SER J 70 -32.74 8.09 18.80
N GLY J 71 -31.55 8.55 18.44
CA GLY J 71 -30.83 9.52 19.23
C GLY J 71 -29.51 8.96 19.77
N SER J 72 -28.72 9.86 20.33
CA SER J 72 -27.45 9.49 20.91
C SER J 72 -26.99 10.59 21.87
N GLY J 73 -26.04 10.24 22.71
CA GLY J 73 -25.50 11.19 23.66
C GLY J 73 -26.44 11.47 24.80
N THR J 74 -27.01 12.67 24.83
CA THR J 74 -27.92 13.07 25.89
C THR J 74 -29.37 13.09 25.46
N TYR J 75 -29.63 13.21 24.16
CA TYR J 75 -30.98 13.42 23.65
C TYR J 75 -31.43 12.16 22.92
N PHE J 76 -32.63 11.69 23.25
CA PHE J 76 -33.19 10.49 22.66
C PHE J 76 -34.65 10.74 22.33
N THR J 77 -35.21 9.92 21.45
CA THR J 77 -36.56 10.13 20.98
C THR J 77 -37.25 8.82 20.70
N LEU J 78 -38.53 8.74 21.08
CA LEU J 78 -39.41 7.63 20.77
C LEU J 78 -40.37 8.07 19.67
N LYS J 79 -40.56 7.22 18.67
CA LYS J 79 -41.39 7.52 17.52
C LYS J 79 -42.52 6.50 17.42
N ILE J 80 -43.73 6.99 17.22
CA ILE J 80 -44.90 6.15 16.94
C ILE J 80 -45.35 6.47 15.53
N SER J 81 -45.11 5.54 14.60
CA SER J 81 -45.43 5.81 13.20
C SER J 81 -46.94 5.99 12.99
N ARG J 82 -47.73 5.13 13.61
CA ARG J 82 -49.18 5.13 13.43
C ARG J 82 -49.83 4.84 14.77
N VAL J 83 -50.34 5.88 15.43
CA VAL J 83 -50.95 5.70 16.74
C VAL J 83 -52.26 4.92 16.58
N GLU J 84 -52.54 4.07 17.56
CA GLU J 84 -53.76 3.29 17.60
C GLU J 84 -54.36 3.36 18.99
N ALA J 85 -55.59 2.85 19.12
CA ALA J 85 -56.35 3.00 20.36
C ALA J 85 -55.69 2.29 21.54
N GLU J 86 -54.81 1.33 21.28
CA GLU J 86 -54.18 0.55 22.34
C GLU J 86 -52.95 1.23 22.93
N ASP J 87 -52.58 2.41 22.44
CA ASP J 87 -51.38 3.11 22.87
C ASP J 87 -51.60 4.07 24.02
N VAL J 88 -52.82 4.14 24.55
CA VAL J 88 -53.08 5.03 25.69
C VAL J 88 -52.34 4.50 26.91
N GLY J 89 -51.57 5.37 27.56
CA GLY J 89 -50.81 4.96 28.72
C GLY J 89 -49.75 5.98 29.05
N VAL J 90 -48.88 5.60 29.98
CA VAL J 90 -47.81 6.46 30.48
C VAL J 90 -46.49 5.88 30.02
N TYR J 91 -45.64 6.71 29.41
CA TYR J 91 -44.37 6.28 28.86
C TYR J 91 -43.25 6.78 29.77
N TYR J 92 -42.40 5.87 30.22
CA TYR J 92 -41.27 6.20 31.07
C TYR J 92 -39.97 5.84 30.36
N CYS J 93 -39.01 6.76 30.41
CA CYS J 93 -37.65 6.47 29.98
C CYS J 93 -36.80 6.05 31.16
N MET J 94 -35.77 5.27 30.88
CA MET J 94 -34.91 4.73 31.91
C MET J 94 -33.47 4.74 31.41
N GLN J 95 -32.53 4.76 32.34
CA GLN J 95 -31.12 4.64 32.01
C GLN J 95 -30.48 3.63 32.94
N ALA J 96 -29.60 2.80 32.38
CA ALA J 96 -28.95 1.72 33.12
C ALA J 96 -27.43 1.89 33.13
N VAL J 97 -26.96 3.12 32.99
CA VAL J 97 -25.53 3.36 32.94
C VAL J 97 -24.91 3.27 34.31
N GLN J 98 -25.40 4.07 35.25
CA GLN J 98 -24.83 4.12 36.59
C GLN J 98 -25.47 3.08 37.50
N THR J 99 -24.90 2.93 38.69
CA THR J 99 -25.42 1.95 39.63
C THR J 99 -26.86 2.21 40.01
N PRO J 100 -27.27 3.41 40.40
CA PRO J 100 -28.71 3.66 40.64
C PRO J 100 -29.41 3.97 39.34
N TRP J 101 -30.30 3.07 38.91
CA TRP J 101 -31.10 3.33 37.73
C TRP J 101 -32.22 4.30 38.07
N THR J 102 -32.53 5.18 37.13
CA THR J 102 -33.54 6.20 37.35
C THR J 102 -34.52 6.19 36.19
N PHE J 103 -35.76 6.57 36.47
CA PHE J 103 -36.80 6.68 35.46
C PHE J 103 -37.16 8.14 35.22
N GLY J 104 -37.86 8.36 34.11
CA GLY J 104 -38.27 9.69 33.73
C GLY J 104 -39.49 10.15 34.50
N GLN J 105 -39.91 11.37 34.19
CA GLN J 105 -41.09 11.93 34.84
C GLN J 105 -42.36 11.21 34.39
N GLY J 106 -42.42 10.77 33.14
CA GLY J 106 -43.57 10.03 32.65
C GLY J 106 -44.49 10.86 31.78
N THR J 107 -44.48 10.60 30.48
CA THR J 107 -45.34 11.30 29.54
C THR J 107 -46.64 10.53 29.38
N LYS J 108 -47.76 11.17 29.72
CA LYS J 108 -49.06 10.56 29.52
C LYS J 108 -49.56 10.86 28.12
N VAL J 109 -50.12 9.85 27.46
CA VAL J 109 -50.66 10.00 26.11
C VAL J 109 -52.18 9.93 26.21
N GLU J 110 -52.85 11.00 25.80
CA GLU J 110 -54.29 11.11 25.85
C GLU J 110 -54.84 11.26 24.43
N ILE J 111 -55.79 10.40 24.09
CA ILE J 111 -56.42 10.45 22.77
C ILE J 111 -57.43 11.58 22.75
N LYS J 112 -57.58 12.21 21.59
CA LYS J 112 -58.38 13.42 21.47
C LYS J 112 -59.45 13.30 20.39
#